data_7ZUB
#
_entry.id   7ZUB
#
_cell.length_a   1.00
_cell.length_b   1.00
_cell.length_c   1.00
_cell.angle_alpha   90.00
_cell.angle_beta   90.00
_cell.angle_gamma   90.00
#
_symmetry.space_group_name_H-M   'P 1'
#
loop_
_entity.id
_entity.type
_entity.pdbx_description
1 polymer 'Heat shock protein HSP 90-beta'
2 polymer 'AH receptor-interacting protein'
3 polymer 'Aryl hydrocarbon receptor'
4 non-polymer "ADENOSINE-5'-DIPHOSPHATE"
5 non-polymer 'MAGNESIUM ION'
6 non-polymer 'MOLYBDATE ION'
7 non-polymer (3~{Z})-3-(3-oxidanylidene-1~{H}-indol-2-ylidene)-1~{H}-indol-2-one
#
loop_
_entity_poly.entity_id
_entity_poly.type
_entity_poly.pdbx_seq_one_letter_code
_entity_poly.pdbx_strand_id
1 'polypeptide(L)'
;MHHHHHHPEEVHHGEEEVETFAFQAEIAQLMSLIINTFYSNKEIFLRELISNASDALDKIRYESLTDPSKLDSGKELKID
IIPNPQERTLTLVDTGIGMTKADLINNLGTIAKSGTKAFMEALQAGADISMIGQFGVGFYSAYLVAEKVVVITKHNDDEQ
YAWESSAGGSFTVRADHGEPIGRGTKVILHLKEDQTEYLEERRVKEVVKKHSQFIGYPITLYLEKEREKEISDDEAEEEK
GEKEEEDKDDEEKPKIEDVGSDEEDDSGKDKKKKTKKIKEKYIDQEELNKTKPIWTRNPDDITQEEYGEFYKSLTNDWED
HLAVKHFSVEGQLEFRALLFIPRRAPFDLFENKKKKNNIKLYVRRVFIMDSCDELIPEYLNFIRGVVDSEDLPLNISREM
LQQSKILKVIRKNIVKKCLELFSELAEDKENYKKFYEAFSKNLKLGIHEDSTNRRRLSELLRYHTSQSGDEMTSLSEYVS
RMKETQKSIYYITGESKEQVANSAFVERVRKRGFEVVYMTEPIDEYCVQQLKEFDGKSLVSVTKEGLELPEDEEEKKKME
ESKAKFENLCKLMKEILDKKVEKVTISNRLVSSPCCIVTSTYGWTANMERIMKAQALRDNSTMGYMMAKKHLEINPDHPI
VETLRQKAEADKNDKAVKDLVVLLFETALLSSGFSLEDPQTHSNRIYRMIKLGLGIDEDEVAAEEPNAAVPDEIPPLEGD
EDASRMEEVD
;
A,B
2 'polypeptide(L)'
;MADIIARLREDGIQKRVIQEGRGELPDFQDGTKATFHYRTLHSDDEGTVLDDSRARGKPMELIIGKKFKLPVWETIVCTM
REGEIAQFLCDIKHVVLYPLVAKSLRNIAVGKDPLEGQRHCCGVAQMREHSSLGHADLDALQQNPQPLIFHMEMLKVESP
GTYQQDPWAMTDEEKAKAVPLIHQEGNRLYREGHVKEAAAKYYDAIACLKNLQMKEQPGSPEWIQLDQQITPLLLNYCQC
KLVVEEYYEVLDHCSSILNKYDDNVKAYFKRGKAHAAVWNAQEAQADFAKVLELDPALAPVVSRELQALEARIRQKDEED
KARFRGIFSH
;
C
3 'polypeptide(L)'
;APNSMNSSSANITYASRKRRKPVQKTVKPIPAEGIKSNPSKRHRDRLNTELDRLASLLPFPQDVINKLDKLSVLRLSVSY
LRAKSFFDVALKSSPTERNGGQDNCRAANFREGLNLQEGEFLLQALNGFVLVVTTDALVFYASSTIQDYLGFQQSDVIHQ
SVYELIHTEDRAEFQRQLHWALNPSQCTESGQGIEEATGLPQTVVCYNPDQIPPENSPLMERCFICRLRCLLDNSSGFLA
MNFQGKLKYLHGQKKKGKDGSILPPQLALFAIATPLQPPSILEIRTKNFIFRTKHKLDFTPIGCDAKGRIVLGYTEAELC
TRGSGYQFIHAADMLYCAESHIRMIKTGESGMIVFRLLTKNNRWTWVQSNARLLYKNGRPDYIIVTQRPLTDEEGTEHLR
KRNTKLPFMFTTGEAVLYEATNPFPAIMDPLPLRTKNGTSG
;
D
#
loop_
_chem_comp.id
_chem_comp.type
_chem_comp.name
_chem_comp.formula
ADP non-polymer ADENOSINE-5'-DIPHOSPHATE 'C10 H15 N5 O10 P2'
JY6 non-polymer (3~{Z})-3-(3-oxidanylidene-1~{H}-indol-2-ylidene)-1~{H}-indol-2-one 'C16 H10 N2 O2'
MG non-polymer 'MAGNESIUM ION' 'Mg 2'
MOO non-polymer 'MOLYBDATE ION' 'Mo O4 -2'
#
# COMPACT_ATOMS: atom_id res chain seq x y z
N GLU A 17 24.05 -7.66 -71.80
CA GLU A 17 25.09 -7.76 -70.80
C GLU A 17 24.51 -7.62 -69.39
N VAL A 18 25.26 -8.09 -68.40
CA VAL A 18 24.82 -8.11 -67.01
C VAL A 18 25.94 -7.48 -66.17
N GLU A 19 25.70 -6.27 -65.69
CA GLU A 19 26.69 -5.58 -64.87
C GLU A 19 26.69 -6.16 -63.46
N THR A 20 27.63 -5.71 -62.63
CA THR A 20 27.73 -6.19 -61.26
C THR A 20 28.48 -5.14 -60.45
N PHE A 21 27.77 -4.49 -59.52
CA PHE A 21 28.36 -3.48 -58.66
C PHE A 21 28.51 -4.03 -57.25
N ALA A 22 29.20 -3.26 -56.42
CA ALA A 22 29.39 -3.58 -55.01
C ALA A 22 28.66 -2.56 -54.16
N PHE A 23 28.07 -3.03 -53.05
CA PHE A 23 27.35 -2.14 -52.17
C PHE A 23 28.28 -1.06 -51.63
N GLN A 24 27.80 0.17 -51.65
CA GLN A 24 28.51 1.30 -51.07
C GLN A 24 27.72 1.84 -49.89
N ALA A 25 28.31 2.79 -49.17
CA ALA A 25 27.65 3.46 -48.07
C ALA A 25 28.05 4.93 -48.07
N GLU A 26 27.17 5.77 -47.55
CA GLU A 26 27.40 7.21 -47.49
C GLU A 26 27.69 7.58 -46.04
N ILE A 27 28.90 8.06 -45.78
CA ILE A 27 29.43 8.08 -44.42
C ILE A 27 28.74 9.14 -43.58
N ALA A 28 28.50 10.32 -44.12
CA ALA A 28 27.96 11.42 -43.31
C ALA A 28 26.59 11.04 -42.75
N GLN A 29 25.70 10.55 -43.61
CA GLN A 29 24.39 10.13 -43.15
C GLN A 29 24.48 8.95 -42.19
N LEU A 30 25.46 8.07 -42.40
CA LEU A 30 25.63 6.94 -41.50
C LEU A 30 26.01 7.41 -40.10
N MET A 31 26.94 8.37 -40.01
CA MET A 31 27.29 8.93 -38.70
C MET A 31 26.10 9.62 -38.07
N SER A 32 25.33 10.35 -38.87
CA SER A 32 24.13 11.00 -38.33
C SER A 32 23.15 9.96 -37.78
N LEU A 33 22.98 8.86 -38.49
CA LEU A 33 22.09 7.80 -38.01
C LEU A 33 22.60 7.21 -36.71
N ILE A 34 23.90 6.93 -36.62
CA ILE A 34 24.44 6.33 -35.41
C ILE A 34 24.28 7.27 -34.23
N ILE A 35 24.41 8.57 -34.47
CA ILE A 35 24.39 9.53 -33.37
C ILE A 35 23.00 10.02 -33.00
N ASN A 36 22.02 9.89 -33.89
CA ASN A 36 20.71 10.52 -33.69
C ASN A 36 19.55 9.55 -33.51
N THR A 37 19.66 8.30 -34.00
CA THR A 37 18.52 7.41 -34.03
C THR A 37 18.83 6.00 -33.53
N PHE A 38 19.98 5.78 -32.92
CA PHE A 38 20.32 4.45 -32.42
C PHE A 38 19.93 4.29 -30.95
N TYR A 39 20.33 5.24 -30.11
CA TYR A 39 20.18 5.14 -28.66
C TYR A 39 19.17 6.17 -28.17
N SER A 40 18.19 5.71 -27.41
CA SER A 40 17.16 6.58 -26.85
C SER A 40 17.58 7.22 -25.54
N ASN A 41 18.69 6.81 -24.95
CA ASN A 41 19.17 7.36 -23.68
CA ASN A 41 19.17 7.35 -23.68
C ASN A 41 20.60 7.84 -23.86
N LYS A 42 20.87 9.06 -23.41
CA LYS A 42 22.20 9.63 -23.53
C LYS A 42 23.16 9.16 -22.46
N GLU A 43 22.67 8.47 -21.42
CA GLU A 43 23.53 8.05 -20.32
C GLU A 43 24.33 6.78 -20.62
N ILE A 44 24.05 6.10 -21.73
CA ILE A 44 24.73 4.83 -22.02
C ILE A 44 26.11 5.01 -22.62
N PHE A 45 26.54 6.24 -22.88
CA PHE A 45 27.90 6.45 -23.37
C PHE A 45 28.91 5.98 -22.33
N LEU A 46 28.63 6.22 -21.06
CA LEU A 46 29.50 5.71 -20.00
C LEU A 46 29.53 4.19 -20.00
N ARG A 47 28.37 3.56 -20.21
CA ARG A 47 28.33 2.10 -20.30
C ARG A 47 29.21 1.60 -21.43
N GLU A 48 29.10 2.22 -22.60
CA GLU A 48 29.89 1.79 -23.75
C GLU A 48 31.37 1.97 -23.50
N LEU A 49 31.78 3.12 -22.96
CA LEU A 49 33.20 3.35 -22.73
C LEU A 49 33.76 2.40 -21.68
N ILE A 50 33.00 2.14 -20.61
CA ILE A 50 33.48 1.20 -19.60
C ILE A 50 33.55 -0.21 -20.16
N SER A 51 32.61 -0.57 -21.03
CA SER A 51 32.69 -1.88 -21.69
C SER A 51 33.95 -1.98 -22.55
N ASN A 52 34.27 -0.92 -23.29
CA ASN A 52 35.50 -0.93 -24.09
C ASN A 52 36.73 -1.07 -23.21
N ALA A 53 36.77 -0.33 -22.10
CA ALA A 53 37.91 -0.43 -21.19
C ALA A 53 38.02 -1.84 -20.60
N SER A 54 36.89 -2.44 -20.25
CA SER A 54 36.92 -3.80 -19.71
C SER A 54 37.43 -4.79 -20.75
N ASP A 55 37.02 -4.62 -22.01
CA ASP A 55 37.52 -5.51 -23.07
C ASP A 55 39.03 -5.36 -23.22
N ALA A 56 39.53 -4.12 -23.18
CA ALA A 56 40.97 -3.91 -23.30
C ALA A 56 41.72 -4.56 -22.14
N LEU A 57 41.19 -4.42 -20.92
CA LEU A 57 41.84 -5.05 -19.77
C LEU A 57 41.83 -6.57 -19.92
N ASP A 58 40.72 -7.13 -20.40
CA ASP A 58 40.68 -8.57 -20.64
C ASP A 58 41.73 -8.98 -21.66
N LYS A 59 41.89 -8.20 -22.72
CA LYS A 59 42.87 -8.52 -23.75
C LYS A 59 44.28 -8.55 -23.17
N ILE A 60 44.64 -7.52 -22.41
CA ILE A 60 45.99 -7.48 -21.87
C ILE A 60 46.20 -8.60 -20.86
N ARG A 61 45.20 -8.87 -20.03
CA ARG A 61 45.32 -9.97 -19.06
C ARG A 61 45.54 -11.30 -19.77
N TYR A 62 44.77 -11.56 -20.83
CA TYR A 62 44.92 -12.81 -21.56
C TYR A 62 46.27 -12.89 -22.26
N GLU A 63 46.74 -11.78 -22.82
CA GLU A 63 48.03 -11.79 -23.50
C GLU A 63 49.16 -12.05 -22.52
N SER A 64 49.11 -11.45 -21.33
CA SER A 64 50.14 -11.67 -20.33
C SER A 64 50.14 -13.08 -19.76
N LEU A 65 49.11 -13.88 -20.07
CA LEU A 65 49.04 -15.23 -19.52
C LEU A 65 50.23 -16.07 -19.95
N THR A 66 50.62 -15.97 -21.23
CA THR A 66 51.73 -16.75 -21.76
C THR A 66 53.06 -16.00 -21.74
N ASP A 67 53.03 -14.67 -21.80
CA ASP A 67 54.23 -13.85 -21.80
C ASP A 67 54.12 -12.84 -20.67
N PRO A 68 54.56 -13.20 -19.45
CA PRO A 68 54.44 -12.26 -18.33
C PRO A 68 55.12 -10.93 -18.57
N SER A 69 56.14 -10.89 -19.44
CA SER A 69 56.83 -9.64 -19.72
C SER A 69 55.90 -8.61 -20.33
N LYS A 70 54.76 -9.03 -20.88
CA LYS A 70 53.81 -8.07 -21.44
C LYS A 70 53.43 -7.01 -20.43
N LEU A 71 53.36 -7.37 -19.15
CA LEU A 71 52.96 -6.44 -18.10
C LEU A 71 54.18 -5.75 -17.49
N ASP A 72 55.03 -5.17 -18.34
CA ASP A 72 56.20 -4.45 -17.89
C ASP A 72 55.97 -2.95 -17.79
N SER A 73 54.96 -2.42 -18.45
CA SER A 73 54.57 -1.04 -18.30
C SER A 73 53.64 -0.82 -17.12
N GLY A 74 53.26 -1.89 -16.43
CA GLY A 74 52.34 -1.81 -15.31
C GLY A 74 51.75 -3.16 -14.98
N LYS A 75 51.40 -3.37 -13.70
CA LYS A 75 50.80 -4.62 -13.27
C LYS A 75 49.35 -4.48 -12.86
N GLU A 76 48.93 -3.28 -12.44
CA GLU A 76 47.55 -3.06 -12.03
C GLU A 76 46.65 -2.92 -13.24
N LEU A 77 45.45 -3.48 -13.13
CA LEU A 77 44.42 -3.40 -14.18
C LEU A 77 43.22 -2.69 -13.57
N LYS A 78 43.00 -1.43 -13.97
CA LYS A 78 42.00 -0.60 -13.32
C LYS A 78 41.43 0.39 -14.33
N ILE A 79 40.29 0.98 -13.97
CA ILE A 79 39.62 2.00 -14.76
C ILE A 79 39.41 3.22 -13.89
N ASP A 80 39.54 4.41 -14.48
CA ASP A 80 39.46 5.66 -13.74
C ASP A 80 38.50 6.61 -14.43
N ILE A 81 37.79 7.40 -13.62
CA ILE A 81 36.86 8.41 -14.10
C ILE A 81 37.20 9.74 -13.41
N ILE A 82 37.41 10.78 -14.20
CA ILE A 82 37.95 12.04 -13.69
C ILE A 82 37.17 13.22 -14.23
N PRO A 83 36.14 13.70 -13.53
CA PRO A 83 35.47 14.93 -13.97
C PRO A 83 36.37 16.14 -13.78
N ASN A 84 36.10 17.17 -14.58
CA ASN A 84 36.88 18.40 -14.56
C ASN A 84 35.96 19.57 -14.87
N PRO A 85 35.17 20.01 -13.89
CA PRO A 85 34.17 21.06 -14.17
C PRO A 85 34.79 22.34 -14.70
N GLN A 86 36.01 22.69 -14.29
CA GLN A 86 36.64 23.91 -14.77
C GLN A 86 36.80 23.88 -16.29
N GLU A 87 37.38 22.80 -16.81
CA GLU A 87 37.53 22.65 -18.26
C GLU A 87 36.30 22.03 -18.91
N ARG A 88 35.35 21.52 -18.13
CA ARG A 88 34.13 20.93 -18.65
C ARG A 88 34.44 19.72 -19.53
N THR A 89 35.18 18.77 -18.94
CA THR A 89 35.55 17.55 -19.64
C THR A 89 35.41 16.36 -18.70
N LEU A 90 35.21 15.19 -19.30
CA LEU A 90 35.17 13.93 -18.59
C LEU A 90 36.20 13.00 -19.20
N THR A 91 37.00 12.36 -18.35
CA THR A 91 38.11 11.52 -18.79
C THR A 91 37.94 10.12 -18.23
N LEU A 92 38.08 9.12 -19.10
CA LEU A 92 38.05 7.72 -18.71
C LEU A 92 39.41 7.12 -19.01
N VAL A 93 40.17 6.82 -17.96
CA VAL A 93 41.53 6.29 -18.09
C VAL A 93 41.48 4.81 -17.74
N ASP A 94 42.13 3.97 -18.55
CA ASP A 94 42.21 2.55 -18.29
C ASP A 94 43.66 2.13 -18.60
N THR A 95 44.06 1.01 -18.04
CA THR A 95 45.41 0.47 -18.18
C THR A 95 45.42 -0.78 -19.04
N GLY A 96 44.63 -0.77 -20.10
CA GLY A 96 44.44 -1.94 -20.94
C GLY A 96 45.55 -2.11 -21.95
N ILE A 97 45.25 -2.91 -22.99
CA ILE A 97 46.27 -3.28 -23.96
C ILE A 97 46.67 -2.09 -24.82
N GLY A 98 45.81 -1.09 -24.95
CA GLY A 98 46.07 0.02 -25.84
C GLY A 98 45.91 -0.41 -27.29
N MET A 99 46.21 0.52 -28.19
CA MET A 99 46.13 0.21 -29.61
C MET A 99 47.11 1.11 -30.37
N THR A 100 47.64 0.58 -31.47
CA THR A 100 48.68 1.24 -32.24
C THR A 100 48.06 2.20 -33.26
N LYS A 101 48.92 2.81 -34.07
CA LYS A 101 48.44 3.73 -35.10
C LYS A 101 47.56 3.00 -36.11
N ALA A 102 47.99 1.83 -36.57
CA ALA A 102 47.19 1.08 -37.52
C ALA A 102 45.83 0.73 -36.94
N ASP A 103 45.79 0.33 -35.66
CA ASP A 103 44.52 0.05 -35.01
C ASP A 103 43.69 1.31 -34.88
N LEU A 104 44.31 2.43 -34.53
CA LEU A 104 43.58 3.69 -34.43
C LEU A 104 42.90 4.03 -35.75
N ILE A 105 43.61 3.84 -36.86
CA ILE A 105 43.02 4.14 -38.16
C ILE A 105 41.93 3.13 -38.51
N ASN A 106 42.17 1.84 -38.26
CA ASN A 106 41.24 0.82 -38.70
C ASN A 106 40.07 0.67 -37.72
N ASN A 107 40.37 0.31 -36.48
CA ASN A 107 39.31 -0.05 -35.54
C ASN A 107 38.47 1.17 -35.16
N LEU A 108 39.11 2.27 -34.80
CA LEU A 108 38.40 3.44 -34.31
C LEU A 108 37.92 4.36 -35.41
N GLY A 109 38.44 4.21 -36.63
CA GLY A 109 38.07 5.10 -37.72
C GLY A 109 37.19 4.45 -38.77
N THR A 110 36.79 3.19 -38.54
CA THR A 110 35.93 2.47 -39.45
C THR A 110 34.63 2.13 -38.74
N ILE A 111 33.51 2.45 -39.36
CA ILE A 111 32.19 2.19 -38.77
C ILE A 111 31.82 0.75 -39.06
N ALA A 112 31.38 0.03 -38.02
CA ALA A 112 30.99 -1.37 -38.08
C ALA A 112 32.18 -2.32 -38.14
N LYS A 113 33.35 -1.82 -37.73
CA LYS A 113 34.54 -2.65 -37.67
C LYS A 113 34.83 -2.90 -36.19
N SER A 114 34.88 -4.16 -35.78
CA SER A 114 35.10 -4.53 -34.40
C SER A 114 36.46 -5.24 -34.28
N GLY A 115 37.34 -4.68 -33.45
CA GLY A 115 38.58 -5.36 -33.14
C GLY A 115 38.42 -6.46 -32.11
N THR A 116 37.45 -6.30 -31.21
CA THR A 116 37.19 -7.33 -30.21
C THR A 116 36.76 -8.63 -30.87
N LYS A 117 35.89 -8.55 -31.88
CA LYS A 117 35.43 -9.75 -32.57
C LYS A 117 36.60 -10.45 -33.26
N ALA A 118 37.47 -9.67 -33.92
CA ALA A 118 38.62 -10.26 -34.58
C ALA A 118 39.54 -10.94 -33.58
N PHE A 119 39.79 -10.27 -32.45
CA PHE A 119 40.64 -10.86 -31.41
C PHE A 119 40.05 -12.16 -30.90
N MET A 120 38.74 -12.19 -30.67
CA MET A 120 38.11 -13.41 -30.17
C MET A 120 38.16 -14.53 -31.20
N GLU A 121 37.95 -14.20 -32.48
CA GLU A 121 38.00 -15.23 -33.52
C GLU A 121 39.41 -15.78 -33.68
N ALA A 122 40.43 -14.94 -33.52
CA ALA A 122 41.80 -15.42 -33.66
C ALA A 122 42.13 -16.47 -32.61
N LEU A 123 41.48 -16.44 -31.45
CA LEU A 123 41.78 -17.38 -30.38
C LEU A 123 41.35 -18.80 -30.77
N GLN A 124 42.02 -19.77 -30.15
CA GLN A 124 41.66 -21.16 -30.34
C GLN A 124 40.40 -21.50 -29.54
N ALA A 125 39.90 -22.72 -29.76
CA ALA A 125 38.66 -23.13 -29.13
C ALA A 125 38.80 -23.22 -27.61
N GLY A 126 37.68 -23.03 -26.93
CA GLY A 126 37.66 -23.18 -25.47
C GLY A 126 38.54 -22.18 -24.75
N ALA A 127 38.51 -20.92 -25.17
CA ALA A 127 39.32 -19.89 -24.52
C ALA A 127 38.64 -19.43 -23.23
N ASP A 128 39.48 -19.02 -22.27
CA ASP A 128 38.98 -18.53 -20.98
C ASP A 128 38.83 -17.01 -21.00
N ILE A 129 37.97 -16.56 -21.93
CA ILE A 129 37.77 -15.14 -22.15
C ILE A 129 36.43 -14.93 -22.83
N SER A 130 35.64 -13.97 -22.36
CA SER A 130 34.35 -13.64 -22.97
C SER A 130 34.21 -12.11 -22.92
N MET A 131 34.40 -11.47 -24.06
CA MET A 131 34.46 -10.02 -24.14
C MET A 131 33.16 -9.44 -24.67
N ILE A 132 32.75 -8.32 -24.09
CA ILE A 132 31.61 -7.57 -24.62
C ILE A 132 32.02 -6.91 -25.94
N GLY A 133 31.03 -6.64 -26.77
CA GLY A 133 31.26 -5.84 -27.96
C GLY A 133 31.54 -6.63 -29.22
N GLN A 134 30.62 -6.58 -30.18
CA GLN A 134 30.84 -7.20 -31.47
C GLN A 134 30.27 -6.41 -32.64
N PHE A 135 29.71 -5.22 -32.43
CA PHE A 135 29.06 -4.48 -33.50
C PHE A 135 29.97 -3.46 -34.17
N GLY A 136 30.87 -2.82 -33.41
CA GLY A 136 31.76 -1.85 -33.99
C GLY A 136 31.19 -0.45 -34.14
N VAL A 137 30.15 -0.11 -33.38
CA VAL A 137 29.54 1.21 -33.45
C VAL A 137 29.36 1.85 -32.08
N GLY A 138 29.74 1.18 -31.00
CA GLY A 138 29.44 1.69 -29.67
C GLY A 138 30.25 2.91 -29.29
N PHE A 139 31.44 3.07 -29.88
CA PHE A 139 32.30 4.18 -29.49
C PHE A 139 31.69 5.53 -29.82
N TYR A 140 30.86 5.59 -30.86
CA TYR A 140 30.31 6.85 -31.34
C TYR A 140 29.15 7.34 -30.51
N SER A 141 28.71 6.58 -29.50
CA SER A 141 27.76 7.10 -28.53
C SER A 141 28.36 8.18 -27.66
N ALA A 142 29.69 8.36 -27.70
CA ALA A 142 30.32 9.44 -26.96
C ALA A 142 29.86 10.80 -27.47
N TYR A 143 29.48 10.88 -28.74
CA TYR A 143 29.03 12.13 -29.33
C TYR A 143 27.60 12.47 -28.96
N LEU A 144 26.92 11.62 -28.19
CA LEU A 144 25.62 11.98 -27.66
C LEU A 144 25.71 13.15 -26.69
N VAL A 145 26.84 13.30 -26.02
CA VAL A 145 26.98 14.28 -24.94
C VAL A 145 28.19 15.17 -25.15
N ALA A 146 29.03 14.86 -26.12
CA ALA A 146 30.30 15.55 -26.31
C ALA A 146 30.33 16.25 -27.67
N GLU A 147 31.02 17.39 -27.70
CA GLU A 147 31.27 18.10 -28.94
C GLU A 147 32.50 17.60 -29.67
N LYS A 148 33.51 17.14 -28.93
CA LYS A 148 34.77 16.70 -29.51
C LYS A 148 35.35 15.61 -28.62
N VAL A 149 35.99 14.62 -29.24
CA VAL A 149 36.52 13.47 -28.54
C VAL A 149 38.00 13.33 -28.86
N VAL A 150 38.82 13.32 -27.82
CA VAL A 150 40.27 13.13 -27.94
C VAL A 150 40.63 11.81 -27.28
N VAL A 151 41.36 10.96 -28.01
CA VAL A 151 41.75 9.64 -27.53
C VAL A 151 43.27 9.57 -27.54
N ILE A 152 43.87 9.46 -26.35
CA ILE A 152 45.30 9.24 -26.20
C ILE A 152 45.52 7.77 -25.89
N THR A 153 46.37 7.11 -26.67
CA THR A 153 46.61 5.69 -26.53
C THR A 153 48.09 5.40 -26.53
N LYS A 154 48.45 4.20 -26.07
CA LYS A 154 49.85 3.79 -25.97
C LYS A 154 49.89 2.28 -25.93
N HIS A 155 50.43 1.67 -26.98
CA HIS A 155 50.60 0.23 -27.06
C HIS A 155 51.99 -0.15 -26.61
N ASN A 156 52.17 -1.43 -26.28
CA ASN A 156 53.48 -1.93 -25.86
C ASN A 156 54.52 -1.65 -26.93
N ASP A 157 54.35 -2.25 -28.11
CA ASP A 157 55.32 -2.11 -29.20
C ASP A 157 54.91 -1.02 -30.17
N ASP A 158 54.87 0.21 -29.65
CA ASP A 158 54.50 1.37 -30.46
C ASP A 158 54.62 2.61 -29.60
N GLU A 159 54.66 3.77 -30.25
CA GLU A 159 54.74 5.04 -29.57
C GLU A 159 53.35 5.42 -29.04
N GLN A 160 53.19 6.66 -28.60
CA GLN A 160 51.95 7.15 -28.03
C GLN A 160 51.34 8.19 -28.98
N TYR A 161 50.09 7.98 -29.36
CA TYR A 161 49.42 8.78 -30.36
C TYR A 161 48.22 9.50 -29.77
N ALA A 162 47.72 10.50 -30.50
CA ALA A 162 46.53 11.24 -30.12
C ALA A 162 45.55 11.24 -31.29
N TRP A 163 44.34 10.78 -31.04
CA TRP A 163 43.28 10.69 -32.04
C TRP A 163 42.22 11.72 -31.70
N GLU A 164 41.77 12.47 -32.70
CA GLU A 164 40.83 13.56 -32.47
C GLU A 164 39.80 13.60 -33.59
N SER A 165 38.59 14.05 -33.24
CA SER A 165 37.51 14.17 -34.21
C SER A 165 36.38 14.95 -33.57
N SER A 166 35.44 15.37 -34.42
CA SER A 166 34.21 16.02 -33.98
C SER A 166 32.99 15.46 -34.69
N ALA A 167 33.08 14.24 -35.20
CA ALA A 167 32.00 13.63 -35.98
C ALA A 167 31.68 14.46 -37.22
N GLY A 168 32.69 15.16 -37.74
CA GLY A 168 32.51 16.01 -38.89
C GLY A 168 32.98 15.37 -40.18
N GLY A 169 33.10 14.05 -40.20
CA GLY A 169 33.51 13.33 -41.38
C GLY A 169 34.99 13.10 -41.52
N SER A 170 35.81 13.61 -40.61
CA SER A 170 37.25 13.41 -40.69
C SER A 170 37.83 13.42 -39.28
N PHE A 171 38.98 12.75 -39.13
CA PHE A 171 39.68 12.70 -37.85
C PHE A 171 41.17 12.83 -38.11
N THR A 172 41.90 13.28 -37.10
CA THR A 172 43.32 13.45 -37.23
C THR A 172 44.07 12.58 -36.21
N VAL A 173 45.24 12.12 -36.59
CA VAL A 173 46.12 11.33 -35.73
C VAL A 173 47.48 11.99 -35.71
N ARG A 174 48.00 12.24 -34.51
CA ARG A 174 49.31 12.85 -34.35
C ARG A 174 50.05 12.14 -33.22
N ALA A 175 51.38 12.19 -33.28
CA ALA A 175 52.20 11.63 -32.23
C ALA A 175 52.18 12.55 -31.02
N ASP A 176 51.64 12.07 -29.91
CA ASP A 176 51.52 12.88 -28.70
C ASP A 176 52.84 12.91 -27.95
N HIS A 177 53.14 14.07 -27.36
CA HIS A 177 54.38 14.27 -26.61
C HIS A 177 54.10 14.83 -25.22
N GLY A 178 52.92 14.55 -24.67
CA GLY A 178 52.56 15.01 -23.35
C GLY A 178 52.96 14.02 -22.27
N GLU A 179 52.48 14.31 -21.05
CA GLU A 179 52.71 13.45 -19.89
C GLU A 179 52.52 11.99 -20.29
N PRO A 180 53.56 11.17 -20.20
CA PRO A 180 53.46 9.80 -20.71
C PRO A 180 52.52 8.94 -19.88
N ILE A 181 51.96 7.92 -20.53
CA ILE A 181 51.20 6.88 -19.88
C ILE A 181 51.83 5.54 -20.26
N GLY A 182 52.07 4.69 -19.27
CA GLY A 182 52.82 3.48 -19.52
C GLY A 182 52.20 2.59 -20.58
N ARG A 183 50.89 2.37 -20.48
CA ARG A 183 50.19 1.51 -21.42
C ARG A 183 48.70 1.72 -21.24
N GLY A 184 47.96 1.60 -22.34
CA GLY A 184 46.51 1.72 -22.28
C GLY A 184 45.97 2.89 -23.06
N THR A 185 44.76 3.32 -22.71
CA THR A 185 44.04 4.34 -23.46
C THR A 185 43.49 5.38 -22.49
N LYS A 186 43.24 6.57 -23.03
CA LYS A 186 42.75 7.69 -22.23
C LYS A 186 41.80 8.50 -23.11
N VAL A 187 40.50 8.40 -22.84
CA VAL A 187 39.48 9.03 -23.66
C VAL A 187 39.02 10.30 -22.95
N ILE A 188 39.03 11.42 -23.67
CA ILE A 188 38.67 12.72 -23.13
C ILE A 188 37.48 13.24 -23.92
N LEU A 189 36.38 13.53 -23.23
CA LEU A 189 35.18 14.05 -23.84
C LEU A 189 35.00 15.51 -23.44
N HIS A 190 34.86 16.39 -24.43
CA HIS A 190 34.60 17.81 -24.19
C HIS A 190 33.09 18.00 -24.21
N LEU A 191 32.49 18.02 -23.02
CA LEU A 191 31.04 17.96 -22.89
C LEU A 191 30.38 19.18 -23.49
N LYS A 192 29.14 18.99 -23.95
CA LYS A 192 28.33 20.08 -24.46
C LYS A 192 27.85 20.96 -23.31
N GLU A 193 27.34 22.14 -23.67
CA GLU A 193 26.86 23.08 -22.65
C GLU A 193 25.70 22.49 -21.87
N ASP A 194 24.79 21.80 -22.55
CA ASP A 194 23.56 21.31 -21.95
C ASP A 194 23.70 19.93 -21.33
N GLN A 195 24.90 19.34 -21.36
CA GLN A 195 25.13 18.00 -20.85
C GLN A 195 26.20 17.99 -19.77
N THR A 196 26.16 18.99 -18.89
CA THR A 196 27.14 19.08 -17.80
C THR A 196 26.71 18.35 -16.54
N GLU A 197 25.51 17.75 -16.53
CA GLU A 197 25.08 16.98 -15.37
C GLU A 197 25.96 15.78 -15.12
N TYR A 198 26.74 15.34 -16.13
CA TYR A 198 27.58 14.17 -16.00
C TYR A 198 28.94 14.48 -15.37
N LEU A 199 29.19 15.73 -15.00
CA LEU A 199 30.38 16.08 -14.24
C LEU A 199 30.13 16.08 -12.73
N GLU A 200 28.91 15.74 -12.31
CA GLU A 200 28.56 15.69 -10.90
C GLU A 200 28.82 14.31 -10.32
N GLU A 201 28.95 14.25 -9.00
CA GLU A 201 29.23 12.98 -8.34
C GLU A 201 28.01 12.07 -8.36
N ARG A 202 26.84 12.60 -8.02
CA ARG A 202 25.66 11.75 -7.90
C ARG A 202 25.30 11.10 -9.23
N ARG A 203 25.31 11.88 -10.31
CA ARG A 203 24.90 11.35 -11.60
C ARG A 203 25.83 10.25 -12.08
N VAL A 204 27.15 10.48 -11.95
CA VAL A 204 28.11 9.46 -12.37
C VAL A 204 27.95 8.20 -11.53
N LYS A 205 27.81 8.37 -10.21
CA LYS A 205 27.65 7.22 -9.35
C LYS A 205 26.40 6.43 -9.72
N GLU A 206 25.29 7.14 -9.95
CA GLU A 206 24.04 6.48 -10.29
C GLU A 206 24.15 5.71 -11.60
N VAL A 207 24.74 6.33 -12.63
CA VAL A 207 24.85 5.67 -13.93
C VAL A 207 25.72 4.43 -13.82
N VAL A 208 26.87 4.55 -13.15
CA VAL A 208 27.78 3.41 -13.03
C VAL A 208 27.11 2.30 -12.24
N LYS A 209 26.40 2.63 -11.17
CA LYS A 209 25.70 1.61 -10.40
C LYS A 209 24.65 0.91 -11.25
N LYS A 210 23.89 1.66 -12.04
CA LYS A 210 22.83 1.06 -12.83
C LYS A 210 23.38 0.11 -13.88
N HIS A 211 24.44 0.53 -14.60
CA HIS A 211 24.85 -0.19 -15.79
C HIS A 211 26.08 -1.08 -15.59
N SER A 212 27.18 -0.51 -15.11
CA SER A 212 28.43 -1.27 -14.97
C SER A 212 28.77 -1.64 -13.54
N GLN A 213 27.80 -2.15 -12.82
CA GLN A 213 28.03 -2.53 -11.43
C GLN A 213 28.98 -3.72 -11.31
N PHE A 214 28.83 -4.72 -12.17
CA PHE A 214 29.51 -6.00 -12.01
C PHE A 214 30.64 -6.18 -13.02
N ILE A 215 31.24 -5.08 -13.49
CA ILE A 215 32.45 -5.20 -14.30
C ILE A 215 33.57 -5.79 -13.46
N GLY A 216 34.41 -6.58 -14.10
CA GLY A 216 35.39 -7.39 -13.42
C GLY A 216 36.65 -6.69 -12.96
N TYR A 217 36.73 -5.36 -13.11
CA TYR A 217 37.90 -4.61 -12.70
C TYR A 217 37.47 -3.38 -11.90
N PRO A 218 38.31 -2.91 -10.98
CA PRO A 218 37.92 -1.77 -10.16
C PRO A 218 37.67 -0.52 -10.99
N ILE A 219 36.63 0.22 -10.61
CA ILE A 219 36.30 1.50 -11.23
C ILE A 219 36.32 2.55 -10.13
N THR A 220 37.17 3.55 -10.30
CA THR A 220 37.39 4.57 -9.27
C THR A 220 37.11 5.96 -9.83
N LEU A 221 36.47 6.79 -9.01
CA LEU A 221 36.12 8.15 -9.39
C LEU A 221 36.99 9.13 -8.63
N TYR A 222 37.58 10.09 -9.34
CA TYR A 222 38.47 11.08 -8.77
C TYR A 222 37.73 12.40 -8.64
N LEU A 223 37.67 12.94 -7.42
CA LEU A 223 36.93 14.16 -7.15
C LEU A 223 37.74 15.06 -6.22
N GLU A 224 37.45 16.36 -6.31
CA GLU A 224 38.03 17.35 -5.42
C GLU A 224 37.10 17.55 -4.23
N LYS A 225 37.64 17.36 -3.02
CA LYS A 225 36.84 17.51 -1.81
C LYS A 225 37.67 18.13 -0.69
N TYR A 282 43.93 18.04 -2.83
CA TYR A 282 43.26 16.92 -2.19
C TYR A 282 42.26 16.28 -3.15
N ILE A 283 42.67 15.21 -3.82
CA ILE A 283 41.86 14.52 -4.80
C ILE A 283 41.52 13.15 -4.21
N ASP A 284 40.35 13.05 -3.61
CA ASP A 284 39.91 11.79 -3.03
C ASP A 284 39.51 10.81 -4.14
N GLN A 285 39.86 9.54 -3.95
CA GLN A 285 39.55 8.49 -4.90
C GLN A 285 38.64 7.47 -4.23
N GLU A 286 37.56 7.10 -4.91
CA GLU A 286 36.54 6.22 -4.35
C GLU A 286 36.22 5.10 -5.32
N GLU A 287 36.27 3.87 -4.84
CA GLU A 287 35.92 2.72 -5.66
C GLU A 287 34.39 2.57 -5.72
N LEU A 288 33.90 2.21 -6.89
CA LEU A 288 32.46 2.19 -7.16
C LEU A 288 31.85 0.81 -7.19
N ASN A 289 32.56 -0.20 -7.68
CA ASN A 289 32.04 -1.56 -7.80
C ASN A 289 32.77 -2.46 -6.81
N LYS A 290 32.26 -2.49 -5.58
CA LYS A 290 32.91 -3.27 -4.53
C LYS A 290 32.47 -4.73 -4.56
N THR A 291 31.21 -5.00 -4.88
CA THR A 291 30.68 -6.35 -4.86
C THR A 291 31.02 -7.09 -6.15
N LYS A 292 31.48 -8.33 -6.01
CA LYS A 292 31.81 -9.19 -7.14
C LYS A 292 30.60 -9.99 -7.57
N PRO A 293 30.58 -10.45 -8.83
CA PRO A 293 29.49 -11.32 -9.28
C PRO A 293 29.66 -12.76 -8.83
N ILE A 294 29.21 -13.09 -7.62
CA ILE A 294 29.45 -14.42 -7.06
C ILE A 294 28.80 -15.52 -7.87
N TRP A 295 27.84 -15.20 -8.75
CA TRP A 295 27.12 -16.24 -9.46
C TRP A 295 28.00 -16.96 -10.48
N THR A 296 29.20 -16.45 -10.78
CA THR A 296 30.09 -17.14 -11.70
C THR A 296 30.80 -18.32 -11.05
N ARG A 297 30.85 -18.37 -9.72
CA ARG A 297 31.51 -19.45 -9.01
C ARG A 297 30.62 -20.69 -9.00
N ASN A 298 31.08 -21.74 -8.31
CA ASN A 298 30.28 -22.95 -8.22
C ASN A 298 29.36 -22.89 -7.00
N PRO A 299 28.14 -23.43 -7.08
CA PRO A 299 27.22 -23.31 -5.95
C PRO A 299 27.78 -23.90 -4.66
N ASP A 300 28.50 -25.01 -4.73
CA ASP A 300 28.94 -25.72 -3.53
C ASP A 300 30.21 -25.14 -2.92
N ASP A 301 30.83 -24.14 -3.54
CA ASP A 301 32.02 -23.51 -3.00
C ASP A 301 31.72 -22.18 -2.32
N ILE A 302 30.45 -21.88 -2.07
CA ILE A 302 30.02 -20.60 -1.54
C ILE A 302 29.37 -20.84 -0.18
N THR A 303 29.82 -20.11 0.83
CA THR A 303 29.22 -20.20 2.15
C THR A 303 28.00 -19.29 2.21
N GLN A 304 27.13 -19.56 3.19
CA GLN A 304 25.92 -18.75 3.34
C GLN A 304 26.25 -17.33 3.77
N GLU A 305 27.41 -17.10 4.37
CA GLU A 305 27.77 -15.75 4.80
C GLU A 305 28.00 -14.83 3.60
N GLU A 306 28.74 -15.31 2.60
CA GLU A 306 28.96 -14.47 1.43
C GLU A 306 27.72 -14.39 0.55
N TYR A 307 26.91 -15.46 0.52
CA TYR A 307 25.60 -15.37 -0.09
C TYR A 307 24.81 -14.22 0.51
N GLY A 308 24.78 -14.16 1.85
CA GLY A 308 24.03 -13.11 2.52
C GLY A 308 24.60 -11.72 2.28
N GLU A 309 25.93 -11.61 2.26
CA GLU A 309 26.54 -10.32 1.98
C GLU A 309 26.20 -9.84 0.58
N PHE A 310 26.27 -10.73 -0.41
CA PHE A 310 25.86 -10.37 -1.76
C PHE A 310 24.40 -9.96 -1.80
N TYR A 311 23.54 -10.70 -1.11
CA TYR A 311 22.12 -10.38 -1.11
C TYR A 311 21.88 -9.01 -0.49
N LYS A 312 22.55 -8.70 0.62
CA LYS A 312 22.36 -7.41 1.26
C LYS A 312 22.85 -6.28 0.38
N SER A 313 23.98 -6.48 -0.30
CA SER A 313 24.46 -5.47 -1.24
C SER A 313 23.48 -5.28 -2.38
N LEU A 314 22.89 -6.36 -2.88
CA LEU A 314 21.99 -6.28 -4.03
C LEU A 314 20.68 -5.59 -3.67
N THR A 315 19.94 -6.15 -2.71
CA THR A 315 18.61 -5.68 -2.39
C THR A 315 18.59 -4.52 -1.41
N ASN A 316 19.73 -4.12 -0.85
CA ASN A 316 19.83 -3.01 0.08
C ASN A 316 19.09 -3.28 1.38
N ASP A 317 18.85 -4.55 1.71
CA ASP A 317 18.07 -4.93 2.88
C ASP A 317 18.98 -5.05 4.09
N TRP A 318 18.55 -4.48 5.22
CA TRP A 318 19.36 -4.57 6.44
C TRP A 318 19.30 -5.95 7.07
N GLU A 319 18.47 -6.84 6.55
CA GLU A 319 18.35 -8.20 7.05
C GLU A 319 19.01 -9.17 6.07
N ASP A 320 19.17 -10.42 6.52
CA ASP A 320 19.71 -11.47 5.69
C ASP A 320 18.61 -12.17 4.91
N HIS A 321 19.00 -12.99 3.94
CA HIS A 321 18.04 -13.72 3.15
C HIS A 321 17.57 -14.97 3.89
N LEU A 322 16.44 -15.51 3.44
CA LEU A 322 15.88 -16.71 4.05
C LEU A 322 16.33 -17.98 3.34
N ALA A 323 16.37 -17.97 2.01
CA ALA A 323 16.79 -19.12 1.24
C ALA A 323 17.35 -18.65 -0.09
N VAL A 324 18.16 -19.49 -0.70
CA VAL A 324 18.84 -19.16 -1.95
C VAL A 324 18.83 -20.38 -2.86
N LYS A 325 18.59 -20.14 -4.14
CA LYS A 325 18.70 -21.16 -5.18
C LYS A 325 19.70 -20.67 -6.22
N HIS A 326 20.69 -21.49 -6.51
CA HIS A 326 21.76 -21.17 -7.44
C HIS A 326 21.92 -22.32 -8.40
N PHE A 327 21.53 -22.11 -9.66
CA PHE A 327 21.49 -23.19 -10.64
C PHE A 327 21.97 -22.67 -11.99
N SER A 328 22.12 -23.60 -12.93
CA SER A 328 22.59 -23.29 -14.27
C SER A 328 21.89 -24.19 -15.26
N VAL A 329 21.91 -23.78 -16.53
CA VAL A 329 21.36 -24.55 -17.63
C VAL A 329 22.40 -24.60 -18.74
N GLU A 330 22.32 -25.66 -19.54
CA GLU A 330 23.26 -25.88 -20.64
C GLU A 330 22.48 -26.24 -21.90
N GLY A 331 23.15 -26.07 -23.04
CA GLY A 331 22.55 -26.37 -24.33
C GLY A 331 22.59 -25.18 -25.26
N GLN A 332 21.72 -25.18 -26.28
CA GLN A 332 21.59 -24.02 -27.14
C GLN A 332 21.34 -22.76 -26.34
N LEU A 333 20.55 -22.86 -25.27
CA LEU A 333 20.24 -21.74 -24.39
C LEU A 333 20.92 -22.00 -23.06
N GLU A 334 21.91 -21.18 -22.72
CA GLU A 334 22.69 -21.34 -21.50
C GLU A 334 22.61 -20.05 -20.70
N PHE A 335 22.30 -20.17 -19.41
CA PHE A 335 22.30 -19.04 -18.51
C PHE A 335 22.49 -19.54 -17.09
N ARG A 336 22.91 -18.64 -16.22
CA ARG A 336 23.02 -18.90 -14.79
C ARG A 336 22.11 -17.95 -14.03
N ALA A 337 21.53 -18.44 -12.95
CA ALA A 337 20.57 -17.67 -12.18
C ALA A 337 20.81 -17.82 -10.69
N LEU A 338 20.74 -16.70 -9.99
CA LEU A 338 20.73 -16.66 -8.53
C LEU A 338 19.37 -16.14 -8.09
N LEU A 339 18.66 -16.92 -7.27
CA LEU A 339 17.34 -16.55 -6.80
C LEU A 339 17.31 -16.55 -5.28
N PHE A 340 16.81 -15.46 -4.70
CA PHE A 340 16.77 -15.28 -3.26
C PHE A 340 15.32 -15.14 -2.80
N ILE A 341 15.07 -15.51 -1.55
CA ILE A 341 13.79 -15.34 -0.90
C ILE A 341 14.00 -14.41 0.30
N PRO A 342 13.30 -13.29 0.39
CA PRO A 342 13.44 -12.43 1.58
C PRO A 342 12.87 -13.09 2.82
N ARG A 343 13.33 -12.58 3.97
CA ARG A 343 12.79 -13.04 5.24
C ARG A 343 11.43 -12.44 5.53
N ARG A 344 11.22 -11.17 5.17
CA ARG A 344 9.97 -10.48 5.40
C ARG A 344 9.40 -10.00 4.07
N ALA A 345 8.08 -9.91 4.01
CA ALA A 345 7.41 -9.39 2.83
C ALA A 345 7.48 -7.87 2.84
N PRO A 346 7.90 -7.23 1.74
CA PRO A 346 7.88 -5.77 1.70
C PRO A 346 6.46 -5.25 1.84
N PHE A 347 6.33 -4.07 2.45
CA PHE A 347 5.01 -3.48 2.65
C PHE A 347 4.39 -2.99 1.36
N ASP A 348 5.14 -2.94 0.26
CA ASP A 348 4.65 -2.51 -1.04
C ASP A 348 4.75 -3.63 -2.06
N LEU A 349 4.49 -4.87 -1.63
CA LEU A 349 4.62 -6.01 -2.52
C LEU A 349 3.70 -5.88 -3.73
N PHE A 350 2.42 -5.61 -3.48
CA PHE A 350 1.43 -5.52 -4.54
C PHE A 350 1.11 -4.09 -4.94
N GLU A 351 1.80 -3.10 -4.37
CA GLU A 351 1.61 -1.72 -4.77
C GLU A 351 1.78 -1.58 -6.27
N ASN A 352 0.71 -1.18 -6.95
CA ASN A 352 0.72 -1.17 -8.41
C ASN A 352 1.82 -0.27 -8.94
N LYS A 353 2.00 0.91 -8.34
CA LYS A 353 2.99 1.86 -8.81
C LYS A 353 4.39 1.38 -8.45
N LYS A 354 4.84 0.31 -9.09
CA LYS A 354 6.20 -0.19 -8.90
C LYS A 354 6.64 -0.88 -10.19
N LYS A 355 7.91 -0.68 -10.53
CA LYS A 355 8.47 -1.31 -11.71
C LYS A 355 8.88 -2.74 -11.42
N LYS A 356 8.63 -3.63 -12.37
CA LYS A 356 8.96 -5.05 -12.21
C LYS A 356 10.47 -5.23 -12.38
N ASN A 357 11.20 -4.72 -11.39
CA ASN A 357 12.66 -4.83 -11.35
C ASN A 357 13.11 -5.68 -10.17
N ASN A 358 12.36 -6.73 -9.85
CA ASN A 358 12.76 -7.67 -8.82
C ASN A 358 13.85 -8.60 -9.32
N ILE A 359 13.82 -8.97 -10.60
CA ILE A 359 14.84 -9.80 -11.22
C ILE A 359 15.44 -9.04 -12.38
N LYS A 360 16.77 -8.97 -12.42
CA LYS A 360 17.49 -8.27 -13.47
C LYS A 360 18.13 -9.29 -14.41
N LEU A 361 18.21 -8.92 -15.68
CA LEU A 361 18.84 -9.75 -16.71
C LEU A 361 20.17 -9.14 -17.11
N TYR A 362 21.20 -9.97 -17.19
CA TYR A 362 22.54 -9.55 -17.57
C TYR A 362 23.04 -10.41 -18.72
N VAL A 363 23.87 -9.81 -19.57
CA VAL A 363 24.59 -10.54 -20.60
C VAL A 363 26.05 -10.18 -20.45
N ARG A 364 26.88 -11.17 -20.14
CA ARG A 364 28.31 -10.95 -19.91
C ARG A 364 28.53 -9.89 -18.84
N ARG A 365 27.74 -9.96 -17.77
CA ARG A 365 27.85 -9.13 -16.58
C ARG A 365 27.47 -7.68 -16.83
N VAL A 366 26.82 -7.37 -17.95
CA VAL A 366 26.36 -6.02 -18.25
C VAL A 366 24.85 -6.02 -18.29
N PHE A 367 24.25 -5.08 -17.57
CA PHE A 367 22.81 -5.07 -17.37
C PHE A 367 22.07 -4.76 -18.67
N ILE A 368 21.03 -5.53 -18.95
CA ILE A 368 20.23 -5.39 -20.16
C ILE A 368 18.86 -4.79 -19.86
N MET A 369 18.04 -5.48 -19.06
CA MET A 369 16.68 -5.04 -18.81
C MET A 369 16.21 -5.61 -17.48
N ASP A 370 15.10 -5.07 -16.99
CA ASP A 370 14.44 -5.57 -15.78
C ASP A 370 13.44 -6.66 -16.15
N SER A 371 12.80 -7.22 -15.13
CA SER A 371 11.95 -8.40 -15.35
C SER A 371 10.81 -8.10 -16.30
N CYS A 372 10.05 -7.05 -16.03
CA CYS A 372 8.98 -6.59 -16.92
C CYS A 372 7.92 -7.67 -17.17
N ASP A 373 7.69 -8.53 -16.19
CA ASP A 373 6.55 -9.46 -16.20
C ASP A 373 6.73 -10.58 -17.20
N GLU A 374 7.78 -10.54 -18.01
CA GLU A 374 8.01 -11.57 -19.01
C GLU A 374 8.99 -12.63 -18.56
N LEU A 375 9.75 -12.37 -17.49
CA LEU A 375 10.75 -13.30 -17.00
C LEU A 375 10.24 -14.20 -15.87
N ILE A 376 9.15 -13.81 -15.21
CA ILE A 376 8.64 -14.55 -14.06
C ILE A 376 7.16 -14.23 -13.91
N PRO A 377 6.33 -15.16 -13.44
CA PRO A 377 4.91 -14.84 -13.25
C PRO A 377 4.71 -13.77 -12.19
N GLU A 378 3.51 -13.20 -12.18
CA GLU A 378 3.21 -12.07 -11.29
C GLU A 378 3.05 -12.51 -9.83
N TYR A 379 2.76 -13.78 -9.58
CA TYR A 379 2.61 -14.26 -8.21
C TYR A 379 3.93 -14.65 -7.58
N LEU A 380 5.04 -14.59 -8.31
CA LEU A 380 6.37 -14.79 -7.76
C LEU A 380 7.13 -13.47 -7.64
N ASN A 381 6.42 -12.36 -7.53
CA ASN A 381 7.04 -11.04 -7.53
C ASN A 381 7.93 -10.80 -6.31
N PHE A 382 7.84 -11.63 -5.28
CA PHE A 382 8.67 -11.45 -4.09
C PHE A 382 10.08 -12.02 -4.26
N ILE A 383 10.35 -12.70 -5.37
CA ILE A 383 11.67 -13.29 -5.60
C ILE A 383 12.63 -12.21 -6.08
N ARG A 384 13.80 -12.14 -5.47
CA ARG A 384 14.88 -11.27 -5.89
C ARG A 384 16.03 -12.11 -6.41
N GLY A 385 16.69 -11.67 -7.47
CA GLY A 385 17.77 -12.46 -8.01
C GLY A 385 18.31 -11.87 -9.30
N VAL A 386 19.06 -12.70 -10.02
CA VAL A 386 19.81 -12.30 -11.20
C VAL A 386 19.77 -13.43 -12.20
N VAL A 387 19.68 -13.08 -13.49
CA VAL A 387 19.83 -14.04 -14.58
C VAL A 387 20.92 -13.51 -15.50
N ASP A 388 21.96 -14.31 -15.72
CA ASP A 388 23.10 -13.93 -16.53
C ASP A 388 23.28 -14.93 -17.66
N SER A 389 23.55 -14.42 -18.85
CA SER A 389 23.74 -15.24 -20.04
C SER A 389 25.01 -14.80 -20.77
N GLU A 390 25.47 -15.65 -21.67
CA GLU A 390 26.65 -15.36 -22.48
C GLU A 390 26.35 -15.17 -23.95
N ASP A 391 25.26 -15.74 -24.47
CA ASP A 391 25.00 -15.77 -25.90
C ASP A 391 23.55 -15.45 -26.21
N LEU A 392 23.00 -14.43 -25.56
CA LEU A 392 21.68 -13.94 -25.96
C LEU A 392 21.83 -12.89 -27.05
N PRO A 393 21.11 -13.00 -28.17
CA PRO A 393 21.24 -11.97 -29.23
C PRO A 393 20.52 -10.69 -28.83
N LEU A 394 21.27 -9.59 -28.83
CA LEU A 394 20.75 -8.28 -28.47
C LEU A 394 20.47 -7.46 -29.72
N ASN A 395 19.76 -6.35 -29.51
CA ASN A 395 19.55 -5.38 -30.57
C ASN A 395 20.65 -4.33 -30.51
N ILE A 396 20.60 -3.36 -31.42
CA ILE A 396 21.72 -2.43 -31.60
C ILE A 396 21.94 -1.61 -30.33
N SER A 397 20.86 -1.16 -29.69
CA SER A 397 20.97 -0.37 -28.48
C SER A 397 21.39 -1.18 -27.28
N ARG A 398 21.39 -2.51 -27.37
CA ARG A 398 21.75 -3.39 -26.26
C ARG A 398 20.88 -3.14 -25.04
N GLU A 399 19.65 -2.69 -25.26
CA GLU A 399 18.68 -2.49 -24.20
C GLU A 399 17.53 -3.49 -24.25
N MET A 400 17.55 -4.40 -25.20
CA MET A 400 16.52 -5.43 -25.31
C MET A 400 17.09 -6.58 -26.12
N LEU A 401 16.30 -7.65 -26.24
CA LEU A 401 16.68 -8.82 -27.01
C LEU A 401 15.95 -8.83 -28.35
N GLN A 402 16.63 -9.28 -29.39
CA GLN A 402 15.93 -9.74 -30.57
C GLN A 402 15.30 -11.09 -30.29
N GLN A 403 14.26 -11.43 -31.06
CA GLN A 403 13.53 -12.69 -30.89
C GLN A 403 13.23 -12.94 -29.41
N SER A 404 12.37 -12.08 -28.88
CA SER A 404 12.05 -12.06 -27.46
C SER A 404 11.35 -13.33 -26.97
N LYS A 405 11.14 -14.31 -27.85
CA LYS A 405 10.51 -15.56 -27.42
C LYS A 405 11.40 -16.39 -26.51
N ILE A 406 12.67 -16.03 -26.34
CA ILE A 406 13.55 -16.75 -25.42
C ILE A 406 13.12 -16.52 -23.97
N LEU A 407 12.51 -15.37 -23.70
CA LEU A 407 12.08 -15.06 -22.34
C LEU A 407 11.08 -16.09 -21.83
N LYS A 408 10.26 -16.67 -22.71
CA LYS A 408 9.33 -17.71 -22.28
C LYS A 408 10.07 -18.93 -21.74
N VAL A 409 11.11 -19.37 -22.45
CA VAL A 409 11.87 -20.53 -21.99
C VAL A 409 12.56 -20.21 -20.67
N ILE A 410 13.14 -19.02 -20.56
CA ILE A 410 13.80 -18.64 -19.31
C ILE A 410 12.79 -18.64 -18.17
N ARG A 411 11.60 -18.09 -18.41
CA ARG A 411 10.57 -18.03 -17.38
C ARG A 411 10.14 -19.42 -16.95
N LYS A 412 9.99 -20.33 -17.91
CA LYS A 412 9.64 -21.71 -17.56
C LYS A 412 10.68 -22.31 -16.62
N ASN A 413 11.96 -22.16 -16.96
CA ASN A 413 13.00 -22.70 -16.09
C ASN A 413 12.97 -22.08 -14.71
N ILE A 414 12.79 -20.75 -14.64
CA ILE A 414 12.82 -20.07 -13.36
C ILE A 414 11.65 -20.52 -12.49
N VAL A 415 10.46 -20.68 -13.08
CA VAL A 415 9.32 -21.14 -12.30
C VAL A 415 9.57 -22.55 -11.76
N LYS A 416 10.09 -23.43 -12.61
CA LYS A 416 10.38 -24.79 -12.15
C LYS A 416 11.33 -24.76 -10.95
N LYS A 417 12.40 -23.96 -11.04
CA LYS A 417 13.38 -23.97 -9.96
C LYS A 417 12.85 -23.29 -8.71
N CYS A 418 12.01 -22.27 -8.84
CA CYS A 418 11.40 -21.67 -7.66
C CYS A 418 10.50 -22.66 -6.94
N LEU A 419 9.71 -23.42 -7.68
CA LEU A 419 8.88 -24.44 -7.03
C LEU A 419 9.74 -25.50 -6.35
N GLU A 420 10.84 -25.89 -7.01
CA GLU A 420 11.75 -26.85 -6.38
C GLU A 420 12.31 -26.29 -5.08
N LEU A 421 12.69 -25.01 -5.07
CA LEU A 421 13.20 -24.40 -3.86
C LEU A 421 12.15 -24.40 -2.75
N PHE A 422 10.89 -24.09 -3.09
CA PHE A 422 9.83 -24.13 -2.09
C PHE A 422 9.68 -25.53 -1.50
N SER A 423 9.69 -26.55 -2.37
CA SER A 423 9.56 -27.92 -1.90
C SER A 423 10.70 -28.29 -0.97
N GLU A 424 11.94 -27.90 -1.33
CA GLU A 424 13.07 -28.20 -0.45
C GLU A 424 12.95 -27.48 0.89
N LEU A 425 12.51 -26.22 0.86
CA LEU A 425 12.34 -25.47 2.10
C LEU A 425 11.26 -26.10 2.98
N ALA A 426 10.28 -26.76 2.38
CA ALA A 426 9.22 -27.37 3.17
C ALA A 426 9.75 -28.42 4.15
N GLU A 427 10.92 -29.00 3.89
CA GLU A 427 11.47 -30.00 4.80
C GLU A 427 11.77 -29.39 6.17
N ASP A 428 12.39 -28.22 6.19
CA ASP A 428 12.58 -27.50 7.45
C ASP A 428 11.25 -26.96 7.93
N LYS A 429 11.08 -26.89 9.25
CA LYS A 429 9.78 -26.55 9.82
C LYS A 429 9.68 -25.09 10.23
N GLU A 430 10.62 -24.60 11.04
CA GLU A 430 10.56 -23.21 11.47
C GLU A 430 10.77 -22.27 10.29
N ASN A 431 11.73 -22.59 9.41
CA ASN A 431 11.97 -21.75 8.25
C ASN A 431 10.74 -21.72 7.34
N TYR A 432 10.12 -22.88 7.11
CA TYR A 432 8.93 -22.89 6.28
C TYR A 432 7.77 -22.18 6.94
N LYS A 433 7.69 -22.20 8.27
CA LYS A 433 6.65 -21.43 8.95
C LYS A 433 6.86 -19.94 8.70
N LYS A 434 8.09 -19.47 8.81
CA LYS A 434 8.37 -18.07 8.49
C LYS A 434 8.00 -17.75 7.05
N PHE A 435 8.41 -18.61 6.12
CA PHE A 435 8.15 -18.35 4.71
C PHE A 435 6.66 -18.32 4.41
N TYR A 436 5.90 -19.26 4.99
CA TYR A 436 4.46 -19.30 4.76
C TYR A 436 3.81 -18.07 5.36
N GLU A 437 4.15 -17.74 6.60
CA GLU A 437 3.59 -16.53 7.21
C GLU A 437 3.83 -15.33 6.33
N ALA A 438 4.94 -15.31 5.58
CA ALA A 438 5.24 -14.15 4.75
C ALA A 438 4.56 -14.18 3.38
N PHE A 439 4.44 -15.35 2.73
CA PHE A 439 4.05 -15.39 1.32
C PHE A 439 2.97 -16.43 1.00
N SER A 440 2.14 -16.80 1.98
CA SER A 440 1.03 -17.68 1.68
C SER A 440 0.05 -17.04 0.71
N LYS A 441 -0.05 -15.72 0.79
CA LYS A 441 -0.92 -14.95 -0.10
C LYS A 441 -0.47 -15.14 -1.54
N ASN A 442 0.84 -15.06 -1.77
CA ASN A 442 1.40 -15.26 -3.10
C ASN A 442 1.19 -16.69 -3.57
N LEU A 443 1.37 -17.67 -2.68
CA LEU A 443 1.13 -19.04 -3.08
C LEU A 443 -0.31 -19.26 -3.53
N LYS A 444 -1.27 -18.72 -2.78
CA LYS A 444 -2.67 -18.88 -3.13
C LYS A 444 -3.01 -18.15 -4.43
N LEU A 445 -2.42 -16.97 -4.63
CA LEU A 445 -2.60 -16.26 -5.89
C LEU A 445 -2.07 -17.10 -7.05
N GLY A 446 -0.94 -17.76 -6.86
CA GLY A 446 -0.42 -18.65 -7.89
C GLY A 446 -1.36 -19.81 -8.18
N ILE A 447 -1.93 -20.39 -7.13
CA ILE A 447 -2.91 -21.46 -7.33
C ILE A 447 -4.07 -20.97 -8.18
N HIS A 448 -4.59 -19.78 -7.85
CA HIS A 448 -5.73 -19.25 -8.60
C HIS A 448 -5.35 -18.97 -10.06
N GLU A 449 -4.15 -18.46 -10.29
CA GLU A 449 -3.74 -18.02 -11.62
C GLU A 449 -3.15 -19.17 -12.45
N ASP A 450 -2.14 -19.85 -11.91
CA ASP A 450 -1.37 -20.82 -12.68
C ASP A 450 -2.02 -22.19 -12.65
N SER A 451 -2.26 -22.75 -13.82
CA SER A 451 -2.90 -24.06 -13.95
C SER A 451 -1.90 -25.20 -14.12
N THR A 452 -0.75 -24.94 -14.74
CA THR A 452 0.22 -26.00 -14.95
C THR A 452 0.78 -26.51 -13.62
N ASN A 453 1.05 -25.59 -12.68
CA ASN A 453 1.71 -25.92 -11.42
C ASN A 453 0.73 -26.01 -10.26
N ARG A 454 -0.57 -26.12 -10.54
CA ARG A 454 -1.56 -26.11 -9.47
C ARG A 454 -1.36 -27.28 -8.52
N ARG A 455 -1.07 -28.47 -9.07
CA ARG A 455 -0.89 -29.65 -8.23
C ARG A 455 0.31 -29.50 -7.31
N ARG A 456 1.44 -29.02 -7.83
CA ARG A 456 2.61 -28.81 -6.99
C ARG A 456 2.35 -27.74 -5.94
N LEU A 457 1.68 -26.66 -6.32
CA LEU A 457 1.41 -25.58 -5.38
C LEU A 457 0.45 -26.00 -4.29
N SER A 458 -0.46 -26.94 -4.58
CA SER A 458 -1.43 -27.36 -3.59
C SER A 458 -0.80 -28.09 -2.41
N GLU A 459 0.38 -28.67 -2.58
CA GLU A 459 1.06 -29.34 -1.48
C GLU A 459 1.83 -28.37 -0.59
N LEU A 460 1.94 -27.11 -0.97
CA LEU A 460 2.57 -26.10 -0.14
C LEU A 460 1.58 -25.36 0.75
N LEU A 461 0.29 -25.62 0.61
CA LEU A 461 -0.71 -24.94 1.42
C LEU A 461 -0.74 -25.51 2.84
N ARG A 462 -0.95 -24.61 3.80
CA ARG A 462 -1.09 -24.96 5.20
C ARG A 462 -2.33 -24.26 5.75
N TYR A 463 -3.11 -24.98 6.57
CA TYR A 463 -4.37 -24.46 7.06
C TYR A 463 -4.51 -24.78 8.55
N HIS A 464 -5.26 -23.95 9.24
CA HIS A 464 -5.74 -24.27 10.57
C HIS A 464 -6.88 -25.28 10.46
N THR A 465 -7.05 -26.09 11.50
CA THR A 465 -8.00 -27.18 11.46
C THR A 465 -8.65 -27.33 12.82
N SER A 466 -9.82 -27.96 12.83
CA SER A 466 -10.53 -28.20 14.09
C SER A 466 -9.74 -29.10 15.03
N GLN A 467 -8.85 -29.94 14.51
CA GLN A 467 -8.09 -30.88 15.31
C GLN A 467 -6.62 -30.53 15.43
N SER A 468 -6.16 -29.46 14.77
CA SER A 468 -4.76 -29.07 14.83
C SER A 468 -4.44 -28.14 15.99
N GLY A 469 -5.45 -27.60 16.67
CA GLY A 469 -5.21 -26.71 17.79
C GLY A 469 -4.67 -25.36 17.39
N ASP A 470 -3.41 -25.10 17.69
CA ASP A 470 -2.79 -23.81 17.45
C ASP A 470 -1.85 -23.81 16.25
N GLU A 471 -1.30 -24.97 15.89
CA GLU A 471 -0.44 -25.07 14.72
C GLU A 471 -1.28 -25.19 13.46
N MET A 472 -0.61 -25.25 12.31
CA MET A 472 -1.27 -25.40 11.03
C MET A 472 -0.74 -26.64 10.32
N THR A 473 -1.61 -27.31 9.59
CA THR A 473 -1.32 -28.60 8.98
C THR A 473 -1.48 -28.50 7.46
N SER A 474 -0.98 -29.53 6.78
CA SER A 474 -1.09 -29.63 5.33
C SER A 474 -2.25 -30.55 4.95
N LEU A 475 -2.62 -30.50 3.68
CA LEU A 475 -3.72 -31.33 3.20
C LEU A 475 -3.37 -32.81 3.22
N SER A 476 -2.11 -33.15 2.95
CA SER A 476 -1.68 -34.55 3.01
C SER A 476 -1.83 -35.10 4.42
N GLU A 477 -1.48 -34.30 5.43
CA GLU A 477 -1.67 -34.73 6.81
C GLU A 477 -3.15 -34.93 7.11
N TYR A 478 -4.01 -34.07 6.56
CA TYR A 478 -5.44 -34.25 6.72
C TYR A 478 -5.91 -35.57 6.11
N VAL A 479 -5.40 -35.91 4.92
CA VAL A 479 -5.83 -37.13 4.25
C VAL A 479 -5.31 -38.37 4.98
N SER A 480 -4.07 -38.31 5.47
CA SER A 480 -3.53 -39.44 6.21
C SER A 480 -4.29 -39.69 7.49
N ARG A 481 -4.97 -38.68 8.02
CA ARG A 481 -5.73 -38.78 9.25
C ARG A 481 -7.22 -39.04 8.99
N MET A 482 -7.60 -39.25 7.74
CA MET A 482 -9.00 -39.45 7.40
C MET A 482 -9.48 -40.83 7.85
N LYS A 483 -10.78 -40.93 8.08
CA LYS A 483 -11.42 -42.19 8.43
C LYS A 483 -11.86 -42.91 7.17
N GLU A 484 -11.89 -44.25 7.24
CA GLU A 484 -12.19 -45.05 6.06
C GLU A 484 -13.57 -44.73 5.49
N THR A 485 -14.48 -44.24 6.33
CA THR A 485 -15.83 -43.91 5.90
C THR A 485 -15.94 -42.48 5.37
N GLN A 486 -14.83 -41.76 5.28
CA GLN A 486 -14.82 -40.38 4.81
C GLN A 486 -14.32 -40.34 3.38
N LYS A 487 -15.12 -39.76 2.48
CA LYS A 487 -14.77 -39.64 1.08
C LYS A 487 -14.29 -38.25 0.67
N SER A 488 -14.53 -37.24 1.50
CA SER A 488 -14.30 -35.85 1.11
C SER A 488 -13.59 -35.09 2.21
N ILE A 489 -12.92 -34.01 1.82
CA ILE A 489 -12.36 -33.05 2.75
C ILE A 489 -13.40 -31.99 3.01
N TYR A 490 -13.61 -31.65 4.28
CA TYR A 490 -14.61 -30.67 4.70
C TYR A 490 -13.91 -29.38 5.10
N TYR A 491 -14.42 -28.25 4.61
CA TYR A 491 -13.86 -26.95 4.92
C TYR A 491 -14.99 -25.95 5.11
N ILE A 492 -14.64 -24.81 5.70
CA ILE A 492 -15.56 -23.69 5.86
C ILE A 492 -14.79 -22.39 5.66
N THR A 493 -15.40 -21.45 4.95
CA THR A 493 -14.82 -20.14 4.72
C THR A 493 -15.59 -19.09 5.50
N GLY A 494 -14.87 -18.11 6.05
CA GLY A 494 -15.51 -17.12 6.88
C GLY A 494 -14.62 -15.91 7.11
N GLU A 495 -15.12 -15.01 7.95
CA GLU A 495 -14.40 -13.75 8.19
C GLU A 495 -13.18 -13.96 9.07
N SER A 496 -13.28 -14.79 10.09
CA SER A 496 -12.18 -15.00 11.02
C SER A 496 -12.27 -16.42 11.58
N LYS A 497 -11.17 -16.84 12.22
CA LYS A 497 -11.12 -18.18 12.78
C LYS A 497 -12.14 -18.37 13.89
N GLU A 498 -12.32 -17.34 14.73
CA GLU A 498 -13.29 -17.43 15.81
C GLU A 498 -14.70 -17.61 15.27
N GLN A 499 -15.04 -16.88 14.21
CA GLN A 499 -16.37 -16.99 13.62
C GLN A 499 -16.64 -18.39 13.09
N VAL A 500 -15.69 -18.95 12.32
CA VAL A 500 -15.91 -20.24 11.71
C VAL A 500 -15.88 -21.35 12.75
N ALA A 501 -14.99 -21.26 13.73
CA ALA A 501 -14.85 -22.33 14.71
C ALA A 501 -16.15 -22.53 15.48
N ASN A 502 -16.81 -21.45 15.86
CA ASN A 502 -18.06 -21.51 16.62
C ASN A 502 -19.28 -21.45 15.72
N SER A 503 -19.13 -21.74 14.43
CA SER A 503 -20.25 -21.68 13.51
C SER A 503 -21.23 -22.81 13.77
N ALA A 504 -22.46 -22.62 13.31
CA ALA A 504 -23.49 -23.64 13.45
C ALA A 504 -23.38 -24.74 12.41
N PHE A 505 -22.61 -24.55 11.35
CA PHE A 505 -22.49 -25.56 10.30
C PHE A 505 -21.61 -26.71 10.72
N VAL A 506 -20.63 -26.48 11.59
CA VAL A 506 -19.64 -27.48 11.95
C VAL A 506 -19.99 -28.20 13.24
N GLU A 507 -21.19 -28.00 13.78
CA GLU A 507 -21.56 -28.62 15.04
C GLU A 507 -21.57 -30.14 14.92
N ARG A 508 -22.44 -30.68 14.07
CA ARG A 508 -22.54 -32.13 13.93
CA ARG A 508 -22.55 -32.13 13.94
C ARG A 508 -21.28 -32.73 13.33
N VAL A 509 -20.70 -32.06 12.33
CA VAL A 509 -19.51 -32.61 11.68
C VAL A 509 -18.41 -32.80 12.70
N ARG A 510 -18.27 -31.88 13.65
CA ARG A 510 -17.30 -32.05 14.72
C ARG A 510 -17.76 -33.07 15.76
N LYS A 511 -19.06 -33.14 16.01
CA LYS A 511 -19.56 -34.13 16.98
C LYS A 511 -19.28 -35.54 16.52
N ARG A 512 -19.50 -35.83 15.24
CA ARG A 512 -19.25 -37.16 14.71
C ARG A 512 -17.77 -37.52 14.70
N GLY A 513 -16.89 -36.55 14.93
CA GLY A 513 -15.46 -36.79 14.98
C GLY A 513 -14.70 -36.47 13.73
N PHE A 514 -15.36 -35.94 12.70
CA PHE A 514 -14.69 -35.60 11.46
C PHE A 514 -13.88 -34.32 11.63
N GLU A 515 -13.09 -34.00 10.61
CA GLU A 515 -12.15 -32.89 10.64
C GLU A 515 -12.55 -31.86 9.60
N VAL A 516 -12.46 -30.58 9.98
CA VAL A 516 -12.88 -29.48 9.12
C VAL A 516 -11.73 -28.48 9.01
N VAL A 517 -11.46 -28.02 7.80
CA VAL A 517 -10.41 -27.04 7.54
C VAL A 517 -10.99 -25.64 7.64
N TYR A 518 -10.25 -24.74 8.29
CA TYR A 518 -10.69 -23.36 8.46
C TYR A 518 -9.97 -22.46 7.47
N MET A 519 -10.74 -21.71 6.69
CA MET A 519 -10.21 -20.76 5.72
C MET A 519 -10.76 -19.38 6.06
N THR A 520 -9.87 -18.42 6.28
CA THR A 520 -10.26 -17.13 6.85
C THR A 520 -9.64 -15.97 6.09
N GLU A 521 -9.37 -16.14 4.80
CA GLU A 521 -8.87 -15.06 3.95
C GLU A 521 -9.71 -14.98 2.69
N PRO A 522 -9.94 -13.78 2.15
CA PRO A 522 -10.63 -13.70 0.86
C PRO A 522 -9.91 -14.43 -0.26
N ILE A 523 -8.58 -14.40 -0.22
CA ILE A 523 -7.79 -15.14 -1.21
C ILE A 523 -8.10 -16.63 -1.11
N ASP A 524 -8.42 -17.13 0.09
CA ASP A 524 -8.83 -18.52 0.21
C ASP A 524 -10.13 -18.78 -0.55
N GLU A 525 -11.07 -17.83 -0.47
CA GLU A 525 -12.31 -17.96 -1.22
C GLU A 525 -12.03 -18.00 -2.72
N TYR A 526 -11.08 -17.17 -3.18
CA TYR A 526 -10.69 -17.24 -4.59
C TYR A 526 -10.04 -18.58 -4.92
N CYS A 527 -9.19 -19.03 -4.01
CA CYS A 527 -8.42 -20.27 -4.18
C CYS A 527 -9.26 -21.54 -4.31
N VAL A 528 -10.29 -21.66 -3.50
CA VAL A 528 -11.12 -22.87 -3.51
C VAL A 528 -11.91 -22.99 -4.82
N GLN A 529 -12.02 -21.91 -5.59
CA GLN A 529 -12.71 -22.00 -6.86
C GLN A 529 -11.99 -22.93 -7.82
N GLN A 530 -10.66 -23.01 -7.72
CA GLN A 530 -9.86 -23.81 -8.64
C GLN A 530 -9.43 -25.14 -8.05
N LEU A 531 -9.36 -25.25 -6.73
CA LEU A 531 -8.89 -26.47 -6.07
C LEU A 531 -10.09 -27.36 -5.81
N LYS A 532 -10.55 -28.04 -6.86
CA LYS A 532 -11.74 -28.87 -6.76
C LYS A 532 -11.49 -30.17 -6.01
N GLU A 533 -10.29 -30.74 -6.13
CA GLU A 533 -9.97 -31.97 -5.44
C GLU A 533 -8.47 -32.01 -5.14
N PHE A 534 -8.10 -32.77 -4.12
CA PHE A 534 -6.71 -32.94 -3.74
C PHE A 534 -6.46 -34.41 -3.43
N ASP A 535 -5.43 -34.98 -4.07
CA ASP A 535 -5.05 -36.37 -3.83
C ASP A 535 -6.18 -37.33 -4.19
N GLY A 536 -7.00 -36.94 -5.17
CA GLY A 536 -8.12 -37.75 -5.60
C GLY A 536 -9.37 -37.60 -4.78
N LYS A 537 -9.33 -36.83 -3.70
CA LYS A 537 -10.46 -36.64 -2.81
C LYS A 537 -10.98 -35.22 -2.96
N SER A 538 -12.30 -35.10 -3.13
CA SER A 538 -12.90 -33.80 -3.40
C SER A 538 -13.09 -33.00 -2.12
N LEU A 539 -13.21 -31.68 -2.29
CA LEU A 539 -13.44 -30.75 -1.21
C LEU A 539 -14.92 -30.38 -1.15
N VAL A 540 -15.47 -30.35 0.05
CA VAL A 540 -16.89 -30.10 0.26
C VAL A 540 -17.04 -28.96 1.27
N SER A 541 -17.87 -27.98 0.94
CA SER A 541 -18.17 -26.89 1.84
C SER A 541 -19.32 -27.27 2.76
N VAL A 542 -19.19 -26.95 4.04
CA VAL A 542 -20.21 -27.30 5.02
C VAL A 542 -21.25 -26.19 5.09
N THR A 543 -21.17 -25.22 4.19
CA THR A 543 -22.13 -24.12 4.14
C THR A 543 -23.05 -24.21 2.93
N LYS A 544 -22.98 -25.30 2.16
CA LYS A 544 -23.79 -25.47 0.97
C LYS A 544 -24.85 -26.53 1.21
N GLU A 545 -25.90 -26.47 0.39
CA GLU A 545 -27.02 -27.40 0.52
C GLU A 545 -26.57 -28.83 0.23
N GLY A 546 -27.26 -29.78 0.83
CA GLY A 546 -27.01 -31.18 0.56
C GLY A 546 -25.66 -31.68 1.05
N LEU A 547 -25.26 -31.30 2.26
CA LEU A 547 -24.04 -31.86 2.84
C LEU A 547 -24.25 -33.34 3.12
N GLU A 548 -23.39 -34.17 2.55
CA GLU A 548 -23.50 -35.61 2.70
C GLU A 548 -22.55 -36.09 3.79
N LEU A 549 -23.04 -37.02 4.61
CA LEU A 549 -22.25 -37.63 5.68
C LEU A 549 -22.52 -39.13 5.69
N PRO A 550 -21.55 -39.93 6.07
CA PRO A 550 -21.84 -41.36 6.29
C PRO A 550 -22.85 -41.52 7.41
N GLU A 551 -23.72 -42.51 7.28
CA GLU A 551 -24.81 -42.71 8.22
C GLU A 551 -25.06 -44.19 8.44
N ASP A 552 -25.95 -44.47 9.37
CA ASP A 552 -26.47 -45.82 9.62
C ASP A 552 -27.93 -45.88 9.25
N GLU A 553 -28.44 -47.09 9.07
CA GLU A 553 -29.82 -47.25 8.63
C GLU A 553 -30.80 -46.64 9.62
N GLU A 554 -30.50 -46.76 10.92
CA GLU A 554 -31.36 -46.14 11.93
C GLU A 554 -31.39 -44.62 11.76
N GLU A 555 -30.25 -44.02 11.40
CA GLU A 555 -30.22 -42.59 11.18
C GLU A 555 -31.13 -42.19 10.03
N LYS A 556 -31.14 -42.98 8.95
CA LYS A 556 -32.01 -42.65 7.81
C LYS A 556 -33.48 -42.84 8.17
N LYS A 557 -33.79 -43.88 8.95
CA LYS A 557 -35.17 -44.06 9.39
C LYS A 557 -35.61 -42.87 10.24
N LYS A 558 -34.76 -42.43 11.17
CA LYS A 558 -35.10 -41.28 12.00
C LYS A 558 -35.26 -40.03 11.16
N MET A 559 -34.40 -39.84 10.16
CA MET A 559 -34.52 -38.67 9.30
C MET A 559 -35.84 -38.67 8.53
N GLU A 560 -36.23 -39.82 7.99
CA GLU A 560 -37.49 -39.90 7.25
C GLU A 560 -38.68 -39.63 8.17
N GLU A 561 -38.65 -40.19 9.39
CA GLU A 561 -39.71 -39.93 10.34
C GLU A 561 -39.79 -38.45 10.68
N SER A 562 -38.63 -37.81 10.88
CA SER A 562 -38.62 -36.39 11.19
C SER A 562 -39.19 -35.56 10.04
N LYS A 563 -38.83 -35.90 8.81
CA LYS A 563 -39.37 -35.18 7.66
C LYS A 563 -40.89 -35.31 7.60
N ALA A 564 -41.39 -36.53 7.80
CA ALA A 564 -42.84 -36.72 7.81
C ALA A 564 -43.49 -35.91 8.92
N LYS A 565 -42.85 -35.86 10.09
CA LYS A 565 -43.42 -35.13 11.22
C LYS A 565 -43.47 -33.62 10.95
N PHE A 566 -42.44 -33.07 10.31
CA PHE A 566 -42.28 -31.62 10.20
C PHE A 566 -42.68 -31.07 8.83
N GLU A 567 -43.22 -31.91 7.95
CA GLU A 567 -43.67 -31.40 6.65
C GLU A 567 -44.59 -30.20 6.78
N ASN A 568 -45.60 -30.29 7.66
CA ASN A 568 -46.58 -29.22 7.77
C ASN A 568 -45.95 -27.92 8.26
N LEU A 569 -45.07 -28.01 9.27
CA LEU A 569 -44.40 -26.82 9.76
C LEU A 569 -43.53 -26.20 8.68
N CYS A 570 -42.83 -27.03 7.91
CA CYS A 570 -41.99 -26.50 6.83
C CYS A 570 -42.85 -25.79 5.79
N LYS A 571 -44.01 -26.38 5.49
CA LYS A 571 -44.92 -25.80 4.51
C LYS A 571 -45.41 -24.43 4.98
N LEU A 572 -45.80 -24.34 6.24
CA LEU A 572 -46.26 -23.08 6.81
C LEU A 572 -45.15 -22.04 6.79
N MET A 573 -43.94 -22.42 7.17
CA MET A 573 -42.83 -21.47 7.19
C MET A 573 -42.53 -20.96 5.79
N LYS A 574 -42.48 -21.86 4.80
CA LYS A 574 -42.27 -21.41 3.43
C LYS A 574 -43.37 -20.46 2.98
N GLU A 575 -44.60 -20.67 3.47
CA GLU A 575 -45.67 -19.72 3.17
C GLU A 575 -45.39 -18.36 3.79
N ILE A 576 -44.92 -18.34 5.04
CA ILE A 576 -44.75 -17.07 5.74
C ILE A 576 -43.60 -16.26 5.16
N LEU A 577 -42.55 -16.92 4.68
CA LEU A 577 -41.32 -16.25 4.23
C LEU A 577 -41.26 -16.13 2.72
N ASP A 578 -42.39 -15.85 2.07
CA ASP A 578 -42.46 -15.88 0.62
C ASP A 578 -41.38 -15.00 -0.01
N LYS A 579 -40.65 -15.59 -0.95
CA LYS A 579 -39.62 -14.88 -1.71
C LYS A 579 -38.53 -14.30 -0.82
N LYS A 580 -38.24 -14.97 0.29
CA LYS A 580 -37.03 -14.75 1.05
C LYS A 580 -36.12 -15.95 1.07
N VAL A 581 -36.70 -17.15 0.96
CA VAL A 581 -35.95 -18.39 0.81
C VAL A 581 -36.61 -19.17 -0.32
N GLU A 582 -35.88 -20.16 -0.83
CA GLU A 582 -36.42 -21.03 -1.87
C GLU A 582 -36.87 -22.38 -1.34
N LYS A 583 -36.44 -22.77 -0.14
CA LYS A 583 -36.87 -24.02 0.46
C LYS A 583 -36.78 -23.90 1.96
N VAL A 584 -37.59 -24.70 2.64
CA VAL A 584 -37.47 -24.94 4.07
C VAL A 584 -37.45 -26.44 4.28
N THR A 585 -36.36 -26.97 4.83
CA THR A 585 -36.21 -28.40 4.97
C THR A 585 -35.69 -28.77 6.36
N ILE A 586 -35.36 -30.04 6.55
CA ILE A 586 -34.87 -30.56 7.82
C ILE A 586 -33.36 -30.68 7.74
N SER A 587 -32.66 -30.05 8.68
CA SER A 587 -31.22 -30.04 8.68
C SER A 587 -30.66 -31.37 9.14
N ASN A 588 -29.44 -31.67 8.70
CA ASN A 588 -28.68 -32.82 9.16
C ASN A 588 -27.31 -32.43 9.68
N ARG A 589 -27.08 -31.13 9.93
CA ARG A 589 -25.79 -30.65 10.40
C ARG A 589 -25.88 -29.81 11.66
N LEU A 590 -27.07 -29.57 12.19
CA LEU A 590 -27.25 -28.78 13.39
C LEU A 590 -27.38 -29.66 14.61
N VAL A 591 -26.91 -29.16 15.75
CA VAL A 591 -26.98 -29.89 17.01
C VAL A 591 -27.65 -29.03 18.07
N SER A 592 -27.11 -27.84 18.33
CA SER A 592 -27.59 -26.99 19.39
C SER A 592 -28.35 -25.75 18.92
N SER A 593 -28.13 -25.32 17.68
CA SER A 593 -28.85 -24.15 17.19
C SER A 593 -30.13 -24.58 16.47
N PRO A 594 -31.15 -23.73 16.45
CA PRO A 594 -32.44 -24.13 15.87
C PRO A 594 -32.46 -24.14 14.35
N CYS A 595 -31.71 -23.26 13.70
CA CYS A 595 -31.81 -23.13 12.25
C CYS A 595 -30.53 -22.53 11.70
N CYS A 596 -30.37 -22.64 10.38
CA CYS A 596 -29.25 -22.05 9.67
C CYS A 596 -29.64 -21.85 8.21
N ILE A 597 -28.90 -20.99 7.53
CA ILE A 597 -29.12 -20.66 6.13
C ILE A 597 -27.98 -21.23 5.32
N VAL A 598 -28.30 -22.01 4.29
CA VAL A 598 -27.31 -22.54 3.36
C VAL A 598 -27.68 -22.07 1.97
N THR A 599 -26.73 -22.19 1.05
CA THR A 599 -26.90 -21.75 -0.32
C THR A 599 -26.96 -22.95 -1.27
N SER A 600 -27.58 -22.72 -2.42
CA SER A 600 -27.72 -23.77 -3.41
C SER A 600 -26.36 -24.16 -3.98
N THR A 601 -26.31 -25.36 -4.56
CA THR A 601 -25.05 -25.84 -5.14
C THR A 601 -24.52 -24.90 -6.20
N TYR A 602 -25.44 -24.18 -6.85
CA TYR A 602 -25.08 -23.24 -7.88
C TYR A 602 -25.13 -21.79 -7.37
N GLY A 603 -24.06 -21.03 -7.55
CA GLY A 603 -24.03 -19.64 -7.13
C GLY A 603 -22.99 -19.40 -6.05
N TRP A 604 -22.87 -18.12 -5.70
CA TRP A 604 -21.92 -17.71 -4.67
C TRP A 604 -22.39 -18.13 -3.28
N THR A 605 -21.41 -18.39 -2.42
CA THR A 605 -21.69 -18.58 -1.00
C THR A 605 -21.85 -17.21 -0.34
N ALA A 606 -22.14 -17.21 0.96
CA ALA A 606 -22.24 -15.95 1.69
C ALA A 606 -20.89 -15.24 1.71
N ASN A 607 -19.80 -15.98 1.93
CA ASN A 607 -18.48 -15.37 1.97
C ASN A 607 -18.08 -14.83 0.60
N MET A 608 -18.33 -15.60 -0.46
CA MET A 608 -18.02 -15.12 -1.79
C MET A 608 -18.87 -13.91 -2.15
N GLU A 609 -20.13 -13.91 -1.75
CA GLU A 609 -20.98 -12.74 -1.98
C GLU A 609 -20.44 -11.52 -1.25
N ARG A 610 -20.02 -11.68 -0.01
CA ARG A 610 -19.46 -10.58 0.76
C ARG A 610 -18.21 -10.04 0.07
N ILE A 611 -17.35 -10.92 -0.43
CA ILE A 611 -16.12 -10.48 -1.09
C ILE A 611 -16.45 -9.76 -2.39
N MET A 612 -17.39 -10.30 -3.18
CA MET A 612 -17.70 -9.71 -4.48
C MET A 612 -18.37 -8.35 -4.34
N LYS A 613 -19.23 -8.19 -3.34
CA LYS A 613 -19.92 -6.93 -3.15
C LYS A 613 -18.96 -5.78 -2.88
N ALA A 614 -17.77 -6.08 -2.35
CA ALA A 614 -16.84 -5.05 -1.92
C ALA A 614 -15.80 -4.70 -2.98
N GLN A 615 -15.88 -5.25 -4.18
CA GLN A 615 -14.95 -4.90 -5.24
C GLN A 615 -15.36 -3.57 -5.87
N ALA A 616 -14.49 -2.57 -5.74
CA ALA A 616 -14.85 -1.23 -6.20
C ALA A 616 -14.94 -1.16 -7.71
N LEU A 617 -14.07 -1.87 -8.43
CA LEU A 617 -13.98 -1.77 -9.87
C LEU A 617 -14.83 -2.81 -10.59
N ARG A 618 -15.56 -3.65 -9.86
CA ARG A 618 -16.39 -4.66 -10.48
C ARG A 618 -17.75 -4.07 -10.88
N ASP A 619 -18.28 -4.55 -12.00
CA ASP A 619 -19.62 -4.18 -12.45
C ASP A 619 -20.61 -5.14 -11.80
N ASN A 620 -21.33 -4.64 -10.79
CA ASN A 620 -22.29 -5.45 -10.04
C ASN A 620 -23.73 -5.15 -10.42
N SER A 621 -23.95 -4.52 -11.58
CA SER A 621 -25.31 -4.26 -12.02
C SER A 621 -26.08 -5.54 -12.24
N THR A 622 -25.42 -6.60 -12.69
CA THR A 622 -26.04 -7.88 -12.96
C THR A 622 -25.69 -8.93 -11.91
N MET A 623 -25.24 -8.50 -10.74
CA MET A 623 -24.81 -9.44 -9.70
C MET A 623 -25.96 -10.32 -9.22
N GLY A 624 -27.20 -9.86 -9.35
CA GLY A 624 -28.32 -10.65 -8.89
C GLY A 624 -28.42 -12.00 -9.57
N TYR A 625 -27.90 -12.11 -10.79
CA TYR A 625 -27.99 -13.34 -11.56
C TYR A 625 -26.91 -14.34 -11.19
N MET A 626 -25.86 -13.90 -10.48
CA MET A 626 -24.82 -14.80 -9.99
C MET A 626 -25.00 -15.17 -8.53
N MET A 627 -25.91 -14.51 -7.81
CA MET A 627 -26.12 -14.80 -6.40
C MET A 627 -26.84 -16.12 -6.24
N ALA A 628 -26.44 -16.89 -5.23
CA ALA A 628 -27.07 -18.17 -4.95
C ALA A 628 -28.37 -17.97 -4.19
N LYS A 629 -29.22 -18.98 -4.25
CA LYS A 629 -30.49 -18.98 -3.53
C LYS A 629 -30.31 -19.66 -2.18
N LYS A 630 -30.95 -19.09 -1.16
CA LYS A 630 -30.73 -19.52 0.23
C LYS A 630 -31.88 -20.40 0.70
N HIS A 631 -31.53 -21.54 1.29
CA HIS A 631 -32.47 -22.47 1.88
C HIS A 631 -32.38 -22.41 3.40
N LEU A 632 -33.53 -22.41 4.06
CA LEU A 632 -33.58 -22.43 5.52
C LEU A 632 -33.69 -23.87 5.99
N GLU A 633 -32.80 -24.26 6.90
CA GLU A 633 -32.78 -25.60 7.47
C GLU A 633 -33.14 -25.54 8.94
N ILE A 634 -33.98 -26.46 9.38
CA ILE A 634 -34.53 -26.46 10.73
C ILE A 634 -33.96 -27.63 11.51
N ASN A 635 -33.87 -27.46 12.82
CA ASN A 635 -33.33 -28.49 13.69
C ASN A 635 -34.48 -29.26 14.32
N PRO A 636 -34.70 -30.53 13.97
CA PRO A 636 -35.84 -31.26 14.56
C PRO A 636 -35.77 -31.38 16.06
N ASP A 637 -34.58 -31.48 16.65
CA ASP A 637 -34.43 -31.77 18.07
C ASP A 637 -34.23 -30.52 18.92
N HIS A 638 -34.68 -29.37 18.44
CA HIS A 638 -34.56 -28.17 19.26
C HIS A 638 -35.88 -27.84 19.93
N PRO A 639 -35.87 -27.44 21.20
CA PRO A 639 -37.15 -27.12 21.87
C PRO A 639 -37.97 -26.06 21.14
N ILE A 640 -37.31 -25.03 20.61
CA ILE A 640 -38.04 -23.95 19.95
C ILE A 640 -38.81 -24.48 18.75
N VAL A 641 -38.19 -25.37 17.97
CA VAL A 641 -38.85 -25.91 16.79
C VAL A 641 -40.03 -26.78 17.17
N GLU A 642 -39.88 -27.59 18.23
CA GLU A 642 -40.99 -28.43 18.70
C GLU A 642 -42.16 -27.55 19.15
N THR A 643 -41.88 -26.50 19.92
CA THR A 643 -42.94 -25.59 20.33
C THR A 643 -43.58 -24.91 19.13
N LEU A 644 -42.77 -24.54 18.14
CA LEU A 644 -43.32 -23.93 16.94
C LEU A 644 -44.27 -24.88 16.22
N ARG A 645 -43.89 -26.15 16.13
CA ARG A 645 -44.76 -27.13 15.48
C ARG A 645 -46.07 -27.27 16.25
N GLN A 646 -45.99 -27.34 17.58
CA GLN A 646 -47.20 -27.46 18.38
C GLN A 646 -48.11 -26.24 18.18
N LYS A 647 -47.53 -25.04 18.22
CA LYS A 647 -48.32 -23.83 18.03
C LYS A 647 -48.95 -23.80 16.64
N ALA A 648 -48.19 -24.19 15.62
CA ALA A 648 -48.73 -24.18 14.27
C ALA A 648 -49.89 -25.15 14.12
N GLU A 649 -49.74 -26.37 14.65
CA GLU A 649 -50.83 -27.34 14.55
C GLU A 649 -52.05 -26.86 15.32
N ALA A 650 -51.85 -26.25 16.48
CA ALA A 650 -52.98 -25.73 17.25
C ALA A 650 -53.74 -24.68 16.46
N ASP A 651 -53.09 -23.56 16.15
CA ASP A 651 -53.70 -22.48 15.38
C ASP A 651 -52.62 -21.90 14.46
N LYS A 652 -52.77 -22.12 13.15
CA LYS A 652 -51.73 -21.76 12.20
C LYS A 652 -51.68 -20.26 11.91
N ASN A 653 -52.74 -19.52 12.22
CA ASN A 653 -52.82 -18.10 11.88
C ASN A 653 -52.42 -17.20 13.04
N ASP A 654 -51.87 -17.76 14.12
CA ASP A 654 -51.52 -16.96 15.27
C ASP A 654 -50.44 -15.95 14.91
N LYS A 655 -50.43 -14.82 15.62
CA LYS A 655 -49.39 -13.83 15.42
C LYS A 655 -48.07 -14.27 16.05
N ALA A 656 -48.13 -15.06 17.11
CA ALA A 656 -46.92 -15.50 17.79
C ALA A 656 -46.01 -16.27 16.83
N VAL A 657 -46.59 -17.21 16.08
CA VAL A 657 -45.78 -18.02 15.18
C VAL A 657 -45.20 -17.16 14.06
N LYS A 658 -45.99 -16.21 13.55
CA LYS A 658 -45.49 -15.33 12.50
C LYS A 658 -44.29 -14.53 12.99
N ASP A 659 -44.42 -13.86 14.13
CA ASP A 659 -43.34 -13.04 14.65
C ASP A 659 -42.12 -13.90 14.96
N LEU A 660 -42.34 -15.07 15.56
CA LEU A 660 -41.23 -15.94 15.91
C LEU A 660 -40.49 -16.42 14.66
N VAL A 661 -41.23 -16.78 13.61
CA VAL A 661 -40.60 -17.25 12.39
C VAL A 661 -39.77 -16.13 11.77
N VAL A 662 -40.32 -14.91 11.74
CA VAL A 662 -39.57 -13.79 11.16
C VAL A 662 -38.29 -13.54 11.95
N LEU A 663 -38.40 -13.55 13.28
CA LEU A 663 -37.23 -13.31 14.12
C LEU A 663 -36.18 -14.39 13.93
N LEU A 664 -36.61 -15.65 13.87
CA LEU A 664 -35.66 -16.75 13.68
C LEU A 664 -34.96 -16.64 12.34
N PHE A 665 -35.71 -16.32 11.28
CA PHE A 665 -35.08 -16.18 9.99
C PHE A 665 -34.05 -15.05 10.00
N GLU A 666 -34.38 -13.91 10.59
CA GLU A 666 -33.43 -12.81 10.60
C GLU A 666 -32.17 -13.16 11.40
N THR A 667 -32.34 -13.81 12.55
CA THR A 667 -31.17 -14.18 13.36
C THR A 667 -30.30 -15.19 12.62
N ALA A 668 -30.92 -16.18 11.96
CA ALA A 668 -30.14 -17.14 11.19
C ALA A 668 -29.41 -16.45 10.04
N LEU A 669 -30.07 -15.50 9.38
CA LEU A 669 -29.41 -14.72 8.33
C LEU A 669 -28.16 -14.04 8.88
N LEU A 670 -28.29 -13.37 10.02
CA LEU A 670 -27.14 -12.66 10.58
C LEU A 670 -26.02 -13.62 10.94
N SER A 671 -26.36 -14.77 11.51
CA SER A 671 -25.35 -15.70 11.99
C SER A 671 -24.74 -16.55 10.88
N SER A 672 -25.31 -16.57 9.68
CA SER A 672 -24.87 -17.44 8.62
C SER A 672 -23.94 -16.76 7.62
N GLY A 673 -23.56 -15.50 7.87
CA GLY A 673 -22.65 -14.79 7.01
C GLY A 673 -23.29 -13.82 6.04
N PHE A 674 -24.60 -13.65 6.09
CA PHE A 674 -25.29 -12.70 5.24
C PHE A 674 -25.47 -11.37 5.97
N SER A 675 -25.92 -10.36 5.23
CA SER A 675 -26.24 -9.06 5.77
C SER A 675 -27.66 -8.69 5.40
N LEU A 676 -28.42 -8.15 6.36
CA LEU A 676 -29.80 -7.82 6.10
C LEU A 676 -29.88 -6.60 5.20
N GLU A 677 -30.89 -6.56 4.34
CA GLU A 677 -31.09 -5.42 3.44
C GLU A 677 -31.37 -4.14 4.23
N ASP A 678 -32.15 -4.24 5.30
CA ASP A 678 -32.43 -3.11 6.18
C ASP A 678 -32.25 -3.55 7.63
N PRO A 679 -31.09 -3.29 8.23
CA PRO A 679 -30.89 -3.70 9.63
C PRO A 679 -31.84 -3.03 10.60
N GLN A 680 -32.44 -1.91 10.22
CA GLN A 680 -33.27 -1.16 11.16
C GLN A 680 -34.51 -1.95 11.58
N THR A 681 -35.04 -2.79 10.69
CA THR A 681 -36.18 -3.61 11.07
C THR A 681 -35.82 -4.57 12.19
N HIS A 682 -34.66 -5.24 12.07
CA HIS A 682 -34.19 -6.11 13.12
C HIS A 682 -33.94 -5.34 14.40
N SER A 683 -33.33 -4.16 14.30
CA SER A 683 -33.06 -3.36 15.48
C SER A 683 -34.35 -2.97 16.19
N ASN A 684 -35.38 -2.58 15.42
CA ASN A 684 -36.65 -2.20 16.01
C ASN A 684 -37.33 -3.39 16.65
N ARG A 685 -37.22 -4.57 16.05
CA ARG A 685 -37.75 -5.78 16.67
C ARG A 685 -37.11 -6.01 18.04
N ILE A 686 -35.78 -5.94 18.09
CA ILE A 686 -35.09 -6.15 19.36
C ILE A 686 -35.48 -5.09 20.38
N TYR A 687 -35.61 -3.84 19.93
CA TYR A 687 -35.98 -2.76 20.84
C TYR A 687 -37.39 -2.96 21.39
N ARG A 688 -38.32 -3.43 20.55
CA ARG A 688 -39.66 -3.72 21.05
C ARG A 688 -39.63 -4.82 22.09
N MET A 689 -38.84 -5.87 21.85
CA MET A 689 -38.74 -6.94 22.84
C MET A 689 -38.15 -6.41 24.14
N ILE A 690 -37.13 -5.55 24.05
CA ILE A 690 -36.54 -4.97 25.26
C ILE A 690 -37.57 -4.13 26.01
N LYS A 691 -38.34 -3.34 25.28
CA LYS A 691 -39.35 -2.48 25.92
C LYS A 691 -40.37 -3.34 26.65
N LEU A 692 -40.85 -4.41 26.01
CA LEU A 692 -41.80 -5.29 26.67
C LEU A 692 -41.18 -5.95 27.89
N GLY A 693 -39.91 -6.33 27.81
CA GLY A 693 -39.25 -6.91 28.96
C GLY A 693 -39.13 -5.93 30.12
N LEU A 694 -38.92 -4.65 29.81
CA LEU A 694 -38.82 -3.64 30.85
C LEU A 694 -40.17 -3.13 31.32
N GLY A 695 -41.26 -3.54 30.69
CA GLY A 695 -42.59 -3.15 31.13
C GLY A 695 -43.06 -1.80 30.65
N ILE A 696 -42.26 -1.07 29.88
CA ILE A 696 -42.66 0.25 29.42
C ILE A 696 -43.92 0.14 28.57
N GLU B 17 54.20 15.73 -37.43
CA GLU B 17 53.20 15.79 -38.48
C GLU B 17 51.81 15.46 -37.93
N VAL B 18 50.80 16.07 -38.53
CA VAL B 18 49.40 15.87 -38.15
C VAL B 18 48.67 15.40 -39.39
N GLU B 19 48.44 14.09 -39.50
CA GLU B 19 47.70 13.56 -40.64
C GLU B 19 46.21 13.80 -40.44
N THR B 20 45.46 13.65 -41.54
CA THR B 20 44.02 13.77 -41.52
C THR B 20 43.43 12.69 -42.40
N PHE B 21 42.37 12.05 -41.89
CA PHE B 21 41.72 10.94 -42.59
C PHE B 21 40.23 11.20 -42.67
N ALA B 22 39.54 10.33 -43.40
CA ALA B 22 38.09 10.34 -43.49
C ALA B 22 37.54 9.02 -42.99
N PHE B 23 36.36 9.07 -42.41
CA PHE B 23 35.73 7.87 -41.88
C PHE B 23 35.39 6.90 -43.01
N GLN B 24 35.32 5.62 -42.67
CA GLN B 24 35.04 4.56 -43.62
C GLN B 24 33.97 3.63 -43.04
N ALA B 25 33.54 2.68 -43.86
CA ALA B 25 32.52 1.73 -43.46
C ALA B 25 32.92 0.33 -43.89
N GLU B 26 32.40 -0.66 -43.17
CA GLU B 26 32.58 -2.06 -43.50
C GLU B 26 31.24 -2.59 -43.99
N ILE B 27 31.15 -2.82 -45.31
CA ILE B 27 29.84 -3.04 -45.92
C ILE B 27 29.24 -4.38 -45.46
N ALA B 28 30.07 -5.43 -45.38
CA ALA B 28 29.55 -6.72 -44.94
C ALA B 28 28.97 -6.63 -43.53
N GLN B 29 29.75 -6.09 -42.60
CA GLN B 29 29.27 -5.97 -41.23
C GLN B 29 28.11 -5.00 -41.12
N LEU B 30 28.12 -3.94 -41.93
CA LEU B 30 26.99 -2.99 -41.92
C LEU B 30 25.70 -3.68 -42.36
N MET B 31 25.78 -4.48 -43.42
CA MET B 31 24.60 -5.22 -43.87
C MET B 31 24.14 -6.21 -42.82
N SER B 32 25.09 -6.90 -42.17
CA SER B 32 24.71 -7.81 -41.10
C SER B 32 24.00 -7.08 -39.97
N LEU B 33 24.52 -5.92 -39.57
CA LEU B 33 23.88 -5.14 -38.53
C LEU B 33 22.47 -4.74 -38.94
N ILE B 34 22.31 -4.28 -40.17
CA ILE B 34 20.98 -3.84 -40.61
C ILE B 34 20.00 -5.00 -40.58
N ILE B 35 20.42 -6.17 -41.08
CA ILE B 35 19.50 -7.29 -41.18
C ILE B 35 19.16 -7.84 -39.80
N ASN B 36 20.14 -7.95 -38.91
CA ASN B 36 19.99 -8.74 -37.69
C ASN B 36 19.56 -7.92 -36.48
N THR B 37 20.16 -6.75 -36.25
CA THR B 37 20.04 -6.08 -34.97
C THR B 37 19.14 -4.85 -34.99
N PHE B 38 18.55 -4.49 -36.13
CA PHE B 38 17.78 -3.26 -36.21
C PHE B 38 16.31 -3.45 -35.85
N TYR B 39 15.66 -4.46 -36.42
CA TYR B 39 14.23 -4.66 -36.30
C TYR B 39 13.94 -5.91 -35.48
N SER B 40 12.99 -5.80 -34.55
CA SER B 40 12.66 -6.91 -33.67
C SER B 40 11.56 -7.79 -34.23
N ASN B 41 10.57 -7.21 -34.90
CA ASN B 41 9.52 -7.95 -35.57
C ASN B 41 9.86 -8.09 -37.04
N LYS B 42 9.69 -9.30 -37.58
CA LYS B 42 9.97 -9.56 -38.98
C LYS B 42 8.83 -9.14 -39.89
N GLU B 43 7.71 -8.69 -39.33
CA GLU B 43 6.54 -8.33 -40.13
C GLU B 43 6.60 -6.91 -40.68
N ILE B 44 7.52 -6.07 -40.18
CA ILE B 44 7.56 -4.67 -40.62
C ILE B 44 8.17 -4.50 -42.00
N PHE B 45 8.64 -5.58 -42.63
CA PHE B 45 9.13 -5.47 -44.00
C PHE B 45 8.02 -5.01 -44.93
N LEU B 46 6.80 -5.53 -44.72
CA LEU B 46 5.67 -5.09 -45.53
C LEU B 46 5.38 -3.61 -45.30
N ARG B 47 5.47 -3.15 -44.05
CA ARG B 47 5.29 -1.74 -43.77
C ARG B 47 6.32 -0.89 -44.52
N GLU B 48 7.58 -1.33 -44.51
CA GLU B 48 8.61 -0.59 -45.21
C GLU B 48 8.36 -0.53 -46.71
N LEU B 49 7.99 -1.66 -47.31
CA LEU B 49 7.75 -1.68 -48.75
C LEU B 49 6.55 -0.82 -49.12
N ILE B 50 5.49 -0.87 -48.32
CA ILE B 50 4.31 -0.06 -48.61
C ILE B 50 4.63 1.42 -48.43
N SER B 51 5.47 1.76 -47.46
CA SER B 51 5.90 3.15 -47.30
C SER B 51 6.69 3.61 -48.52
N ASN B 52 7.57 2.76 -49.03
CA ASN B 52 8.33 3.11 -50.23
C ASN B 52 7.40 3.34 -51.42
N ALA B 53 6.42 2.45 -51.60
CA ALA B 53 5.48 2.60 -52.71
C ALA B 53 4.67 3.89 -52.56
N SER B 54 4.23 4.20 -51.34
CA SER B 54 3.48 5.43 -51.12
C SER B 54 4.33 6.65 -51.45
N ASP B 55 5.60 6.64 -51.06
CA ASP B 55 6.48 7.75 -51.40
C ASP B 55 6.62 7.90 -52.91
N ALA B 56 6.77 6.79 -53.62
CA ALA B 56 6.90 6.86 -55.08
C ALA B 56 5.64 7.43 -55.71
N LEU B 57 4.47 7.00 -55.25
CA LEU B 57 3.22 7.52 -55.79
C LEU B 57 3.08 9.01 -55.48
N ASP B 58 3.48 9.43 -54.28
CA ASP B 58 3.46 10.85 -53.96
C ASP B 58 4.36 11.63 -54.92
N LYS B 59 5.55 11.11 -55.20
CA LYS B 59 6.47 11.78 -56.09
C LYS B 59 5.86 11.96 -57.48
N ILE B 60 5.35 10.86 -58.06
CA ILE B 60 4.80 10.96 -59.41
C ILE B 60 3.60 11.90 -59.44
N ARG B 61 2.72 11.79 -58.44
CA ARG B 61 1.54 12.65 -58.42
C ARG B 61 1.91 14.12 -58.32
N TYR B 62 2.88 14.45 -57.45
CA TYR B 62 3.32 15.84 -57.34
C TYR B 62 3.94 16.34 -58.64
N GLU B 63 4.76 15.50 -59.29
CA GLU B 63 5.39 15.93 -60.53
C GLU B 63 4.36 16.20 -61.61
N SER B 64 3.28 15.39 -61.65
CA SER B 64 2.26 15.55 -62.68
C SER B 64 1.41 16.79 -62.50
N LEU B 65 1.53 17.49 -61.36
CA LEU B 65 0.71 18.68 -61.14
C LEU B 65 1.01 19.73 -62.20
N THR B 66 2.28 19.97 -62.49
CA THR B 66 2.69 21.00 -63.44
C THR B 66 3.09 20.43 -64.79
N ASP B 67 2.80 19.16 -65.06
CA ASP B 67 3.10 18.56 -66.35
C ASP B 67 2.24 17.32 -66.55
N PRO B 68 0.95 17.48 -66.86
CA PRO B 68 0.07 16.31 -66.98
C PRO B 68 0.54 15.28 -67.99
N SER B 69 1.51 15.60 -68.84
CA SER B 69 2.04 14.62 -69.77
C SER B 69 2.80 13.50 -69.08
N LYS B 70 3.16 13.68 -67.81
CA LYS B 70 3.90 12.65 -67.09
C LYS B 70 3.04 11.44 -66.74
N LEU B 71 1.73 11.51 -66.96
CA LEU B 71 0.83 10.38 -66.68
C LEU B 71 0.42 9.65 -67.95
N ASP B 72 1.09 9.90 -69.08
CA ASP B 72 0.70 9.25 -70.32
C ASP B 72 0.88 7.73 -70.23
N SER B 73 1.76 7.27 -69.36
CA SER B 73 1.96 5.84 -69.12
C SER B 73 1.11 5.35 -67.94
N GLY B 74 -0.17 5.63 -67.98
CA GLY B 74 -1.08 5.24 -66.90
C GLY B 74 -1.50 6.45 -66.08
N LYS B 75 -2.78 6.48 -65.72
CA LYS B 75 -3.35 7.61 -64.98
C LYS B 75 -3.78 7.25 -63.57
N GLU B 76 -3.74 5.98 -63.18
CA GLU B 76 -4.22 5.53 -61.89
C GLU B 76 -3.03 5.20 -60.99
N LEU B 77 -3.09 5.67 -59.75
CA LEU B 77 -2.04 5.43 -58.76
C LEU B 77 -2.56 4.45 -57.72
N LYS B 78 -1.85 3.34 -57.53
CA LYS B 78 -2.36 2.25 -56.71
C LYS B 78 -1.19 1.38 -56.25
N ILE B 79 -1.49 0.43 -55.37
CA ILE B 79 -0.53 -0.55 -54.91
C ILE B 79 -1.22 -1.91 -54.92
N ASP B 80 -0.49 -2.95 -55.37
CA ASP B 80 -1.02 -4.30 -55.45
C ASP B 80 -0.09 -5.27 -54.74
N ILE B 81 -0.67 -6.27 -54.07
CA ILE B 81 0.07 -7.34 -53.42
C ILE B 81 -0.39 -8.65 -54.04
N ILE B 82 0.57 -9.50 -54.41
CA ILE B 82 0.28 -10.72 -55.15
C ILE B 82 1.05 -11.90 -54.56
N PRO B 83 0.48 -12.65 -53.63
CA PRO B 83 1.14 -13.89 -53.18
C PRO B 83 1.14 -14.95 -54.27
N ASN B 84 2.10 -15.86 -54.16
CA ASN B 84 2.28 -16.93 -55.14
C ASN B 84 2.87 -18.15 -54.45
N PRO B 85 2.03 -18.95 -53.78
CA PRO B 85 2.57 -20.13 -53.09
C PRO B 85 3.25 -21.13 -54.01
N GLN B 86 2.92 -21.14 -55.30
CA GLN B 86 3.54 -22.07 -56.22
C GLN B 86 5.03 -21.78 -56.36
N GLU B 87 5.40 -20.53 -56.62
CA GLU B 87 6.79 -20.12 -56.69
C GLU B 87 7.35 -19.72 -55.34
N ARG B 88 6.51 -19.62 -54.31
CA ARG B 88 6.92 -19.15 -52.99
C ARG B 88 7.54 -17.76 -53.08
N THR B 89 6.76 -16.83 -53.65
CA THR B 89 7.21 -15.45 -53.81
C THR B 89 6.07 -14.50 -53.47
N LEU B 90 6.44 -13.29 -53.08
CA LEU B 90 5.50 -12.21 -52.81
C LEU B 90 5.87 -11.02 -53.66
N THR B 91 4.89 -10.43 -54.33
CA THR B 91 5.11 -9.31 -55.23
C THR B 91 4.34 -8.10 -54.72
N LEU B 92 4.96 -6.92 -54.87
CA LEU B 92 4.34 -5.66 -54.50
C LEU B 92 4.56 -4.68 -55.65
N VAL B 93 3.51 -4.45 -56.44
CA VAL B 93 3.59 -3.63 -57.63
C VAL B 93 3.01 -2.26 -57.34
N ASP B 94 3.71 -1.21 -57.76
CA ASP B 94 3.20 0.15 -57.66
C ASP B 94 3.45 0.87 -58.97
N THR B 95 2.62 1.86 -59.26
CA THR B 95 2.69 2.65 -60.48
C THR B 95 3.28 4.04 -60.21
N GLY B 96 4.28 4.11 -59.34
CA GLY B 96 4.86 5.37 -58.95
C GLY B 96 5.84 5.91 -59.98
N ILE B 97 6.70 6.82 -59.51
CA ILE B 97 7.60 7.53 -60.41
C ILE B 97 8.59 6.57 -61.08
N GLY B 98 9.01 5.54 -60.37
CA GLY B 98 9.98 4.60 -60.91
C GLY B 98 11.40 5.08 -60.75
N MET B 99 12.33 4.20 -61.10
CA MET B 99 13.75 4.45 -60.91
C MET B 99 14.50 4.31 -62.23
N THR B 100 15.41 5.25 -62.49
CA THR B 100 16.33 5.11 -63.60
C THR B 100 17.51 4.25 -63.19
N LYS B 101 18.37 3.94 -64.17
CA LYS B 101 19.55 3.13 -63.87
C LYS B 101 20.44 3.83 -62.86
N ALA B 102 20.73 5.11 -63.08
CA ALA B 102 21.56 5.86 -62.15
C ALA B 102 20.91 5.94 -60.78
N ASP B 103 19.60 6.22 -60.73
CA ASP B 103 18.90 6.24 -59.46
C ASP B 103 18.92 4.87 -58.80
N LEU B 104 18.72 3.81 -59.59
CA LEU B 104 18.81 2.46 -59.03
C LEU B 104 20.15 2.27 -58.32
N ILE B 105 21.24 2.55 -59.02
CA ILE B 105 22.58 2.32 -58.47
C ILE B 105 22.80 3.18 -57.23
N ASN B 106 22.43 4.46 -57.30
CA ASN B 106 22.77 5.39 -56.23
C ASN B 106 21.90 5.21 -55.00
N ASN B 107 20.65 4.78 -55.16
CA ASN B 107 19.70 4.69 -54.05
C ASN B 107 19.58 3.28 -53.49
N LEU B 108 19.35 2.28 -54.33
CA LEU B 108 19.21 0.93 -53.80
C LEU B 108 20.55 0.34 -53.42
N GLY B 109 21.62 0.71 -54.11
CA GLY B 109 22.93 0.16 -53.86
C GLY B 109 23.74 0.85 -52.79
N THR B 110 23.24 1.95 -52.23
CA THR B 110 23.97 2.72 -51.22
C THR B 110 23.21 2.66 -49.90
N ILE B 111 23.91 2.35 -48.83
CA ILE B 111 23.32 2.26 -47.49
C ILE B 111 23.35 3.64 -46.87
N ALA B 112 22.19 4.07 -46.33
CA ALA B 112 22.01 5.36 -45.69
C ALA B 112 21.89 6.51 -46.67
N LYS B 113 21.59 6.22 -47.94
CA LYS B 113 21.32 7.22 -48.96
C LYS B 113 19.85 7.15 -49.29
N SER B 114 19.15 8.28 -49.18
CA SER B 114 17.71 8.36 -49.35
C SER B 114 17.39 9.29 -50.51
N GLY B 115 16.74 8.74 -51.55
CA GLY B 115 16.25 9.59 -52.61
C GLY B 115 15.12 10.49 -52.16
N THR B 116 14.28 10.00 -51.25
CA THR B 116 13.15 10.79 -50.77
C THR B 116 13.64 12.06 -50.06
N LYS B 117 14.68 11.94 -49.25
CA LYS B 117 15.21 13.11 -48.55
C LYS B 117 15.71 14.16 -49.54
N ALA B 118 16.46 13.73 -50.56
CA ALA B 118 16.96 14.67 -51.56
C ALA B 118 15.82 15.31 -52.34
N PHE B 119 14.82 14.51 -52.70
CA PHE B 119 13.66 15.05 -53.40
C PHE B 119 12.97 16.12 -52.58
N MET B 120 12.79 15.87 -51.28
CA MET B 120 12.17 16.86 -50.42
C MET B 120 13.04 18.11 -50.30
N GLU B 121 14.36 17.93 -50.19
CA GLU B 121 15.26 19.07 -50.02
C GLU B 121 15.24 19.97 -51.25
N ALA B 122 15.34 19.37 -52.44
CA ALA B 122 15.29 20.15 -53.67
C ALA B 122 13.92 20.76 -53.91
N LEU B 123 12.91 20.35 -53.15
CA LEU B 123 11.55 20.83 -53.36
C LEU B 123 11.44 22.30 -52.98
N GLN B 124 10.71 23.06 -53.79
CA GLN B 124 10.45 24.46 -53.45
C GLN B 124 9.72 24.56 -52.14
N ALA B 125 10.17 25.44 -51.26
CA ALA B 125 9.56 25.59 -49.95
C ALA B 125 8.11 26.00 -50.08
N GLY B 126 7.26 25.47 -49.21
CA GLY B 126 5.85 25.81 -49.19
C GLY B 126 5.03 25.00 -50.17
N ALA B 127 5.10 23.68 -50.06
CA ALA B 127 4.34 22.79 -50.93
C ALA B 127 3.70 21.70 -50.09
N ASP B 128 2.60 21.15 -50.61
CA ASP B 128 1.81 20.15 -49.89
C ASP B 128 2.33 18.77 -50.26
N ILE B 129 3.21 18.23 -49.44
CA ILE B 129 3.66 16.85 -49.57
C ILE B 129 4.33 16.45 -48.27
N SER B 130 4.07 15.21 -47.83
CA SER B 130 4.59 14.70 -46.57
C SER B 130 4.97 13.24 -46.79
N MET B 131 6.23 13.00 -47.12
CA MET B 131 6.71 11.69 -47.52
C MET B 131 7.43 11.01 -46.37
N ILE B 132 7.09 9.74 -46.12
CA ILE B 132 7.86 8.95 -45.18
C ILE B 132 9.24 8.67 -45.75
N GLY B 133 10.19 8.38 -44.88
CA GLY B 133 11.50 7.96 -45.32
C GLY B 133 12.56 9.02 -45.24
N GLN B 134 13.50 8.88 -44.30
CA GLN B 134 14.59 9.83 -44.16
C GLN B 134 15.93 9.18 -43.85
N PHE B 135 15.98 7.86 -43.67
CA PHE B 135 17.20 7.19 -43.23
C PHE B 135 17.96 6.52 -44.37
N GLY B 136 17.27 5.86 -45.29
CA GLY B 136 17.92 5.20 -46.39
C GLY B 136 18.31 3.76 -46.13
N VAL B 137 17.72 3.11 -45.12
CA VAL B 137 18.03 1.73 -44.81
C VAL B 137 16.79 0.85 -44.73
N GLY B 138 15.61 1.38 -45.00
CA GLY B 138 14.40 0.61 -44.84
C GLY B 138 14.28 -0.55 -45.81
N PHE B 139 14.78 -0.36 -47.03
CA PHE B 139 14.61 -1.39 -48.07
C PHE B 139 15.27 -2.70 -47.67
N TYR B 140 16.28 -2.67 -46.83
CA TYR B 140 17.02 -3.87 -46.47
C TYR B 140 16.34 -4.68 -45.38
N SER B 141 15.23 -4.20 -44.82
CA SER B 141 14.43 -5.05 -43.95
C SER B 141 13.74 -6.16 -44.74
N ALA B 142 13.67 -6.04 -46.07
CA ALA B 142 13.06 -7.09 -46.89
C ALA B 142 13.82 -8.40 -46.75
N TYR B 143 15.11 -8.34 -46.45
CA TYR B 143 15.90 -9.55 -46.26
C TYR B 143 15.66 -10.20 -44.91
N LEU B 144 14.72 -9.69 -44.12
CA LEU B 144 14.29 -10.40 -42.93
C LEU B 144 13.55 -11.67 -43.27
N VAL B 145 12.91 -11.72 -44.44
CA VAL B 145 12.04 -12.83 -44.81
C VAL B 145 12.41 -13.39 -46.17
N ALA B 146 13.21 -12.66 -46.94
CA ALA B 146 13.50 -13.00 -48.33
C ALA B 146 14.94 -13.47 -48.45
N GLU B 147 15.14 -14.56 -49.18
CA GLU B 147 16.49 -15.02 -49.51
C GLU B 147 17.07 -14.28 -50.71
N LYS B 148 16.21 -13.76 -51.59
CA LYS B 148 16.64 -13.06 -52.78
C LYS B 148 15.56 -12.07 -53.17
N VAL B 149 15.96 -10.90 -53.63
CA VAL B 149 15.03 -9.82 -53.96
C VAL B 149 15.31 -9.35 -55.39
N VAL B 150 14.25 -9.21 -56.17
CA VAL B 150 14.32 -8.73 -57.54
C VAL B 150 13.45 -7.49 -57.66
N VAL B 151 14.02 -6.42 -58.21
CA VAL B 151 13.31 -5.16 -58.40
C VAL B 151 13.31 -4.85 -59.90
N ILE B 152 12.12 -4.65 -60.46
CA ILE B 152 11.95 -4.28 -61.86
C ILE B 152 11.37 -2.87 -61.90
N THR B 153 12.13 -1.94 -62.47
CA THR B 153 11.77 -0.53 -62.45
C THR B 153 11.63 -0.01 -63.87
N LYS B 154 10.94 1.11 -64.00
CA LYS B 154 10.72 1.72 -65.31
C LYS B 154 10.39 3.20 -65.09
N HIS B 155 11.29 4.07 -65.52
CA HIS B 155 11.11 5.51 -65.38
C HIS B 155 10.60 6.10 -66.69
N ASN B 156 10.13 7.34 -66.61
CA ASN B 156 9.63 8.04 -67.79
C ASN B 156 10.77 8.52 -68.69
N ASP B 157 11.99 8.61 -68.17
CA ASP B 157 13.15 9.09 -68.93
C ASP B 157 14.18 7.99 -69.18
N ASP B 158 13.77 6.73 -69.10
CA ASP B 158 14.72 5.64 -69.20
C ASP B 158 13.97 4.36 -69.55
N GLU B 159 14.74 3.32 -69.87
CA GLU B 159 14.18 2.02 -70.20
C GLU B 159 13.87 1.25 -68.93
N GLN B 160 13.55 -0.04 -69.05
CA GLN B 160 13.20 -0.89 -67.92
C GLN B 160 14.38 -1.75 -67.53
N TYR B 161 14.67 -1.79 -66.24
CA TYR B 161 15.84 -2.49 -65.70
C TYR B 161 15.41 -3.47 -64.62
N ALA B 162 16.30 -4.42 -64.34
CA ALA B 162 16.10 -5.39 -63.27
C ALA B 162 17.27 -5.32 -62.30
N TRP B 163 16.95 -5.19 -61.01
CA TRP B 163 17.94 -5.11 -59.94
C TRP B 163 17.80 -6.35 -59.08
N GLU B 164 18.90 -7.07 -58.90
CA GLU B 164 18.88 -8.36 -58.21
C GLU B 164 20.03 -8.43 -57.22
N SER B 165 19.79 -9.11 -56.11
CA SER B 165 20.82 -9.26 -55.08
C SER B 165 20.35 -10.27 -54.05
N SER B 166 21.28 -10.68 -53.19
CA SER B 166 20.97 -11.52 -52.03
C SER B 166 21.56 -10.92 -50.77
N ALA B 167 21.87 -9.62 -50.77
CA ALA B 167 22.52 -8.96 -49.65
C ALA B 167 23.83 -9.67 -49.29
N GLY B 168 24.56 -10.10 -50.32
CA GLY B 168 25.81 -10.80 -50.14
C GLY B 168 27.01 -10.01 -50.64
N GLY B 169 26.97 -8.69 -50.47
CA GLY B 169 28.09 -7.85 -50.80
C GLY B 169 28.09 -7.29 -52.21
N SER B 170 27.18 -7.74 -53.08
CA SER B 170 27.13 -7.24 -54.45
C SER B 170 25.72 -7.38 -54.99
N PHE B 171 25.43 -6.60 -56.03
CA PHE B 171 24.16 -6.67 -56.74
C PHE B 171 24.42 -6.50 -58.22
N THR B 172 23.52 -7.03 -59.03
CA THR B 172 23.62 -6.98 -60.49
C THR B 172 22.48 -6.13 -61.05
N VAL B 173 22.79 -5.38 -62.10
CA VAL B 173 21.79 -4.61 -62.85
C VAL B 173 21.89 -5.02 -64.31
N ARG B 174 20.73 -5.27 -64.92
CA ARG B 174 20.67 -5.65 -66.31
C ARG B 174 19.40 -5.07 -66.93
N ALA B 175 19.45 -4.83 -68.23
CA ALA B 175 18.25 -4.47 -68.96
C ALA B 175 17.27 -5.63 -68.94
N ASP B 176 16.01 -5.33 -68.68
CA ASP B 176 14.97 -6.34 -68.52
C ASP B 176 14.00 -6.29 -69.69
N HIS B 177 13.83 -7.43 -70.35
CA HIS B 177 12.84 -7.61 -71.40
C HIS B 177 11.81 -8.62 -70.92
N GLY B 178 10.54 -8.28 -71.10
CA GLY B 178 9.46 -9.13 -70.62
C GLY B 178 8.16 -8.36 -70.64
N GLU B 179 7.23 -8.79 -69.79
CA GLU B 179 5.98 -8.06 -69.64
C GLU B 179 6.30 -6.61 -69.30
N PRO B 180 5.79 -5.64 -70.06
CA PRO B 180 6.19 -4.24 -69.81
C PRO B 180 5.41 -3.64 -68.66
N ILE B 181 6.13 -3.05 -67.72
CA ILE B 181 5.54 -2.20 -66.69
C ILE B 181 5.42 -0.81 -67.28
N GLY B 182 4.19 -0.31 -67.41
CA GLY B 182 3.99 0.98 -68.04
C GLY B 182 4.79 2.07 -67.35
N ARG B 183 4.79 2.07 -66.02
CA ARG B 183 5.57 2.99 -65.23
C ARG B 183 5.49 2.55 -63.78
N GLY B 184 6.62 2.64 -63.07
CA GLY B 184 6.64 2.29 -61.66
C GLY B 184 7.66 1.23 -61.32
N THR B 185 7.44 0.54 -60.21
CA THR B 185 8.38 -0.44 -59.70
C THR B 185 7.64 -1.71 -59.32
N LYS B 186 8.36 -2.83 -59.39
CA LYS B 186 7.85 -4.12 -58.98
C LYS B 186 8.92 -4.80 -58.14
N VAL B 187 8.56 -5.20 -56.93
CA VAL B 187 9.49 -5.83 -56.00
C VAL B 187 9.02 -7.26 -55.77
N ILE B 188 9.89 -8.22 -56.05
CA ILE B 188 9.59 -9.64 -55.91
C ILE B 188 10.51 -10.20 -54.84
N LEU B 189 9.92 -10.80 -53.81
CA LEU B 189 10.66 -11.38 -52.70
C LEU B 189 10.56 -12.90 -52.79
N HIS B 190 11.72 -13.56 -52.78
CA HIS B 190 11.78 -15.02 -52.72
C HIS B 190 11.86 -15.41 -51.25
N LEU B 191 10.72 -15.74 -50.65
CA LEU B 191 10.66 -15.96 -49.23
C LEU B 191 11.49 -17.18 -48.84
N LYS B 192 11.96 -17.18 -47.60
CA LYS B 192 12.74 -18.30 -47.09
C LYS B 192 11.84 -19.51 -46.84
N GLU B 193 12.47 -20.67 -46.70
CA GLU B 193 11.73 -21.91 -46.51
C GLU B 193 10.93 -21.91 -45.23
N ASP B 194 11.27 -21.05 -44.26
CA ASP B 194 10.56 -20.99 -42.98
C ASP B 194 9.68 -19.76 -42.84
N GLN B 195 9.62 -18.91 -43.86
CA GLN B 195 8.87 -17.66 -43.81
C GLN B 195 7.62 -17.70 -44.69
N THR B 196 7.07 -18.89 -44.91
CA THR B 196 5.94 -19.05 -45.82
C THR B 196 4.62 -18.65 -45.20
N GLU B 197 4.60 -18.20 -43.94
CA GLU B 197 3.37 -17.75 -43.32
C GLU B 197 2.83 -16.47 -43.93
N TYR B 198 3.62 -15.76 -44.72
CA TYR B 198 3.22 -14.49 -45.31
C TYR B 198 2.62 -14.66 -46.70
N LEU B 199 2.38 -15.89 -47.14
CA LEU B 199 1.67 -16.15 -48.37
C LEU B 199 0.20 -16.46 -48.14
N GLU B 200 -0.28 -16.37 -46.91
CA GLU B 200 -1.67 -16.64 -46.57
C GLU B 200 -2.45 -15.34 -46.42
N GLU B 201 -3.76 -15.42 -46.71
CA GLU B 201 -4.58 -14.22 -46.70
C GLU B 201 -4.65 -13.59 -45.31
N ARG B 202 -4.87 -14.41 -44.28
CA ARG B 202 -5.08 -13.88 -42.94
C ARG B 202 -3.88 -13.06 -42.47
N ARG B 203 -2.67 -13.61 -42.66
CA ARG B 203 -1.48 -12.95 -42.14
C ARG B 203 -1.24 -11.62 -42.83
N VAL B 204 -1.34 -11.59 -44.16
CA VAL B 204 -1.11 -10.35 -44.89
C VAL B 204 -2.17 -9.32 -44.54
N LYS B 205 -3.43 -9.76 -44.46
CA LYS B 205 -4.50 -8.86 -44.06
C LYS B 205 -4.21 -8.23 -42.71
N GLU B 206 -3.84 -9.06 -41.73
CA GLU B 206 -3.60 -8.55 -40.38
C GLU B 206 -2.42 -7.59 -40.36
N VAL B 207 -1.34 -7.92 -41.06
CA VAL B 207 -0.17 -7.04 -41.06
C VAL B 207 -0.53 -5.69 -41.67
N VAL B 208 -1.21 -5.70 -42.82
CA VAL B 208 -1.55 -4.44 -43.48
C VAL B 208 -2.50 -3.62 -42.63
N LYS B 209 -3.47 -4.28 -42.00
CA LYS B 209 -4.40 -3.56 -41.13
C LYS B 209 -3.67 -2.94 -39.95
N LYS B 210 -2.71 -3.66 -39.37
CA LYS B 210 -2.02 -3.16 -38.19
C LYS B 210 -1.11 -1.98 -38.53
N HIS B 211 -0.41 -2.04 -39.67
CA HIS B 211 0.65 -1.08 -39.95
C HIS B 211 0.30 -0.07 -41.03
N SER B 212 -0.33 -0.48 -42.12
CA SER B 212 -0.53 0.38 -43.29
C SER B 212 -2.00 0.70 -43.54
N GLN B 213 -2.76 0.88 -42.46
CA GLN B 213 -4.20 1.04 -42.60
C GLN B 213 -4.56 2.32 -43.35
N PHE B 214 -3.84 3.41 -43.10
CA PHE B 214 -4.21 4.73 -43.57
C PHE B 214 -3.26 5.28 -44.62
N ILE B 215 -2.77 4.41 -45.51
CA ILE B 215 -1.99 4.88 -46.63
C ILE B 215 -2.91 5.56 -47.64
N GLY B 216 -2.41 6.61 -48.27
CA GLY B 216 -3.23 7.49 -49.10
C GLY B 216 -3.61 6.95 -50.45
N TYR B 217 -3.33 5.68 -50.74
CA TYR B 217 -3.65 5.09 -52.03
C TYR B 217 -4.20 3.69 -51.80
N PRO B 218 -5.06 3.21 -52.69
CA PRO B 218 -5.62 1.86 -52.51
C PRO B 218 -4.53 0.80 -52.52
N ILE B 219 -4.71 -0.21 -51.68
CA ILE B 219 -3.77 -1.32 -51.55
C ILE B 219 -4.56 -2.59 -51.84
N THR B 220 -4.57 -3.01 -53.11
CA THR B 220 -5.35 -4.16 -53.51
C THR B 220 -4.55 -5.44 -53.30
N LEU B 221 -5.26 -6.52 -52.97
CA LEU B 221 -4.67 -7.84 -52.79
C LEU B 221 -5.27 -8.79 -53.81
N TYR B 222 -4.43 -9.61 -54.43
CA TYR B 222 -4.85 -10.55 -55.46
C TYR B 222 -4.66 -11.97 -54.95
N LEU B 223 -5.73 -12.76 -54.98
CA LEU B 223 -5.72 -14.10 -54.41
C LEU B 223 -6.50 -15.04 -55.31
N GLU B 224 -6.15 -16.33 -55.22
CA GLU B 224 -6.81 -17.37 -55.98
C GLU B 224 -7.95 -17.95 -55.15
N LYS B 225 -9.18 -17.77 -55.62
CA LYS B 225 -10.35 -18.25 -54.90
C LYS B 225 -11.16 -19.21 -55.77
N LYS B 281 -11.85 -21.24 -61.02
CA LYS B 281 -11.07 -20.32 -60.21
C LYS B 281 -10.93 -18.97 -60.91
N TYR B 282 -10.52 -17.95 -60.16
CA TYR B 282 -10.42 -16.60 -60.68
C TYR B 282 -9.56 -15.77 -59.74
N ILE B 283 -9.18 -14.58 -60.21
CA ILE B 283 -8.36 -13.66 -59.44
C ILE B 283 -9.30 -12.70 -58.72
N ASP B 284 -9.41 -12.86 -57.41
CA ASP B 284 -10.23 -11.97 -56.59
C ASP B 284 -9.39 -10.78 -56.10
N GLN B 285 -10.08 -9.70 -55.78
CA GLN B 285 -9.43 -8.46 -55.37
C GLN B 285 -10.11 -7.87 -54.14
N GLU B 286 -9.31 -7.27 -53.26
CA GLU B 286 -9.80 -6.62 -52.06
C GLU B 286 -8.94 -5.41 -51.76
N GLU B 287 -9.57 -4.29 -51.39
CA GLU B 287 -8.83 -3.04 -51.23
C GLU B 287 -8.08 -2.97 -49.90
N LEU B 288 -8.64 -3.52 -48.82
CA LEU B 288 -7.95 -3.67 -47.55
C LEU B 288 -7.75 -2.36 -46.79
N ASN B 289 -8.01 -1.22 -47.42
CA ASN B 289 -7.84 0.08 -46.76
C ASN B 289 -8.95 1.03 -47.18
N LYS B 290 -10.19 0.55 -47.15
CA LYS B 290 -11.32 1.34 -47.63
C LYS B 290 -11.46 2.64 -46.85
N THR B 291 -11.27 2.60 -45.54
CA THR B 291 -11.47 3.78 -44.71
C THR B 291 -10.37 4.82 -44.96
N LYS B 292 -10.68 6.08 -44.66
CA LYS B 292 -9.77 7.19 -44.87
C LYS B 292 -9.51 7.93 -43.57
N PRO B 293 -8.36 8.59 -43.44
CA PRO B 293 -8.05 9.36 -42.21
C PRO B 293 -8.75 10.73 -42.16
N ILE B 294 -9.98 10.71 -41.67
CA ILE B 294 -10.78 11.95 -41.63
C ILE B 294 -10.13 13.02 -40.76
N TRP B 295 -9.22 12.64 -39.86
CA TRP B 295 -8.61 13.62 -38.97
C TRP B 295 -7.72 14.61 -39.70
N THR B 296 -7.41 14.37 -40.97
CA THR B 296 -6.64 15.33 -41.76
C THR B 296 -7.49 16.48 -42.27
N ARG B 297 -8.81 16.36 -42.23
CA ARG B 297 -9.71 17.40 -42.71
C ARG B 297 -10.00 18.41 -41.59
N ASN B 298 -10.54 19.55 -41.99
CA ASN B 298 -10.92 20.56 -41.01
C ASN B 298 -12.09 20.04 -40.16
N PRO B 299 -12.06 20.27 -38.85
CA PRO B 299 -13.17 19.78 -38.02
C PRO B 299 -14.52 20.35 -38.41
N ASP B 300 -14.56 21.59 -38.92
CA ASP B 300 -15.84 22.20 -39.26
C ASP B 300 -16.52 21.48 -40.42
N ASP B 301 -15.74 20.94 -41.36
CA ASP B 301 -16.29 20.32 -42.56
C ASP B 301 -16.92 18.97 -42.31
N ILE B 302 -16.64 18.33 -41.18
CA ILE B 302 -17.04 16.95 -40.93
C ILE B 302 -18.38 16.92 -40.23
N THR B 303 -19.30 16.11 -40.74
CA THR B 303 -20.59 15.91 -40.11
C THR B 303 -20.57 14.69 -39.20
N GLN B 304 -21.52 14.63 -38.27
CA GLN B 304 -21.51 13.58 -37.26
C GLN B 304 -21.64 12.20 -37.87
N GLU B 305 -22.28 12.09 -39.04
CA GLU B 305 -22.40 10.78 -39.68
C GLU B 305 -21.04 10.24 -40.11
N GLU B 306 -20.19 11.11 -40.67
CA GLU B 306 -18.84 10.68 -41.04
C GLU B 306 -18.05 10.27 -39.81
N TYR B 307 -18.19 11.01 -38.73
CA TYR B 307 -17.53 10.64 -37.48
C TYR B 307 -18.00 9.27 -37.00
N GLY B 308 -19.30 9.02 -37.09
CA GLY B 308 -19.81 7.70 -36.69
C GLY B 308 -19.26 6.59 -37.56
N GLU B 309 -19.17 6.83 -38.87
CA GLU B 309 -18.63 5.82 -39.76
C GLU B 309 -17.16 5.52 -39.43
N PHE B 310 -16.37 6.58 -39.21
CA PHE B 310 -14.96 6.37 -38.87
C PHE B 310 -14.83 5.64 -37.55
N TYR B 311 -15.64 6.01 -36.55
CA TYR B 311 -15.55 5.36 -35.25
C TYR B 311 -15.92 3.89 -35.35
N LYS B 312 -16.98 3.57 -36.09
CA LYS B 312 -17.37 2.17 -36.25
C LYS B 312 -16.28 1.38 -36.97
N SER B 313 -15.68 1.97 -38.01
CA SER B 313 -14.61 1.27 -38.71
C SER B 313 -13.42 1.04 -37.79
N LEU B 314 -13.13 2.01 -36.92
CA LEU B 314 -11.96 1.91 -36.05
C LEU B 314 -12.16 0.88 -34.94
N THR B 315 -13.34 0.87 -34.32
CA THR B 315 -13.58 0.07 -33.12
C THR B 315 -14.48 -1.13 -33.35
N ASN B 316 -15.01 -1.31 -34.55
CA ASN B 316 -15.89 -2.44 -34.84
C ASN B 316 -17.08 -2.48 -33.88
N ASP B 317 -17.69 -1.32 -33.64
CA ASP B 317 -18.83 -1.20 -32.75
C ASP B 317 -20.11 -1.08 -33.57
N TRP B 318 -21.13 -1.85 -33.19
CA TRP B 318 -22.37 -1.85 -33.94
C TRP B 318 -23.15 -0.55 -33.79
N GLU B 319 -22.82 0.27 -32.80
CA GLU B 319 -23.44 1.58 -32.64
C GLU B 319 -22.35 2.65 -32.58
N ASP B 320 -22.76 3.89 -32.83
CA ASP B 320 -21.80 4.97 -33.01
C ASP B 320 -21.42 5.60 -31.67
N HIS B 321 -20.45 6.51 -31.74
CA HIS B 321 -19.90 7.17 -30.55
C HIS B 321 -20.98 7.97 -29.83
N LEU B 322 -20.65 8.39 -28.62
CA LEU B 322 -21.47 9.30 -27.84
C LEU B 322 -21.01 10.74 -27.91
N ALA B 323 -19.70 10.97 -28.02
CA ALA B 323 -19.17 12.31 -28.20
C ALA B 323 -17.82 12.20 -28.89
N VAL B 324 -17.40 13.30 -29.51
CA VAL B 324 -16.14 13.33 -30.25
C VAL B 324 -15.45 14.67 -29.98
N LYS B 325 -14.12 14.64 -30.00
CA LYS B 325 -13.31 15.84 -29.87
C LYS B 325 -12.24 15.80 -30.94
N HIS B 326 -12.09 16.92 -31.66
CA HIS B 326 -11.18 16.99 -32.81
C HIS B 326 -10.41 18.30 -32.70
N PHE B 327 -9.18 18.23 -32.19
CA PHE B 327 -8.37 19.42 -31.96
C PHE B 327 -6.98 19.22 -32.53
N SER B 328 -6.22 20.31 -32.56
CA SER B 328 -4.84 20.28 -33.04
C SER B 328 -4.01 21.25 -32.21
N VAL B 329 -2.71 20.99 -32.17
CA VAL B 329 -1.77 21.80 -31.42
C VAL B 329 -0.68 22.27 -32.37
N GLU B 330 -0.32 23.55 -32.26
CA GLU B 330 0.70 24.16 -33.09
C GLU B 330 1.83 24.71 -32.22
N GLY B 331 3.02 24.78 -32.80
CA GLY B 331 4.18 25.28 -32.09
C GLY B 331 5.43 24.45 -32.34
N GLN B 332 6.34 24.41 -31.37
CA GLN B 332 7.53 23.59 -31.51
C GLN B 332 7.16 22.12 -31.61
N LEU B 333 6.06 21.70 -30.98
CA LEU B 333 5.52 20.36 -31.09
C LEU B 333 4.08 20.47 -31.59
N GLU B 334 3.81 19.83 -32.73
CA GLU B 334 2.51 19.92 -33.38
C GLU B 334 1.96 18.53 -33.62
N PHE B 335 0.64 18.40 -33.51
CA PHE B 335 -0.04 17.14 -33.80
C PHE B 335 -1.54 17.41 -33.91
N ARG B 336 -2.26 16.40 -34.39
CA ARG B 336 -3.70 16.43 -34.46
C ARG B 336 -4.26 15.21 -33.76
N ALA B 337 -5.42 15.36 -33.13
CA ALA B 337 -5.99 14.32 -32.31
C ALA B 337 -7.47 14.15 -32.61
N LEU B 338 -7.94 12.92 -32.44
CA LEU B 338 -9.36 12.59 -32.56
C LEU B 338 -9.72 11.68 -31.39
N LEU B 339 -10.59 12.15 -30.50
CA LEU B 339 -10.94 11.43 -29.29
C LEU B 339 -12.44 11.11 -29.31
N PHE B 340 -12.76 9.84 -29.09
CA PHE B 340 -14.15 9.37 -29.05
C PHE B 340 -14.48 8.88 -27.65
N ILE B 341 -15.74 9.07 -27.26
CA ILE B 341 -16.31 8.52 -26.04
C ILE B 341 -17.27 7.41 -26.44
N PRO B 342 -17.01 6.15 -26.07
CA PRO B 342 -17.95 5.09 -26.42
C PRO B 342 -19.31 5.29 -25.77
N ARG B 343 -20.31 4.60 -26.30
CA ARG B 343 -21.66 4.70 -25.79
C ARG B 343 -21.89 3.82 -24.56
N ARG B 344 -21.00 2.87 -24.33
CA ARG B 344 -21.12 1.98 -23.18
C ARG B 344 -19.76 1.48 -22.77
N ALA B 345 -19.65 1.03 -21.53
CA ALA B 345 -18.37 0.54 -21.01
C ALA B 345 -18.09 -0.86 -21.54
N PRO B 346 -16.89 -1.14 -22.05
CA PRO B 346 -16.56 -2.51 -22.46
C PRO B 346 -16.59 -3.46 -21.26
N PHE B 347 -16.92 -4.72 -21.55
CA PHE B 347 -17.12 -5.69 -20.47
C PHE B 347 -15.84 -5.98 -19.69
N ASP B 348 -14.68 -5.68 -20.25
CA ASP B 348 -13.39 -5.96 -19.61
C ASP B 348 -12.56 -4.69 -19.54
N LEU B 349 -13.18 -3.61 -19.06
CA LEU B 349 -12.52 -2.30 -19.07
C LEU B 349 -11.30 -2.28 -18.16
N PHE B 350 -11.46 -2.73 -16.91
CA PHE B 350 -10.42 -2.57 -15.90
C PHE B 350 -9.47 -3.75 -15.80
N GLU B 351 -9.71 -4.84 -16.52
CA GLU B 351 -8.84 -6.00 -16.44
C GLU B 351 -7.43 -5.62 -16.86
N ASN B 352 -6.44 -6.01 -16.06
CA ASN B 352 -5.08 -5.51 -16.18
C ASN B 352 -4.18 -6.39 -17.03
N LYS B 353 -4.74 -7.41 -17.69
CA LYS B 353 -3.98 -8.32 -18.55
C LYS B 353 -4.38 -8.14 -20.01
N LYS B 354 -4.57 -6.89 -20.43
CA LYS B 354 -5.15 -6.59 -21.73
C LYS B 354 -4.17 -5.99 -22.73
N LYS B 355 -3.06 -5.41 -22.27
CA LYS B 355 -2.12 -4.73 -23.17
C LYS B 355 -2.83 -3.59 -23.91
N LYS B 356 -3.23 -2.59 -23.12
CA LYS B 356 -4.10 -1.53 -23.59
C LYS B 356 -3.57 -0.89 -24.87
N ASN B 357 -4.47 -0.71 -25.84
CA ASN B 357 -4.17 -0.01 -27.08
C ASN B 357 -5.34 0.90 -27.47
N ASN B 358 -5.92 1.58 -26.46
CA ASN B 358 -7.10 2.40 -26.73
C ASN B 358 -6.77 3.57 -27.66
N ILE B 359 -5.63 4.21 -27.46
CA ILE B 359 -5.17 5.32 -28.29
C ILE B 359 -3.88 4.92 -28.97
N LYS B 360 -3.75 5.24 -30.26
CA LYS B 360 -2.60 4.88 -31.05
C LYS B 360 -1.93 6.13 -31.60
N LEU B 361 -0.63 6.07 -31.79
CA LEU B 361 0.17 7.18 -32.26
C LEU B 361 0.61 6.92 -33.70
N TYR B 362 0.40 7.90 -34.56
CA TYR B 362 0.79 7.83 -35.97
C TYR B 362 1.73 8.97 -36.30
N VAL B 363 2.68 8.70 -37.20
CA VAL B 363 3.55 9.72 -37.76
C VAL B 363 3.40 9.64 -39.27
N ARG B 364 2.86 10.70 -39.87
CA ARG B 364 2.57 10.73 -41.30
C ARG B 364 1.72 9.53 -41.71
N ARG B 365 0.65 9.31 -40.95
CA ARG B 365 -0.36 8.29 -41.24
C ARG B 365 0.19 6.88 -41.15
N VAL B 366 1.31 6.67 -40.45
CA VAL B 366 1.89 5.35 -40.27
C VAL B 366 1.94 5.04 -38.78
N PHE B 367 1.46 3.86 -38.41
CA PHE B 367 1.36 3.47 -37.00
C PHE B 367 2.74 3.36 -36.37
N ILE B 368 2.87 3.91 -35.16
CA ILE B 368 4.13 3.88 -34.42
C ILE B 368 4.03 2.98 -33.19
N MET B 369 3.15 3.32 -32.26
CA MET B 369 3.06 2.60 -30.99
C MET B 369 1.66 2.77 -30.42
N ASP B 370 1.30 1.86 -29.52
CA ASP B 370 0.04 1.92 -28.81
C ASP B 370 0.19 2.80 -27.57
N SER B 371 -0.91 3.00 -26.85
CA SER B 371 -0.92 3.93 -25.72
C SER B 371 0.09 3.50 -24.66
N CYS B 372 -0.11 2.33 -24.05
CA CYS B 372 0.74 1.85 -22.96
C CYS B 372 0.71 2.81 -21.77
N ASP B 373 -0.42 3.50 -21.57
CA ASP B 373 -0.60 4.42 -20.46
C ASP B 373 0.47 5.51 -20.46
N GLU B 374 1.04 5.79 -21.64
CA GLU B 374 1.99 6.89 -21.79
C GLU B 374 1.35 8.14 -22.36
N LEU B 375 0.37 8.00 -23.25
CA LEU B 375 -0.32 9.12 -23.84
C LEU B 375 -1.55 9.55 -23.06
N ILE B 376 -1.98 8.77 -22.06
CA ILE B 376 -3.20 9.09 -21.32
C ILE B 376 -3.17 8.40 -19.96
N PRO B 377 -3.75 9.00 -18.91
CA PRO B 377 -3.78 8.33 -17.61
C PRO B 377 -4.60 7.05 -17.64
N GLU B 378 -4.39 6.23 -16.61
CA GLU B 378 -5.05 4.92 -16.56
C GLU B 378 -6.55 5.05 -16.37
N TYR B 379 -7.02 6.10 -15.71
CA TYR B 379 -8.46 6.23 -15.48
C TYR B 379 -9.20 6.78 -16.67
N LEU B 380 -8.50 7.21 -17.73
CA LEU B 380 -9.11 7.62 -18.98
C LEU B 380 -8.98 6.55 -20.06
N ASN B 381 -8.84 5.29 -19.67
CA ASN B 381 -8.57 4.22 -20.61
C ASN B 381 -9.79 3.85 -21.44
N PHE B 382 -10.95 4.44 -21.18
CA PHE B 382 -12.15 4.15 -21.95
C PHE B 382 -12.26 4.97 -23.23
N ILE B 383 -11.31 5.86 -23.50
CA ILE B 383 -11.38 6.76 -24.64
C ILE B 383 -10.65 6.13 -25.81
N ARG B 384 -11.30 6.12 -26.97
CA ARG B 384 -10.74 5.56 -28.21
C ARG B 384 -10.41 6.72 -29.14
N GLY B 385 -9.19 6.72 -29.67
CA GLY B 385 -8.79 7.86 -30.48
C GLY B 385 -7.51 7.61 -31.23
N VAL B 386 -7.03 8.68 -31.87
CA VAL B 386 -5.84 8.66 -32.71
C VAL B 386 -5.07 9.94 -32.46
N VAL B 387 -3.73 9.86 -32.49
CA VAL B 387 -2.86 11.02 -32.40
C VAL B 387 -1.88 10.94 -33.56
N ASP B 388 -1.92 11.94 -34.45
CA ASP B 388 -1.08 11.97 -35.64
C ASP B 388 -0.19 13.20 -35.60
N SER B 389 1.08 13.01 -35.91
CA SER B 389 2.05 14.09 -35.95
C SER B 389 2.81 14.04 -37.27
N GLU B 390 3.37 15.18 -37.66
CA GLU B 390 4.16 15.28 -38.87
C GLU B 390 5.65 15.16 -38.63
N ASP B 391 6.15 15.72 -37.52
CA ASP B 391 7.59 15.78 -37.24
C ASP B 391 7.83 15.36 -35.80
N LEU B 392 8.05 14.06 -35.60
CA LEU B 392 8.47 13.52 -34.32
C LEU B 392 9.72 12.68 -34.56
N PRO B 393 10.81 12.90 -33.83
CA PRO B 393 12.03 12.13 -34.08
C PRO B 393 11.83 10.67 -33.69
N LEU B 394 12.04 9.78 -34.65
CA LEU B 394 11.80 8.36 -34.47
C LEU B 394 13.11 7.61 -34.26
N ASN B 395 12.99 6.40 -33.74
CA ASN B 395 14.10 5.48 -33.65
C ASN B 395 14.41 4.90 -35.03
N ILE B 396 15.53 4.18 -35.12
CA ILE B 396 15.89 3.55 -36.39
C ILE B 396 14.82 2.56 -36.80
N SER B 397 14.35 1.75 -35.86
CA SER B 397 13.14 0.95 -36.05
C SER B 397 11.96 1.82 -35.65
N ARG B 398 11.12 2.18 -36.61
CA ARG B 398 10.12 3.22 -36.41
C ARG B 398 8.94 2.69 -35.59
N GLU B 399 9.26 2.26 -34.37
CA GLU B 399 8.25 1.78 -33.42
C GLU B 399 8.50 2.36 -32.04
N MET B 400 9.06 3.56 -31.94
CA MET B 400 9.46 4.16 -30.69
C MET B 400 9.90 5.57 -31.01
N LEU B 401 9.88 6.40 -29.98
CA LEU B 401 10.29 7.79 -30.11
C LEU B 401 11.61 8.03 -29.40
N GLN B 402 12.52 8.73 -30.07
CA GLN B 402 13.62 9.35 -29.36
C GLN B 402 13.08 10.53 -28.56
N GLN B 403 13.71 10.81 -27.43
CA GLN B 403 13.23 11.85 -26.51
C GLN B 403 11.82 11.52 -26.02
N SER B 404 11.75 10.44 -25.25
CA SER B 404 10.45 9.94 -24.77
C SER B 404 9.71 10.97 -23.93
N LYS B 405 10.39 12.01 -23.44
CA LYS B 405 9.73 12.99 -22.59
C LYS B 405 8.69 13.81 -23.33
N ILE B 406 8.63 13.72 -24.66
CA ILE B 406 7.58 14.40 -25.42
C ILE B 406 6.21 13.82 -25.09
N LEU B 407 6.17 12.53 -24.75
CA LEU B 407 4.90 11.88 -24.44
C LEU B 407 4.22 12.54 -23.25
N LYS B 408 4.99 13.12 -22.33
CA LYS B 408 4.39 13.82 -21.19
C LYS B 408 3.63 15.06 -21.66
N VAL B 409 4.22 15.85 -22.56
CA VAL B 409 3.52 17.01 -23.10
C VAL B 409 2.27 16.58 -23.85
N ILE B 410 2.39 15.53 -24.65
CA ILE B 410 1.22 15.05 -25.39
C ILE B 410 0.12 14.63 -24.42
N ARG B 411 0.48 13.92 -23.36
CA ARG B 411 -0.50 13.48 -22.37
C ARG B 411 -1.15 14.66 -21.68
N LYS B 412 -0.37 15.68 -21.33
CA LYS B 412 -0.95 16.86 -20.70
C LYS B 412 -2.02 17.47 -21.60
N ASN B 413 -1.69 17.67 -22.87
CA ASN B 413 -2.66 18.26 -23.79
C ASN B 413 -3.91 17.40 -23.90
N ILE B 414 -3.72 16.09 -24.05
CA ILE B 414 -4.86 15.19 -24.23
C ILE B 414 -5.76 15.21 -23.00
N VAL B 415 -5.17 15.20 -21.81
CA VAL B 415 -5.96 15.22 -20.58
C VAL B 415 -6.76 16.51 -20.49
N LYS B 416 -6.11 17.65 -20.79
CA LYS B 416 -6.81 18.92 -20.73
C LYS B 416 -8.01 18.93 -21.68
N LYS B 417 -7.81 18.44 -22.90
CA LYS B 417 -8.91 18.45 -23.86
C LYS B 417 -10.00 17.44 -23.49
N CYS B 418 -9.63 16.31 -22.89
CA CYS B 418 -10.65 15.37 -22.43
C CYS B 418 -11.52 15.99 -21.34
N LEU B 419 -10.89 16.71 -20.41
CA LEU B 419 -11.67 17.38 -19.36
C LEU B 419 -12.58 18.44 -19.97
N GLU B 420 -12.08 19.19 -20.95
CA GLU B 420 -12.94 20.16 -21.63
C GLU B 420 -14.14 19.47 -22.29
N LEU B 421 -13.89 18.34 -22.95
CA LEU B 421 -14.97 17.59 -23.58
C LEU B 421 -16.02 17.17 -22.57
N PHE B 422 -15.58 16.62 -21.44
CA PHE B 422 -16.52 16.21 -20.41
C PHE B 422 -17.31 17.41 -19.90
N SER B 423 -16.64 18.53 -19.67
CA SER B 423 -17.32 19.71 -19.14
C SER B 423 -18.38 20.21 -20.11
N GLU B 424 -18.06 20.25 -21.40
CA GLU B 424 -19.03 20.74 -22.37
C GLU B 424 -20.14 19.74 -22.62
N LEU B 425 -19.90 18.45 -22.41
CA LEU B 425 -20.97 17.46 -22.54
C LEU B 425 -21.95 17.51 -21.37
N ALA B 426 -21.56 18.10 -20.25
CA ALA B 426 -22.44 18.16 -19.09
C ALA B 426 -23.64 19.06 -19.31
N GLU B 427 -23.56 20.00 -20.26
CA GLU B 427 -24.69 20.88 -20.53
C GLU B 427 -25.87 20.10 -21.09
N ASP B 428 -25.61 19.22 -22.06
CA ASP B 428 -26.65 18.34 -22.60
C ASP B 428 -26.93 17.28 -21.55
N LYS B 429 -27.95 17.53 -20.73
CA LYS B 429 -28.19 16.68 -19.56
C LYS B 429 -28.53 15.25 -19.96
N GLU B 430 -29.31 15.10 -21.04
CA GLU B 430 -29.78 13.76 -21.39
C GLU B 430 -28.62 12.83 -21.74
N ASN B 431 -27.65 13.32 -22.51
CA ASN B 431 -26.51 12.49 -22.87
C ASN B 431 -25.51 12.36 -21.73
N TYR B 432 -25.38 13.41 -20.89
CA TYR B 432 -24.53 13.28 -19.73
C TYR B 432 -25.06 12.22 -18.77
N LYS B 433 -26.37 12.00 -18.75
CA LYS B 433 -26.91 10.92 -17.92
C LYS B 433 -26.35 9.58 -18.34
N LYS B 434 -26.37 9.29 -19.64
CA LYS B 434 -25.81 8.04 -20.14
C LYS B 434 -24.31 7.97 -19.88
N PHE B 435 -23.60 9.07 -20.15
CA PHE B 435 -22.15 9.05 -19.94
C PHE B 435 -21.80 8.78 -18.49
N TYR B 436 -22.52 9.42 -17.56
CA TYR B 436 -22.24 9.21 -16.15
C TYR B 436 -22.57 7.78 -15.75
N GLU B 437 -23.74 7.29 -16.13
CA GLU B 437 -24.09 5.91 -15.81
C GLU B 437 -23.04 4.94 -16.32
N ALA B 438 -22.34 5.30 -17.40
CA ALA B 438 -21.32 4.40 -17.93
C ALA B 438 -19.98 4.54 -17.22
N PHE B 439 -19.52 5.77 -16.95
CA PHE B 439 -18.13 6.00 -16.57
C PHE B 439 -17.95 6.80 -15.29
N SER B 440 -18.94 6.80 -14.39
CA SER B 440 -18.74 7.42 -13.10
C SER B 440 -17.62 6.72 -12.32
N LYS B 441 -17.45 5.42 -12.53
CA LYS B 441 -16.36 4.69 -11.89
C LYS B 441 -15.03 5.28 -12.30
N ASN B 442 -14.84 5.52 -13.61
CA ASN B 442 -13.59 6.09 -14.08
C ASN B 442 -13.37 7.49 -13.54
N LEU B 443 -14.44 8.30 -13.50
CA LEU B 443 -14.29 9.65 -12.94
C LEU B 443 -13.85 9.60 -11.48
N LYS B 444 -14.47 8.72 -10.69
CA LYS B 444 -14.14 8.64 -9.27
C LYS B 444 -12.74 8.09 -9.06
N LEU B 445 -12.34 7.11 -9.88
CA LEU B 445 -10.97 6.61 -9.79
C LEU B 445 -9.96 7.70 -10.13
N GLY B 446 -10.29 8.53 -11.12
CA GLY B 446 -9.43 9.67 -11.43
C GLY B 446 -9.32 10.64 -10.28
N ILE B 447 -10.42 10.89 -9.59
CA ILE B 447 -10.36 11.73 -8.39
C ILE B 447 -9.43 11.11 -7.36
N HIS B 448 -9.55 9.80 -7.15
CA HIS B 448 -8.70 9.12 -6.19
C HIS B 448 -7.23 9.19 -6.57
N GLU B 449 -6.93 9.24 -7.87
CA GLU B 449 -5.56 9.17 -8.36
C GLU B 449 -4.98 10.54 -8.72
N ASP B 450 -5.71 11.35 -9.49
CA ASP B 450 -5.16 12.57 -10.05
C ASP B 450 -5.30 13.73 -9.07
N SER B 451 -4.19 14.40 -8.79
CA SER B 451 -4.18 15.56 -7.90
C SER B 451 -4.28 16.89 -8.64
N THR B 452 -3.69 17.00 -9.82
CA THR B 452 -3.76 18.25 -10.56
C THR B 452 -5.18 18.57 -10.99
N ASN B 453 -5.91 17.57 -11.50
CA ASN B 453 -7.24 17.76 -12.06
C ASN B 453 -8.35 17.37 -11.08
N ARG B 454 -8.04 17.30 -9.79
CA ARG B 454 -9.04 16.91 -8.81
C ARG B 454 -10.19 17.90 -8.75
N ARG B 455 -9.89 19.19 -8.78
CA ARG B 455 -10.93 20.21 -8.66
C ARG B 455 -11.89 20.14 -9.84
N ARG B 456 -11.38 20.01 -11.06
CA ARG B 456 -12.25 19.93 -12.23
C ARG B 456 -13.07 18.65 -12.21
N LEU B 457 -12.47 17.53 -11.79
CA LEU B 457 -13.20 16.27 -11.76
C LEU B 457 -14.31 16.30 -10.73
N SER B 458 -14.09 16.98 -9.60
CA SER B 458 -15.11 17.01 -8.56
C SER B 458 -16.40 17.67 -9.04
N GLU B 459 -16.32 18.54 -10.05
CA GLU B 459 -17.50 19.21 -10.57
C GLU B 459 -18.30 18.34 -11.54
N LEU B 460 -17.80 17.16 -11.90
CA LEU B 460 -18.49 16.25 -12.79
C LEU B 460 -19.24 15.15 -12.05
N LEU B 461 -19.23 15.17 -10.71
CA LEU B 461 -19.87 14.11 -9.94
C LEU B 461 -21.35 14.40 -9.73
N ARG B 462 -22.13 13.33 -9.70
CA ARG B 462 -23.56 13.39 -9.45
C ARG B 462 -23.93 12.38 -8.38
N TYR B 463 -24.79 12.80 -7.45
CA TYR B 463 -25.17 11.97 -6.32
C TYR B 463 -26.67 12.07 -6.07
N HIS B 464 -27.22 11.00 -5.50
CA HIS B 464 -28.53 11.09 -4.87
C HIS B 464 -28.40 11.85 -3.56
N THR B 465 -29.46 12.57 -3.19
CA THR B 465 -29.52 13.27 -1.93
C THR B 465 -30.87 13.00 -1.27
N SER B 466 -30.97 13.36 0.01
CA SER B 466 -32.21 13.17 0.73
C SER B 466 -33.32 14.03 0.15
N GLN B 467 -33.00 15.27 -0.23
CA GLN B 467 -34.03 16.16 -0.76
C GLN B 467 -34.39 15.82 -2.20
N SER B 468 -33.40 15.44 -3.01
CA SER B 468 -33.70 15.06 -4.39
C SER B 468 -34.48 13.75 -4.40
N GLY B 469 -35.16 13.49 -5.50
CA GLY B 469 -35.99 12.30 -5.60
C GLY B 469 -35.25 11.14 -6.23
N ASP B 470 -35.71 10.70 -7.40
CA ASP B 470 -35.01 9.66 -8.14
C ASP B 470 -33.90 10.23 -9.02
N GLU B 471 -33.71 11.54 -9.01
CA GLU B 471 -32.68 12.19 -9.81
C GLU B 471 -31.40 12.35 -9.01
N MET B 472 -30.29 12.45 -9.74
CA MET B 472 -28.99 12.74 -9.14
C MET B 472 -28.67 14.21 -9.36
N THR B 473 -28.21 14.87 -8.30
CA THR B 473 -27.85 16.28 -8.34
C THR B 473 -26.34 16.43 -8.25
N SER B 474 -25.87 17.61 -8.60
CA SER B 474 -24.46 17.94 -8.52
C SER B 474 -24.15 18.59 -7.18
N LEU B 475 -22.85 18.68 -6.86
CA LEU B 475 -22.46 19.37 -5.64
C LEU B 475 -22.67 20.87 -5.77
N SER B 476 -22.63 21.41 -6.99
CA SER B 476 -22.89 22.83 -7.18
C SER B 476 -24.32 23.18 -6.81
N GLU B 477 -25.28 22.35 -7.21
CA GLU B 477 -26.67 22.58 -6.81
C GLU B 477 -26.83 22.47 -5.31
N TYR B 478 -26.16 21.50 -4.69
CA TYR B 478 -26.21 21.38 -3.24
C TYR B 478 -25.71 22.65 -2.58
N VAL B 479 -24.60 23.20 -3.07
CA VAL B 479 -24.04 24.41 -2.48
C VAL B 479 -25.00 25.59 -2.69
N SER B 480 -25.64 25.64 -3.86
CA SER B 480 -26.57 26.72 -4.14
C SER B 480 -27.90 26.56 -3.41
N ARG B 481 -28.16 25.40 -2.82
CA ARG B 481 -29.41 25.15 -2.11
C ARG B 481 -29.23 25.12 -0.60
N MET B 482 -28.06 25.50 -0.09
CA MET B 482 -27.78 25.39 1.34
C MET B 482 -28.47 26.48 2.13
N LYS B 483 -28.49 26.29 3.45
CA LYS B 483 -28.99 27.30 4.37
C LYS B 483 -27.93 28.36 4.61
N GLU B 484 -28.34 29.44 5.27
CA GLU B 484 -27.40 30.53 5.55
C GLU B 484 -26.43 30.14 6.66
N THR B 485 -26.92 29.48 7.70
CA THR B 485 -26.06 29.07 8.80
C THR B 485 -25.18 27.88 8.43
N GLN B 486 -25.62 27.04 7.50
CA GLN B 486 -24.87 25.84 7.15
C GLN B 486 -23.50 26.20 6.61
N LYS B 487 -22.49 25.45 7.04
CA LYS B 487 -21.12 25.67 6.61
C LYS B 487 -20.47 24.42 6.03
N SER B 488 -21.21 23.32 5.90
CA SER B 488 -20.61 22.04 5.55
C SER B 488 -21.54 21.27 4.63
N ILE B 489 -20.97 20.29 3.93
CA ILE B 489 -21.71 19.37 3.08
C ILE B 489 -21.79 18.04 3.82
N TYR B 490 -23.00 17.57 4.07
CA TYR B 490 -23.22 16.36 4.84
C TYR B 490 -23.42 15.19 3.89
N TYR B 491 -22.69 14.10 4.14
CA TYR B 491 -22.80 12.90 3.32
C TYR B 491 -22.75 11.68 4.23
N ILE B 492 -23.25 10.56 3.70
CA ILE B 492 -23.20 9.28 4.39
C ILE B 492 -22.85 8.21 3.37
N THR B 493 -21.94 7.31 3.74
CA THR B 493 -21.57 6.18 2.91
C THR B 493 -22.14 4.90 3.52
N GLY B 494 -22.73 4.07 2.68
CA GLY B 494 -23.28 2.81 3.14
C GLY B 494 -23.29 1.76 2.05
N GLU B 495 -24.02 0.67 2.27
CA GLU B 495 -24.03 -0.45 1.33
C GLU B 495 -25.10 -0.29 0.27
N SER B 496 -26.18 0.42 0.57
CA SER B 496 -27.24 0.64 -0.40
C SER B 496 -28.01 1.89 -0.01
N LYS B 497 -28.75 2.43 -0.98
CA LYS B 497 -29.52 3.65 -0.73
C LYS B 497 -30.58 3.42 0.33
N GLU B 498 -31.22 2.25 0.31
CA GLU B 498 -32.22 1.94 1.33
C GLU B 498 -31.59 1.92 2.72
N GLN B 499 -30.40 1.32 2.85
CA GLN B 499 -29.76 1.22 4.16
C GLN B 499 -29.43 2.61 4.71
N VAL B 500 -28.85 3.48 3.87
CA VAL B 500 -28.43 4.79 4.36
C VAL B 500 -29.64 5.68 4.63
N ALA B 501 -30.66 5.63 3.76
CA ALA B 501 -31.79 6.53 3.91
C ALA B 501 -32.52 6.30 5.23
N ASN B 502 -32.52 5.07 5.72
CA ASN B 502 -33.24 4.72 6.94
C ASN B 502 -32.31 4.56 8.14
N SER B 503 -31.06 4.98 8.04
CA SER B 503 -30.12 4.84 9.14
C SER B 503 -30.46 5.81 10.27
N ALA B 504 -29.89 5.54 11.44
CA ALA B 504 -30.11 6.39 12.61
C ALA B 504 -29.17 7.59 12.65
N PHE B 505 -28.18 7.67 11.77
CA PHE B 505 -27.26 8.79 11.77
C PHE B 505 -27.86 10.05 11.18
N VAL B 506 -28.95 9.95 10.42
CA VAL B 506 -29.46 11.05 9.63
C VAL B 506 -30.80 11.56 10.15
N GLU B 507 -31.28 11.06 11.28
CA GLU B 507 -32.59 11.45 11.77
C GLU B 507 -32.64 12.95 12.08
N ARG B 508 -31.70 13.43 12.90
CA ARG B 508 -31.73 14.83 13.31
C ARG B 508 -31.39 15.75 12.14
N VAL B 509 -30.42 15.37 11.31
CA VAL B 509 -30.02 16.21 10.19
C VAL B 509 -31.20 16.40 9.24
N ARG B 510 -31.95 15.33 8.97
CA ARG B 510 -33.07 15.44 8.05
C ARG B 510 -34.25 16.14 8.70
N LYS B 511 -34.47 15.93 10.00
CA LYS B 511 -35.57 16.62 10.67
C LYS B 511 -35.35 18.13 10.68
N ARG B 512 -34.11 18.57 10.89
CA ARG B 512 -33.79 19.99 10.91
C ARG B 512 -33.88 20.63 9.52
N GLY B 513 -34.03 19.83 8.47
CA GLY B 513 -34.18 20.37 7.13
C GLY B 513 -32.91 20.46 6.32
N PHE B 514 -31.79 19.93 6.83
CA PHE B 514 -30.56 19.92 6.06
C PHE B 514 -30.59 18.78 5.04
N GLU B 515 -29.73 18.91 4.03
CA GLU B 515 -29.64 17.92 2.97
C GLU B 515 -28.44 17.01 3.20
N VAL B 516 -28.59 15.74 2.87
CA VAL B 516 -27.56 14.74 3.05
C VAL B 516 -27.30 14.07 1.71
N VAL B 517 -26.03 13.90 1.37
CA VAL B 517 -25.62 13.25 0.13
C VAL B 517 -25.47 11.77 0.38
N TYR B 518 -26.10 10.95 -0.46
CA TYR B 518 -25.98 9.50 -0.36
C TYR B 518 -24.89 9.01 -1.30
N MET B 519 -23.97 8.22 -0.78
CA MET B 519 -22.91 7.59 -1.57
C MET B 519 -22.92 6.10 -1.23
N THR B 520 -23.41 5.28 -2.16
CA THR B 520 -23.73 3.90 -1.87
C THR B 520 -22.94 2.91 -2.73
N GLU B 521 -21.71 3.27 -3.10
CA GLU B 521 -20.85 2.37 -3.85
C GLU B 521 -19.49 2.28 -3.18
N PRO B 522 -18.79 1.15 -3.33
CA PRO B 522 -17.46 1.04 -2.70
C PRO B 522 -16.48 2.07 -3.19
N ILE B 523 -16.55 2.47 -4.46
CA ILE B 523 -15.60 3.44 -5.00
C ILE B 523 -15.78 4.81 -4.36
N ASP B 524 -16.98 5.09 -3.82
CA ASP B 524 -17.21 6.37 -3.17
C ASP B 524 -16.30 6.56 -1.97
N GLU B 525 -15.91 5.48 -1.30
CA GLU B 525 -14.98 5.60 -0.18
C GLU B 525 -13.64 6.14 -0.64
N TYR B 526 -13.07 5.55 -1.69
CA TYR B 526 -11.82 6.04 -2.25
C TYR B 526 -11.98 7.47 -2.73
N CYS B 527 -13.13 7.79 -3.31
CA CYS B 527 -13.36 9.14 -3.83
C CYS B 527 -13.34 10.17 -2.70
N VAL B 528 -14.10 9.92 -1.62
CA VAL B 528 -14.21 10.90 -0.54
C VAL B 528 -13.02 10.89 0.39
N GLN B 529 -12.13 9.91 0.30
CA GLN B 529 -10.90 10.00 1.07
C GLN B 529 -10.08 11.21 0.63
N GLN B 530 -10.04 11.49 -0.67
CA GLN B 530 -9.25 12.60 -1.20
C GLN B 530 -10.02 13.90 -1.33
N LEU B 531 -11.35 13.84 -1.43
CA LEU B 531 -12.17 15.05 -1.50
C LEU B 531 -12.36 15.60 -0.10
N LYS B 532 -11.66 16.68 0.23
CA LYS B 532 -11.74 17.31 1.53
C LYS B 532 -12.73 18.46 1.57
N GLU B 533 -12.77 19.28 0.52
CA GLU B 533 -13.71 20.39 0.48
C GLU B 533 -14.04 20.71 -0.97
N PHE B 534 -15.26 21.20 -1.17
CA PHE B 534 -15.75 21.58 -2.50
C PHE B 534 -16.25 23.01 -2.44
N ASP B 535 -15.72 23.87 -3.31
CA ASP B 535 -16.15 25.26 -3.38
C ASP B 535 -15.92 25.98 -2.06
N GLY B 536 -14.85 25.62 -1.35
CA GLY B 536 -14.52 26.23 -0.08
C GLY B 536 -15.29 25.69 1.10
N LYS B 537 -16.17 24.71 0.90
CA LYS B 537 -16.95 24.12 1.96
C LYS B 537 -16.47 22.70 2.20
N SER B 538 -16.29 22.35 3.47
CA SER B 538 -15.78 21.03 3.82
C SER B 538 -16.88 19.98 3.72
N LEU B 539 -16.45 18.74 3.53
CA LEU B 539 -17.35 17.58 3.51
C LEU B 539 -17.30 16.92 4.89
N VAL B 540 -18.46 16.69 5.48
CA VAL B 540 -18.57 16.16 6.82
C VAL B 540 -19.39 14.87 6.77
N SER B 541 -18.84 13.81 7.37
CA SER B 541 -19.53 12.53 7.43
C SER B 541 -20.39 12.48 8.69
N VAL B 542 -21.63 12.01 8.53
CA VAL B 542 -22.54 11.92 9.67
C VAL B 542 -22.28 10.71 10.54
N THR B 543 -21.38 9.82 10.13
CA THR B 543 -21.03 8.63 10.90
C THR B 543 -19.73 8.78 11.68
N LYS B 544 -19.16 9.98 11.71
CA LYS B 544 -17.93 10.25 12.44
C LYS B 544 -18.24 11.10 13.66
N GLU B 545 -17.43 10.92 14.71
CA GLU B 545 -17.55 11.61 15.98
C GLU B 545 -17.23 13.08 15.80
N GLY B 546 -17.94 13.97 16.49
CA GLY B 546 -17.68 15.38 16.37
C GLY B 546 -18.57 16.12 15.39
N LEU B 547 -19.73 15.56 15.05
CA LEU B 547 -20.66 16.26 14.18
C LEU B 547 -21.13 17.54 14.86
N GLU B 548 -21.15 18.63 14.10
CA GLU B 548 -21.58 19.92 14.59
C GLU B 548 -22.68 20.46 13.70
N LEU B 549 -23.79 20.89 14.31
CA LEU B 549 -24.88 21.51 13.60
C LEU B 549 -25.13 22.90 14.16
N PRO B 550 -25.67 23.82 13.37
CA PRO B 550 -26.10 25.10 13.92
C PRO B 550 -27.09 24.88 15.05
N GLU B 551 -26.95 25.66 16.11
CA GLU B 551 -27.76 25.48 17.32
C GLU B 551 -28.13 26.83 17.89
N ASP B 552 -29.02 26.80 18.87
CA ASP B 552 -29.49 27.97 19.58
C ASP B 552 -29.10 27.88 21.06
N GLU B 553 -29.26 29.00 21.77
CA GLU B 553 -28.88 29.04 23.18
C GLU B 553 -29.69 28.06 24.01
N GLU B 554 -31.00 27.99 23.75
CA GLU B 554 -31.84 27.06 24.52
C GLU B 554 -31.43 25.61 24.25
N GLU B 555 -31.13 25.28 22.99
CA GLU B 555 -30.67 23.95 22.66
C GLU B 555 -29.35 23.63 23.36
N LYS B 556 -28.43 24.60 23.39
CA LYS B 556 -27.17 24.39 24.09
C LYS B 556 -27.40 24.15 25.58
N LYS B 557 -28.30 24.91 26.20
CA LYS B 557 -28.60 24.71 27.61
C LYS B 557 -29.19 23.33 27.84
N LYS B 558 -30.11 22.90 26.96
CA LYS B 558 -30.69 21.57 27.10
C LYS B 558 -29.64 20.49 26.97
N MET B 559 -28.72 20.64 26.01
CA MET B 559 -27.67 19.65 25.84
C MET B 559 -26.78 19.60 27.07
N GLU B 560 -26.42 20.76 27.62
CA GLU B 560 -25.57 20.77 28.82
C GLU B 560 -26.27 20.11 30.00
N GLU B 561 -27.56 20.42 30.20
CA GLU B 561 -28.28 19.81 31.32
C GLU B 561 -28.38 18.29 31.15
N SER B 562 -28.68 17.84 29.92
CA SER B 562 -28.73 16.40 29.67
C SER B 562 -27.38 15.76 29.94
N LYS B 563 -26.30 16.39 29.49
CA LYS B 563 -24.97 15.83 29.71
C LYS B 563 -24.66 15.73 31.19
N ALA B 564 -25.02 16.75 31.96
CA ALA B 564 -24.79 16.71 33.40
C ALA B 564 -25.63 15.64 34.08
N LYS B 565 -26.83 15.37 33.57
CA LYS B 565 -27.71 14.41 34.21
C LYS B 565 -27.33 12.96 33.95
N PHE B 566 -26.57 12.68 32.88
CA PHE B 566 -26.32 11.31 32.43
C PHE B 566 -24.87 10.88 32.64
N GLU B 567 -24.10 11.60 33.46
CA GLU B 567 -22.69 11.26 33.63
C GLU B 567 -22.53 9.87 34.25
N ASN B 568 -23.34 9.56 35.27
CA ASN B 568 -23.20 8.28 35.96
C ASN B 568 -23.47 7.11 35.02
N LEU B 569 -24.53 7.23 34.21
CA LEU B 569 -24.85 6.16 33.27
C LEU B 569 -23.74 5.98 32.26
N CYS B 570 -23.17 7.08 31.77
CA CYS B 570 -22.06 6.97 30.81
C CYS B 570 -20.87 6.26 31.44
N LYS B 571 -20.53 6.62 32.68
CA LYS B 571 -19.43 5.97 33.37
C LYS B 571 -19.68 4.48 33.53
N LEU B 572 -20.90 4.12 33.95
CA LEU B 572 -21.21 2.70 34.14
C LEU B 572 -21.14 1.94 32.82
N MET B 573 -21.66 2.54 31.75
CA MET B 573 -21.67 1.87 30.46
C MET B 573 -20.25 1.69 29.93
N LYS B 574 -19.37 2.65 30.19
CA LYS B 574 -17.97 2.46 29.83
C LYS B 574 -17.33 1.36 30.66
N GLU B 575 -17.70 1.28 31.95
CA GLU B 575 -17.15 0.21 32.79
C GLU B 575 -17.56 -1.17 32.28
N ILE B 576 -18.83 -1.32 31.91
CA ILE B 576 -19.31 -2.62 31.44
C ILE B 576 -18.65 -2.98 30.12
N LEU B 577 -18.65 -2.06 29.16
CA LEU B 577 -17.97 -2.25 27.88
C LEU B 577 -16.49 -1.88 28.06
N ASP B 578 -15.77 -2.77 28.73
CA ASP B 578 -14.42 -2.45 29.19
C ASP B 578 -13.53 -2.00 28.04
N LYS B 579 -13.45 -2.81 26.98
CA LYS B 579 -12.50 -2.55 25.91
C LYS B 579 -13.13 -2.52 24.53
N LYS B 580 -14.46 -2.65 24.42
CA LYS B 580 -15.10 -2.61 23.12
C LYS B 580 -15.19 -1.19 22.57
N VAL B 581 -15.41 -0.21 23.44
CA VAL B 581 -15.56 1.18 23.03
C VAL B 581 -14.44 1.99 23.65
N GLU B 582 -14.20 3.17 23.07
CA GLU B 582 -13.23 4.11 23.59
C GLU B 582 -13.87 5.25 24.38
N LYS B 583 -15.18 5.46 24.23
CA LYS B 583 -15.85 6.56 24.90
C LYS B 583 -17.35 6.38 24.76
N VAL B 584 -18.08 6.77 25.80
CA VAL B 584 -19.54 6.78 25.78
C VAL B 584 -19.99 8.21 26.07
N THR B 585 -20.81 8.76 25.17
CA THR B 585 -21.19 10.17 25.23
C THR B 585 -22.70 10.30 25.05
N ILE B 586 -23.15 11.55 25.01
CA ILE B 586 -24.55 11.89 24.77
C ILE B 586 -24.70 12.33 23.33
N SER B 587 -25.64 11.72 22.62
CA SER B 587 -25.77 11.95 21.19
C SER B 587 -26.39 13.31 20.90
N ASN B 588 -26.09 13.83 19.71
CA ASN B 588 -26.70 15.05 19.19
C ASN B 588 -27.26 14.84 17.79
N ARG B 589 -27.39 13.58 17.34
CA ARG B 589 -27.85 13.28 15.99
C ARG B 589 -28.98 12.26 15.96
N LEU B 590 -29.52 11.86 17.10
CA LEU B 590 -30.55 10.83 17.18
C LEU B 590 -31.90 11.45 17.48
N VAL B 591 -32.96 10.79 16.99
CA VAL B 591 -34.33 11.22 17.26
C VAL B 591 -35.09 10.09 17.92
N SER B 592 -35.22 8.96 17.21
CA SER B 592 -36.04 7.85 17.67
C SER B 592 -35.24 6.59 17.96
N SER B 593 -33.93 6.63 17.84
CA SER B 593 -33.12 5.46 18.18
C SER B 593 -32.50 5.63 19.57
N PRO B 594 -32.20 4.54 20.26
CA PRO B 594 -31.59 4.67 21.59
C PRO B 594 -30.09 4.95 21.53
N CYS B 595 -29.39 4.41 20.55
CA CYS B 595 -27.94 4.57 20.51
C CYS B 595 -27.44 4.32 19.09
N CYS B 596 -26.18 4.68 18.87
CA CYS B 596 -25.48 4.43 17.62
C CYS B 596 -23.99 4.46 17.90
N ILE B 597 -23.20 3.92 16.96
CA ILE B 597 -21.75 3.86 17.10
C ILE B 597 -21.13 4.65 15.96
N VAL B 598 -20.23 5.57 16.33
CA VAL B 598 -19.51 6.39 15.36
C VAL B 598 -18.02 6.16 15.56
N THR B 599 -17.24 6.51 14.55
CA THR B 599 -15.81 6.28 14.56
C THR B 599 -15.06 7.61 14.68
N SER B 600 -13.82 7.52 15.17
CA SER B 600 -13.02 8.69 15.43
C SER B 600 -12.77 9.48 14.15
N THR B 601 -12.22 10.68 14.31
CA THR B 601 -12.00 11.56 13.17
C THR B 601 -11.00 10.96 12.18
N TYR B 602 -9.94 10.35 12.69
CA TYR B 602 -8.90 9.78 11.85
C TYR B 602 -8.97 8.26 11.93
N GLY B 603 -8.98 7.62 10.76
CA GLY B 603 -9.13 6.19 10.66
C GLY B 603 -10.32 5.81 9.80
N TRP B 604 -10.37 4.52 9.49
CA TRP B 604 -11.40 4.00 8.60
C TRP B 604 -12.78 4.09 9.23
N THR B 605 -13.77 4.47 8.43
CA THR B 605 -15.16 4.38 8.86
C THR B 605 -15.59 2.92 8.86
N ALA B 606 -16.81 2.67 9.33
CA ALA B 606 -17.32 1.30 9.33
C ALA B 606 -17.39 0.74 7.91
N ASN B 607 -17.91 1.53 6.98
CA ASN B 607 -18.01 1.08 5.60
C ASN B 607 -16.63 0.87 4.97
N MET B 608 -15.71 1.79 5.20
CA MET B 608 -14.37 1.64 4.65
C MET B 608 -13.66 0.43 5.25
N GLU B 609 -13.81 0.22 6.56
CA GLU B 609 -13.23 -0.95 7.19
C GLU B 609 -13.80 -2.23 6.59
N ARG B 610 -15.11 -2.26 6.37
CA ARG B 610 -15.73 -3.43 5.76
C ARG B 610 -15.18 -3.68 4.37
N ILE B 611 -15.01 -2.62 3.57
CA ILE B 611 -14.51 -2.79 2.22
C ILE B 611 -13.06 -3.27 2.23
N MET B 612 -12.25 -2.72 3.13
CA MET B 612 -10.82 -3.04 3.14
C MET B 612 -10.57 -4.44 3.69
N LYS B 613 -11.39 -4.91 4.63
CA LYS B 613 -11.20 -6.26 5.13
C LYS B 613 -11.61 -7.33 4.12
N ALA B 614 -12.33 -6.96 3.06
CA ALA B 614 -12.76 -7.90 2.04
C ALA B 614 -11.86 -7.94 0.83
N GLN B 615 -10.71 -7.25 0.88
CA GLN B 615 -9.79 -7.21 -0.25
C GLN B 615 -8.84 -8.39 -0.20
N ALA B 616 -8.64 -9.03 -1.35
CA ALA B 616 -7.78 -10.21 -1.40
C ALA B 616 -6.31 -9.85 -1.23
N LEU B 617 -5.85 -8.81 -1.93
CA LEU B 617 -4.45 -8.41 -1.90
C LEU B 617 -4.22 -7.31 -0.87
N ARG B 618 -4.58 -7.62 0.37
N ARG B 618 -4.58 -7.59 0.37
CA ARG B 618 -4.46 -6.70 1.50
CA ARG B 618 -4.42 -6.64 1.46
C ARG B 618 -3.46 -7.26 2.51
C ARG B 618 -3.51 -7.21 2.52
N ASP B 619 -2.59 -6.38 3.00
CA ASP B 619 -1.65 -6.78 4.05
C ASP B 619 -2.39 -6.73 5.39
N ASN B 620 -2.66 -7.90 5.95
CA ASN B 620 -3.43 -7.97 7.19
C ASN B 620 -2.65 -7.49 8.40
N SER B 621 -1.33 -7.30 8.28
CA SER B 621 -0.54 -6.80 9.40
C SER B 621 -0.73 -5.32 9.64
N THR B 622 -1.17 -4.57 8.63
CA THR B 622 -1.29 -3.12 8.73
C THR B 622 -2.66 -2.64 9.19
N MET B 623 -3.58 -3.56 9.49
CA MET B 623 -4.94 -3.14 9.84
C MET B 623 -4.93 -2.30 11.11
N GLY B 624 -4.14 -2.70 12.12
CA GLY B 624 -4.13 -1.98 13.37
C GLY B 624 -3.73 -0.53 13.23
N TYR B 625 -2.97 -0.20 12.18
CA TYR B 625 -2.50 1.16 11.99
C TYR B 625 -3.58 2.07 11.41
N MET B 626 -4.57 1.52 10.72
CA MET B 626 -5.52 2.31 9.96
C MET B 626 -6.93 2.33 10.54
N MET B 627 -7.24 1.45 11.49
CA MET B 627 -8.58 1.40 12.06
C MET B 627 -8.84 2.58 12.98
N ALA B 628 -10.11 2.92 13.13
CA ALA B 628 -10.54 3.98 14.02
C ALA B 628 -11.16 3.39 15.30
N LYS B 629 -11.22 4.22 16.33
CA LYS B 629 -11.81 3.82 17.61
C LYS B 629 -13.31 4.07 17.59
N LYS B 630 -14.06 3.18 18.23
CA LYS B 630 -15.51 3.28 18.28
C LYS B 630 -15.95 4.12 19.46
N HIS B 631 -16.86 5.05 19.21
CA HIS B 631 -17.52 5.84 20.25
C HIS B 631 -18.99 5.47 20.29
N LEU B 632 -19.51 5.22 21.49
CA LEU B 632 -20.91 4.89 21.68
C LEU B 632 -21.67 6.14 22.11
N GLU B 633 -22.73 6.46 21.40
CA GLU B 633 -23.57 7.61 21.68
C GLU B 633 -24.98 7.16 21.97
N ILE B 634 -25.60 7.74 22.99
CA ILE B 634 -26.92 7.33 23.45
C ILE B 634 -27.87 8.54 23.39
N ASN B 635 -29.16 8.24 23.27
CA ASN B 635 -30.17 9.26 23.08
C ASN B 635 -30.84 9.55 24.42
N PRO B 636 -30.67 10.76 25.00
CA PRO B 636 -31.28 11.03 26.30
C PRO B 636 -32.80 11.02 26.29
N ASP B 637 -33.43 11.18 25.13
CA ASP B 637 -34.88 11.31 25.02
C ASP B 637 -35.55 10.03 24.55
N HIS B 638 -35.06 8.87 25.00
CA HIS B 638 -35.64 7.59 24.66
C HIS B 638 -36.09 6.88 25.93
N PRO B 639 -37.22 6.15 25.89
CA PRO B 639 -37.67 5.46 27.11
C PRO B 639 -36.65 4.47 27.67
N ILE B 640 -35.97 3.73 26.79
CA ILE B 640 -35.02 2.72 27.26
C ILE B 640 -33.89 3.38 28.02
N VAL B 641 -33.38 4.50 27.52
CA VAL B 641 -32.26 5.16 28.16
C VAL B 641 -32.67 5.72 29.52
N GLU B 642 -33.87 6.30 29.61
CA GLU B 642 -34.35 6.81 30.89
C GLU B 642 -34.51 5.67 31.90
N THR B 643 -35.07 4.55 31.46
CA THR B 643 -35.20 3.40 32.35
C THR B 643 -33.84 2.91 32.82
N LEU B 644 -32.87 2.85 31.92
CA LEU B 644 -31.53 2.41 32.31
C LEU B 644 -30.93 3.38 33.32
N ARG B 645 -31.10 4.67 33.12
CA ARG B 645 -30.57 5.65 34.06
C ARG B 645 -31.21 5.47 35.43
N GLN B 646 -32.52 5.30 35.48
CA GLN B 646 -33.20 5.12 36.76
C GLN B 646 -32.72 3.86 37.46
N LYS B 647 -32.57 2.76 36.71
CA LYS B 647 -32.10 1.52 37.31
C LYS B 647 -30.68 1.67 37.83
N ALA B 648 -29.81 2.31 37.06
CA ALA B 648 -28.43 2.51 37.51
C ALA B 648 -28.39 3.35 38.77
N GLU B 649 -29.25 4.36 38.87
CA GLU B 649 -29.34 5.14 40.10
C GLU B 649 -29.80 4.27 41.26
N ALA B 650 -30.77 3.38 41.01
CA ALA B 650 -31.28 2.53 42.08
C ALA B 650 -30.20 1.56 42.58
N ASP B 651 -29.56 0.84 41.66
CA ASP B 651 -28.55 -0.15 42.04
C ASP B 651 -27.66 -0.40 40.83
N LYS B 652 -26.39 0.01 40.92
CA LYS B 652 -25.52 0.00 39.76
C LYS B 652 -24.99 -1.37 39.41
N ASN B 653 -25.10 -2.36 40.30
CA ASN B 653 -24.62 -3.71 40.05
C ASN B 653 -25.75 -4.63 39.62
N ASP B 654 -26.90 -4.09 39.23
CA ASP B 654 -28.02 -4.92 38.80
C ASP B 654 -27.62 -5.74 37.58
N LYS B 655 -28.02 -7.01 37.58
CA LYS B 655 -27.73 -7.88 36.44
C LYS B 655 -28.45 -7.39 35.19
N ALA B 656 -29.75 -7.11 35.30
CA ALA B 656 -30.54 -6.72 34.15
C ALA B 656 -29.91 -5.54 33.42
N VAL B 657 -29.34 -4.59 34.16
CA VAL B 657 -28.68 -3.46 33.54
C VAL B 657 -27.52 -3.94 32.67
N LYS B 658 -26.71 -4.86 33.19
CA LYS B 658 -25.57 -5.35 32.43
C LYS B 658 -26.01 -6.07 31.16
N ASP B 659 -27.00 -6.96 31.28
CA ASP B 659 -27.44 -7.68 30.09
C ASP B 659 -28.01 -6.70 29.06
N LEU B 660 -28.79 -5.72 29.51
CA LEU B 660 -29.37 -4.77 28.58
C LEU B 660 -28.30 -3.93 27.90
N VAL B 661 -27.27 -3.51 28.65
CA VAL B 661 -26.21 -2.73 28.05
C VAL B 661 -25.51 -3.53 26.96
N VAL B 662 -25.18 -4.79 27.26
CA VAL B 662 -24.47 -5.60 26.27
C VAL B 662 -25.34 -5.81 25.04
N LEU B 663 -26.63 -6.11 25.23
CA LEU B 663 -27.52 -6.35 24.10
C LEU B 663 -27.65 -5.10 23.25
N LEU B 664 -27.81 -3.93 23.88
CA LEU B 664 -27.91 -2.69 23.13
C LEU B 664 -26.64 -2.41 22.34
N PHE B 665 -25.48 -2.65 22.95
CA PHE B 665 -24.23 -2.44 22.23
C PHE B 665 -24.16 -3.34 21.01
N GLU B 666 -24.53 -4.62 21.16
CA GLU B 666 -24.46 -5.53 20.03
C GLU B 666 -25.42 -5.11 18.91
N THR B 667 -26.63 -4.70 19.28
CA THR B 667 -27.58 -4.28 18.26
C THR B 667 -27.11 -3.04 17.53
N ALA B 668 -26.57 -2.07 18.27
CA ALA B 668 -26.02 -0.87 17.64
C ALA B 668 -24.85 -1.21 16.72
N LEU B 669 -23.99 -2.13 17.16
CA LEU B 669 -22.87 -2.55 16.34
C LEU B 669 -23.36 -3.14 15.03
N LEU B 670 -24.39 -3.98 15.08
CA LEU B 670 -24.91 -4.58 13.86
C LEU B 670 -25.55 -3.55 12.95
N SER B 671 -26.29 -2.58 13.52
CA SER B 671 -26.99 -1.62 12.68
C SER B 671 -26.09 -0.49 12.18
N SER B 672 -24.89 -0.33 12.73
CA SER B 672 -24.02 0.78 12.36
C SER B 672 -23.01 0.42 11.28
N GLY B 673 -23.04 -0.81 10.77
CA GLY B 673 -22.15 -1.21 9.71
C GLY B 673 -20.97 -2.08 10.12
N PHE B 674 -20.88 -2.42 11.39
CA PHE B 674 -19.79 -3.28 11.86
C PHE B 674 -20.22 -4.73 11.85
N SER B 675 -19.24 -5.63 11.96
CA SER B 675 -19.46 -7.06 12.04
C SER B 675 -18.97 -7.57 13.39
N LEU B 676 -19.77 -8.43 14.00
CA LEU B 676 -19.45 -8.94 15.33
C LEU B 676 -18.26 -9.89 15.28
N GLU B 677 -17.49 -9.91 16.36
CA GLU B 677 -16.39 -10.86 16.47
C GLU B 677 -16.93 -12.29 16.46
N ASP B 678 -18.02 -12.53 17.17
CA ASP B 678 -18.69 -13.83 17.17
C ASP B 678 -20.20 -13.60 17.08
N PRO B 679 -20.79 -13.74 15.90
CA PRO B 679 -22.26 -13.57 15.79
C PRO B 679 -23.04 -14.56 16.62
N GLN B 680 -22.45 -15.72 16.95
CA GLN B 680 -23.20 -16.73 17.68
C GLN B 680 -23.56 -16.27 19.08
N THR B 681 -22.80 -15.35 19.67
CA THR B 681 -23.16 -14.82 20.99
C THR B 681 -24.46 -14.02 20.91
N HIS B 682 -24.57 -13.14 19.91
CA HIS B 682 -25.80 -12.41 19.70
C HIS B 682 -26.97 -13.36 19.42
N SER B 683 -26.73 -14.37 18.58
CA SER B 683 -27.78 -15.34 18.28
C SER B 683 -28.22 -16.05 19.55
N ASN B 684 -27.27 -16.45 20.39
CA ASN B 684 -27.61 -17.16 21.63
C ASN B 684 -28.39 -16.27 22.58
N ARG B 685 -28.04 -14.99 22.67
CA ARG B 685 -28.82 -14.09 23.50
C ARG B 685 -30.26 -14.00 23.01
N ILE B 686 -30.45 -13.87 21.69
CA ILE B 686 -31.80 -13.81 21.16
C ILE B 686 -32.55 -15.11 21.44
N TYR B 687 -31.88 -16.25 21.27
CA TYR B 687 -32.55 -17.53 21.51
C TYR B 687 -32.93 -17.69 22.97
N ARG B 688 -32.08 -17.25 23.89
CA ARG B 688 -32.42 -17.29 25.30
C ARG B 688 -33.66 -16.45 25.58
N MET B 689 -33.73 -15.25 24.99
CA MET B 689 -34.92 -14.42 25.17
C MET B 689 -36.15 -15.13 24.64
N ILE B 690 -36.04 -15.76 23.46
CA ILE B 690 -37.20 -16.43 22.87
C ILE B 690 -37.67 -17.56 23.76
N LYS B 691 -36.73 -18.39 24.25
CA LYS B 691 -37.11 -19.52 25.09
C LYS B 691 -37.76 -19.04 26.38
N LEU B 692 -37.23 -17.97 26.98
CA LEU B 692 -37.86 -17.44 28.18
C LEU B 692 -39.26 -16.96 27.89
N GLY B 693 -39.44 -16.26 26.76
CA GLY B 693 -40.77 -15.79 26.41
C GLY B 693 -41.76 -16.92 26.20
N LEU B 694 -41.32 -18.01 25.58
CA LEU B 694 -42.19 -19.16 25.38
C LEU B 694 -42.29 -20.06 26.60
N GLY B 695 -41.52 -19.79 27.66
CA GLY B 695 -41.55 -20.63 28.83
C GLY B 695 -41.01 -22.02 28.58
N ILE B 696 -40.05 -22.17 27.67
CA ILE B 696 -39.49 -23.49 27.38
C ILE B 696 -38.80 -24.05 28.62
N ASP B 697 -37.99 -23.24 29.28
CA ASP B 697 -37.26 -23.68 30.45
C ASP B 697 -36.57 -22.50 31.14
N ASP B 720 -14.07 -22.34 57.04
CA ASP B 720 -13.18 -22.78 58.17
C ASP B 720 -12.56 -21.57 58.87
N GLU B 721 -11.73 -21.84 59.88
CA GLU B 721 -11.08 -20.74 60.61
C GLU B 721 -10.01 -20.07 59.77
N ASP B 722 -9.39 -20.80 58.83
CA ASP B 722 -8.42 -20.20 57.93
C ASP B 722 -9.05 -19.24 56.95
N ALA B 723 -10.38 -19.30 56.78
CA ALA B 723 -11.06 -18.41 55.86
C ALA B 723 -10.81 -16.95 56.23
N SER B 724 -11.06 -16.59 57.49
CA SER B 724 -10.84 -15.21 57.91
C SER B 724 -9.38 -14.81 57.75
N ARG B 725 -8.46 -15.77 57.77
CA ARG B 725 -7.05 -15.46 57.55
C ARG B 725 -6.74 -15.21 56.08
N MET B 726 -7.43 -15.90 55.18
CA MET B 726 -7.07 -15.84 53.76
C MET B 726 -7.23 -14.42 53.21
N GLU B 727 -8.32 -13.75 53.56
CA GLU B 727 -8.64 -12.47 52.94
C GLU B 727 -8.69 -11.33 53.95
N GLU B 728 -7.70 -11.27 54.85
CA GLU B 728 -7.61 -10.18 55.81
C GLU B 728 -6.40 -9.30 55.57
N VAL B 729 -5.19 -9.87 55.63
CA VAL B 729 -3.95 -9.12 55.41
C VAL B 729 -2.86 -10.14 55.08
N ASP B 730 -2.11 -9.88 54.01
CA ASP B 730 -1.00 -10.75 53.61
C ASP B 730 -1.30 -12.23 53.84
N ALA C 2 21.96 38.27 57.03
CA ALA C 2 22.60 39.50 57.59
C ALA C 2 21.61 40.65 57.63
N ASP C 3 21.35 41.24 56.46
CA ASP C 3 20.42 42.37 56.32
C ASP C 3 19.59 42.11 55.07
N ILE C 4 18.44 41.47 55.25
CA ILE C 4 17.57 41.15 54.12
C ILE C 4 16.59 42.28 53.82
N ILE C 5 16.18 43.04 54.84
CA ILE C 5 15.24 44.14 54.60
C ILE C 5 15.83 45.14 53.64
N ALA C 6 17.10 45.51 53.84
CA ALA C 6 17.78 46.39 52.90
C ALA C 6 17.97 45.73 51.53
N ARG C 7 17.88 44.40 51.47
CA ARG C 7 18.06 43.68 50.20
C ARG C 7 16.77 43.67 49.39
N LEU C 8 15.61 43.59 50.04
CA LEU C 8 14.35 43.53 49.30
C LEU C 8 14.11 44.81 48.51
N ARG C 9 14.37 45.97 49.11
CA ARG C 9 14.12 47.23 48.43
C ARG C 9 14.97 47.34 47.17
N GLU C 10 16.25 46.99 47.27
CA GLU C 10 17.13 47.06 46.11
C GLU C 10 16.79 46.02 45.05
N ASP C 11 16.13 44.93 45.45
CA ASP C 11 15.71 43.93 44.46
C ASP C 11 14.55 44.41 43.60
N GLY C 12 13.87 45.49 44.01
CA GLY C 12 12.78 46.08 43.26
C GLY C 12 11.48 46.17 44.04
N ILE C 13 11.24 45.22 44.94
CA ILE C 13 10.00 45.21 45.71
C ILE C 13 10.07 46.28 46.81
N GLN C 14 8.91 46.75 47.22
CA GLN C 14 8.78 47.71 48.31
C GLN C 14 7.69 47.21 49.25
N LYS C 15 8.07 46.89 50.49
CA LYS C 15 7.17 46.24 51.43
C LYS C 15 7.13 47.01 52.74
N ARG C 16 5.98 46.92 53.41
CA ARG C 16 5.73 47.60 54.68
C ARG C 16 5.18 46.59 55.67
N VAL C 17 5.79 46.53 56.85
CA VAL C 17 5.34 45.63 57.91
C VAL C 17 4.19 46.28 58.67
N ILE C 18 3.31 45.45 59.22
CA ILE C 18 2.17 45.89 60.01
C ILE C 18 2.34 45.50 61.48
N GLN C 19 2.40 44.21 61.76
CA GLN C 19 2.53 43.70 63.12
C GLN C 19 3.75 42.80 63.20
N GLU C 20 4.73 43.18 64.02
CA GLU C 20 5.92 42.36 64.20
C GLU C 20 5.55 41.02 64.80
N GLY C 21 6.17 39.96 64.30
CA GLY C 21 5.93 38.63 64.79
C GLY C 21 6.66 38.35 66.09
N ARG C 22 6.47 37.13 66.59
CA ARG C 22 7.05 36.70 67.85
C ARG C 22 8.11 35.64 67.62
N GLY C 23 9.22 35.76 68.32
CA GLY C 23 10.31 34.81 68.17
C GLY C 23 11.38 35.28 67.21
N GLU C 24 12.28 34.35 66.89
CA GLU C 24 13.44 34.63 66.06
C GLU C 24 13.15 34.31 64.60
N LEU C 25 14.12 34.65 63.74
CA LEU C 25 13.96 34.45 62.31
C LEU C 25 14.31 33.02 61.93
N PRO C 26 13.41 32.26 61.29
CA PRO C 26 13.75 30.89 60.92
C PRO C 26 14.90 30.83 59.94
N ASP C 27 15.62 29.70 59.96
CA ASP C 27 16.79 29.55 59.10
C ASP C 27 16.40 29.63 57.62
N PHE C 28 15.31 28.98 57.23
CA PHE C 28 14.84 29.00 55.85
C PHE C 28 15.93 28.52 54.89
N GLN C 29 16.48 27.34 55.20
CA GLN C 29 17.51 26.73 54.36
C GLN C 29 16.85 26.04 53.17
N ASP C 30 17.67 25.37 52.35
CA ASP C 30 17.17 24.67 51.17
C ASP C 30 16.30 23.51 51.63
N GLY C 31 14.98 23.68 51.52
CA GLY C 31 14.05 22.70 52.03
C GLY C 31 13.55 23.08 53.41
N THR C 32 12.31 23.54 53.49
CA THR C 32 11.71 23.96 54.75
C THR C 32 10.23 24.19 54.54
N LYS C 33 9.42 23.80 55.51
CA LYS C 33 7.98 23.89 55.40
C LYS C 33 7.48 25.09 56.18
N ALA C 34 6.64 25.92 55.53
CA ALA C 34 6.03 27.09 56.14
C ALA C 34 4.55 27.08 55.85
N THR C 35 3.75 27.35 56.87
CA THR C 35 2.30 27.47 56.74
C THR C 35 1.91 28.93 56.92
N PHE C 36 1.08 29.44 56.02
CA PHE C 36 0.69 30.84 56.04
C PHE C 36 -0.57 31.02 55.20
N HIS C 37 -1.14 32.21 55.29
CA HIS C 37 -2.36 32.57 54.58
C HIS C 37 -2.07 33.65 53.55
N TYR C 38 -2.81 33.63 52.45
CA TYR C 38 -2.65 34.62 51.38
C TYR C 38 -3.99 35.31 51.12
N ARG C 39 -3.90 36.57 50.70
CA ARG C 39 -5.07 37.30 50.21
C ARG C 39 -4.55 38.34 49.23
N THR C 40 -4.73 38.08 47.94
CA THR C 40 -4.14 38.88 46.88
C THR C 40 -5.20 39.77 46.25
N LEU C 41 -4.90 41.07 46.16
CA LEU C 41 -5.81 42.04 45.57
C LEU C 41 -5.01 42.98 44.67
N HIS C 42 -5.66 43.45 43.61
CA HIS C 42 -5.01 44.36 42.67
C HIS C 42 -4.57 45.63 43.39
N SER C 43 -3.43 46.17 42.97
CA SER C 43 -2.86 47.31 43.67
C SER C 43 -3.65 48.58 43.40
N ASP C 44 -3.72 49.01 42.15
CA ASP C 44 -4.40 50.26 41.81
C ASP C 44 -5.29 50.19 40.58
N ASP C 45 -5.18 49.16 39.73
CA ASP C 45 -5.94 49.16 38.49
C ASP C 45 -7.44 49.18 38.76
N GLU C 46 -7.92 48.27 39.60
CA GLU C 46 -9.31 48.28 40.03
C GLU C 46 -9.50 48.07 41.54
N GLY C 47 -8.50 47.59 42.26
CA GLY C 47 -8.54 47.52 43.70
C GLY C 47 -9.24 46.32 44.28
N THR C 48 -9.79 45.43 43.46
CA THR C 48 -10.53 44.29 43.97
C THR C 48 -9.59 43.14 44.32
N VAL C 49 -10.16 42.08 44.88
CA VAL C 49 -9.41 40.91 45.32
C VAL C 49 -9.63 39.79 44.31
N LEU C 50 -8.53 39.25 43.79
CA LEU C 50 -8.59 38.19 42.78
C LEU C 50 -8.63 36.80 43.41
N ASP C 51 -7.86 36.56 44.46
CA ASP C 51 -7.86 35.28 45.16
C ASP C 51 -7.63 35.54 46.65
N ASP C 52 -8.30 34.75 47.49
CA ASP C 52 -8.25 34.94 48.92
C ASP C 52 -8.35 33.59 49.62
N SER C 53 -7.62 33.44 50.73
CA SER C 53 -7.63 32.22 51.51
C SER C 53 -8.19 32.43 52.91
N ARG C 54 -7.63 33.37 53.67
CA ARG C 54 -8.12 33.63 55.02
C ARG C 54 -9.52 34.23 55.00
N ALA C 55 -9.97 34.74 53.84
CA ALA C 55 -11.34 35.24 53.75
C ALA C 55 -12.35 34.13 53.98
N ARG C 56 -12.03 32.91 53.56
CA ARG C 56 -12.88 31.75 53.80
C ARG C 56 -12.24 30.71 54.70
N GLY C 57 -10.91 30.71 54.85
CA GLY C 57 -10.26 29.81 55.78
C GLY C 57 -9.71 28.54 55.15
N LYS C 58 -8.94 28.69 54.08
CA LYS C 58 -8.27 27.56 53.43
C LYS C 58 -6.77 27.79 53.43
N PRO C 59 -6.02 27.22 54.38
CA PRO C 59 -4.59 27.50 54.44
C PRO C 59 -3.87 27.09 53.16
N MET C 60 -2.86 27.88 52.79
CA MET C 60 -2.08 27.65 51.58
C MET C 60 -0.67 27.23 51.99
N GLU C 61 -0.43 25.92 52.02
CA GLU C 61 0.87 25.40 52.44
C GLU C 61 1.92 25.64 51.36
N LEU C 62 3.16 25.81 51.82
CA LEU C 62 4.27 26.09 50.90
C LEU C 62 5.57 25.73 51.59
N ILE C 63 6.31 24.80 51.00
CA ILE C 63 7.66 24.45 51.45
C ILE C 63 8.64 25.34 50.71
N ILE C 64 9.69 25.77 51.40
CA ILE C 64 10.56 26.84 50.92
C ILE C 64 11.76 26.22 50.20
N GLY C 65 11.76 26.33 48.87
CA GLY C 65 12.99 26.26 48.10
C GLY C 65 13.46 24.90 47.64
N LYS C 66 12.61 24.14 46.94
CA LYS C 66 13.11 22.99 46.19
C LYS C 66 13.31 23.38 44.73
N LYS C 67 12.22 23.66 44.01
CA LYS C 67 12.31 24.41 42.77
C LYS C 67 11.37 25.62 42.82
N PHE C 68 10.08 25.35 43.04
CA PHE C 68 9.06 26.38 43.19
C PHE C 68 9.21 27.49 42.15
N LYS C 69 8.88 27.18 40.89
CA LYS C 69 9.13 28.04 39.74
C LYS C 69 9.04 29.52 40.07
N LEU C 70 8.01 29.93 40.79
CA LEU C 70 7.84 31.35 41.12
C LEU C 70 8.75 31.71 42.28
N PRO C 71 9.79 32.51 42.03
CA PRO C 71 10.67 32.84 43.15
C PRO C 71 10.22 34.01 44.01
N VAL C 72 9.12 34.66 43.67
CA VAL C 72 8.65 35.81 44.44
C VAL C 72 8.05 35.38 45.77
N TRP C 73 7.28 34.29 45.78
CA TRP C 73 6.66 33.84 47.03
C TRP C 73 7.72 33.50 48.07
N GLU C 74 8.78 32.79 47.65
CA GLU C 74 9.82 32.39 48.58
C GLU C 74 10.50 33.63 49.18
N THR C 75 10.95 34.55 48.32
CA THR C 75 11.59 35.77 48.81
C THR C 75 10.65 36.56 49.71
N ILE C 76 9.35 36.54 49.42
CA ILE C 76 8.39 37.27 50.24
C ILE C 76 8.33 36.67 51.63
N VAL C 77 8.23 35.33 51.72
CA VAL C 77 8.12 34.69 53.03
C VAL C 77 9.46 34.55 53.74
N CYS C 78 10.58 34.85 53.07
CA CYS C 78 11.87 34.81 53.74
C CYS C 78 11.92 35.80 54.90
N THR C 79 11.50 37.04 54.66
CA THR C 79 11.58 38.10 55.67
C THR C 79 10.28 38.21 56.46
N MET C 80 9.78 37.08 56.97
CA MET C 80 8.63 37.07 57.84
C MET C 80 8.82 35.97 58.87
N ARG C 81 8.67 36.32 60.14
CA ARG C 81 8.83 35.38 61.24
C ARG C 81 7.46 34.82 61.63
N GLU C 82 7.42 34.06 62.73
CA GLU C 82 6.17 33.53 63.22
C GLU C 82 5.22 34.65 63.63
N GLY C 83 3.97 34.55 63.19
CA GLY C 83 2.95 35.51 63.60
C GLY C 83 3.23 36.93 63.16
N GLU C 84 3.79 37.12 61.98
CA GLU C 84 4.08 38.45 61.44
C GLU C 84 3.14 38.71 60.26
N ILE C 85 2.41 39.82 60.33
CA ILE C 85 1.43 40.19 59.32
C ILE C 85 1.96 41.41 58.57
N ALA C 86 1.93 41.33 57.24
CA ALA C 86 2.42 42.43 56.42
C ALA C 86 1.69 42.41 55.08
N GLN C 87 1.72 43.56 54.40
CA GLN C 87 1.15 43.72 53.08
C GLN C 87 2.15 44.44 52.20
N PHE C 88 2.07 44.20 50.89
CA PHE C 88 3.02 44.79 49.96
C PHE C 88 2.62 44.42 48.54
N LEU C 89 3.27 45.07 47.59
CA LEU C 89 3.09 44.83 46.16
C LEU C 89 4.42 44.38 45.56
N CYS C 90 4.34 43.93 44.30
CA CYS C 90 5.52 43.48 43.57
C CYS C 90 5.46 44.00 42.15
N ASP C 91 6.62 44.05 41.50
CA ASP C 91 6.72 44.50 40.13
C ASP C 91 6.21 43.42 39.17
N ILE C 92 5.96 43.83 37.93
CA ILE C 92 5.47 42.90 36.92
C ILE C 92 6.48 41.79 36.66
N LYS C 93 7.78 42.11 36.78
CA LYS C 93 8.80 41.11 36.47
C LYS C 93 8.70 39.90 37.39
N HIS C 94 8.48 40.12 38.69
CA HIS C 94 8.36 39.01 39.62
C HIS C 94 7.14 38.14 39.29
N VAL C 95 6.02 38.77 38.94
CA VAL C 95 4.75 38.06 38.82
C VAL C 95 4.26 38.08 37.38
N VAL C 96 5.19 38.09 36.42
CA VAL C 96 4.80 38.04 35.02
C VAL C 96 4.10 36.72 34.71
N LEU C 97 4.62 35.62 35.23
CA LEU C 97 4.07 34.28 34.98
C LEU C 97 3.07 33.86 36.05
N TYR C 98 2.36 34.80 36.65
CA TYR C 98 1.39 34.47 37.67
C TYR C 98 0.35 33.43 37.23
N PRO C 99 -0.19 33.48 36.01
CA PRO C 99 -1.24 32.52 35.64
C PRO C 99 -0.81 31.07 35.74
N LEU C 100 0.50 30.79 35.77
CA LEU C 100 1.00 29.43 35.89
C LEU C 100 1.12 28.97 37.34
N VAL C 101 0.39 29.61 38.26
CA VAL C 101 0.45 29.26 39.68
C VAL C 101 -0.95 28.96 40.19
N ALA C 102 -1.87 29.91 40.02
CA ALA C 102 -3.20 29.81 40.60
C ALA C 102 -4.22 29.19 39.65
N LYS C 103 -3.79 28.69 38.49
CA LYS C 103 -4.72 28.06 37.57
C LYS C 103 -5.42 26.87 38.22
N SER C 104 -4.74 26.19 39.15
CA SER C 104 -5.32 25.00 39.77
C SER C 104 -5.13 24.93 41.28
N LEU C 105 -4.28 25.75 41.89
CA LEU C 105 -4.04 25.62 43.33
C LEU C 105 -5.31 25.80 44.14
N ARG C 106 -6.31 26.48 43.60
CA ARG C 106 -7.62 26.58 44.23
C ARG C 106 -8.63 25.60 43.65
N ASN C 107 -8.62 25.40 42.33
CA ASN C 107 -9.54 24.45 41.71
C ASN C 107 -9.27 23.04 42.20
N ILE C 108 -8.00 22.66 42.33
CA ILE C 108 -7.63 21.31 42.78
C ILE C 108 -7.64 21.35 44.30
N ALA C 109 -8.84 21.17 44.87
CA ALA C 109 -9.03 21.20 46.30
C ALA C 109 -10.47 20.89 46.65
N GLY C 134 -10.94 27.81 33.91
CA GLY C 134 -11.13 28.99 33.09
C GLY C 134 -11.35 30.24 33.93
N HIS C 135 -10.38 30.55 34.79
CA HIS C 135 -10.51 31.68 35.69
C HIS C 135 -10.55 32.98 34.92
N ALA C 136 -11.44 33.88 35.32
CA ALA C 136 -11.57 35.19 34.70
C ALA C 136 -10.82 36.29 35.44
N ASP C 137 -10.54 36.10 36.73
CA ASP C 137 -9.80 37.12 37.48
C ASP C 137 -8.30 36.98 37.25
N LEU C 138 -7.73 35.83 37.62
CA LEU C 138 -6.28 35.65 37.49
C LEU C 138 -5.84 35.63 36.05
N ASP C 139 -6.75 35.45 35.10
CA ASP C 139 -6.44 35.57 33.68
C ASP C 139 -6.41 37.02 33.21
N ALA C 140 -6.78 37.97 34.07
CA ALA C 140 -6.70 39.37 33.68
C ALA C 140 -5.27 39.79 33.41
N LEU C 141 -4.32 39.29 34.22
CA LEU C 141 -2.92 39.65 34.02
C LEU C 141 -2.42 39.22 32.65
N GLN C 142 -2.96 38.13 32.10
CA GLN C 142 -2.50 37.64 30.81
C GLN C 142 -2.61 38.72 29.73
N GLN C 143 -3.59 39.61 29.85
CA GLN C 143 -3.81 40.65 28.85
C GLN C 143 -3.31 42.02 29.27
N ASN C 144 -3.09 42.25 30.56
CA ASN C 144 -2.57 43.53 31.03
C ASN C 144 -1.83 43.32 32.35
N PRO C 145 -0.52 43.06 32.31
CA PRO C 145 0.22 42.93 33.55
C PRO C 145 0.42 44.26 34.25
N GLN C 146 0.64 44.18 35.57
CA GLN C 146 0.85 45.33 36.44
C GLN C 146 1.27 44.83 37.83
N PRO C 147 1.75 45.79 38.71
CA PRO C 147 2.10 45.30 40.05
C PRO C 147 0.86 44.83 40.82
N LEU C 148 1.02 43.87 41.74
CA LEU C 148 -0.13 43.33 42.47
C LEU C 148 0.20 43.29 43.96
N ILE C 149 -0.80 43.59 44.78
CA ILE C 149 -0.63 43.59 46.22
C ILE C 149 -0.73 42.16 46.74
N PHE C 150 0.00 41.89 47.82
CA PHE C 150 0.04 40.57 48.44
C PHE C 150 -0.06 40.74 49.95
N HIS C 151 -1.17 40.32 50.53
CA HIS C 151 -1.39 40.40 51.97
C HIS C 151 -1.07 39.03 52.57
N MET C 152 -0.03 38.98 53.41
CA MET C 152 0.48 37.75 53.96
C MET C 152 0.25 37.70 55.46
N GLU C 153 0.10 36.48 55.98
CA GLU C 153 0.01 36.26 57.42
C GLU C 153 0.61 34.89 57.73
N MET C 154 1.72 34.88 58.46
CA MET C 154 2.41 33.65 58.81
C MET C 154 1.97 33.17 60.19
N LEU C 155 1.72 31.87 60.30
CA LEU C 155 1.32 31.25 61.56
C LEU C 155 2.40 30.34 62.14
N LYS C 156 2.87 29.37 61.37
CA LYS C 156 3.88 28.42 61.84
C LYS C 156 4.91 28.20 60.75
N VAL C 157 6.15 27.92 61.17
CA VAL C 157 7.24 27.61 60.26
C VAL C 157 8.15 26.60 60.93
N GLU C 158 8.24 25.40 60.38
CA GLU C 158 9.01 24.31 60.95
C GLU C 158 10.07 23.85 59.98
N SER C 159 11.29 23.66 60.49
CA SER C 159 12.39 23.15 59.68
C SER C 159 12.20 21.66 59.44
N PRO C 160 12.86 21.10 58.43
CA PRO C 160 12.75 19.66 58.20
C PRO C 160 13.23 18.86 59.41
N GLY C 161 12.55 17.75 59.67
CA GLY C 161 12.90 16.89 60.77
C GLY C 161 11.77 16.71 61.77
N THR C 162 11.03 17.80 62.03
CA THR C 162 9.96 17.77 63.03
C THR C 162 8.64 17.32 62.41
N TYR C 163 8.14 18.08 61.43
CA TYR C 163 6.89 17.72 60.79
C TYR C 163 7.05 16.45 59.97
N GLN C 164 6.00 15.65 59.93
CA GLN C 164 5.99 14.47 59.08
C GLN C 164 6.03 14.90 57.63
N GLN C 165 7.18 14.70 56.98
CA GLN C 165 7.31 15.08 55.58
C GLN C 165 6.29 14.33 54.73
N ASP C 166 5.61 15.07 53.85
CA ASP C 166 4.66 14.44 52.95
C ASP C 166 5.40 13.62 51.90
N PRO C 167 4.79 12.54 51.41
CA PRO C 167 5.56 11.57 50.60
C PRO C 167 6.20 12.15 49.36
N TRP C 168 5.54 13.11 48.69
CA TRP C 168 6.06 13.59 47.41
C TRP C 168 7.36 14.38 47.58
N ALA C 169 7.57 14.96 48.76
CA ALA C 169 8.75 15.80 48.99
C ALA C 169 9.94 15.03 49.55
N MET C 170 9.72 13.80 50.00
CA MET C 170 10.80 13.03 50.62
C MET C 170 11.81 12.58 49.58
N THR C 171 13.03 12.29 50.04
CA THR C 171 14.09 11.81 49.18
C THR C 171 13.99 10.29 49.02
N ASP C 172 14.55 9.78 47.92
CA ASP C 172 14.44 8.36 47.62
C ASP C 172 14.99 7.50 48.75
N GLU C 173 16.20 7.83 49.22
CA GLU C 173 16.85 7.01 50.25
C GLU C 173 16.03 6.93 51.52
N GLU C 174 15.25 7.97 51.84
CA GLU C 174 14.43 7.96 53.04
C GLU C 174 13.04 7.40 52.78
N LYS C 175 12.48 7.60 51.60
CA LYS C 175 11.19 6.99 51.28
C LYS C 175 11.30 5.47 51.26
N ALA C 176 12.45 4.96 50.84
CA ALA C 176 12.66 3.51 50.88
C ALA C 176 12.42 2.95 52.27
N LYS C 177 12.97 3.61 53.30
CA LYS C 177 12.75 3.16 54.67
C LYS C 177 11.41 3.61 55.23
N ALA C 178 10.78 4.62 54.62
CA ALA C 178 9.50 5.10 55.11
C ALA C 178 8.35 4.18 54.72
N VAL C 179 8.47 3.51 53.57
CA VAL C 179 7.33 2.70 53.08
C VAL C 179 6.78 1.75 54.14
N PRO C 180 7.60 0.99 54.87
CA PRO C 180 7.03 0.05 55.85
C PRO C 180 6.15 0.69 56.90
N LEU C 181 6.49 1.89 57.35
CA LEU C 181 5.63 2.57 58.33
C LEU C 181 4.27 2.88 57.72
N ILE C 182 4.24 3.29 56.46
CA ILE C 182 2.97 3.52 55.77
C ILE C 182 2.18 2.22 55.69
N HIS C 183 2.85 1.12 55.33
CA HIS C 183 2.18 -0.18 55.27
C HIS C 183 1.55 -0.52 56.60
N GLN C 184 2.30 -0.36 57.69
CA GLN C 184 1.80 -0.73 59.02
C GLN C 184 0.65 0.17 59.45
N GLU C 185 0.75 1.47 59.17
CA GLU C 185 -0.35 2.36 59.50
C GLU C 185 -1.61 1.99 58.74
N GLY C 186 -1.47 1.66 57.46
CA GLY C 186 -2.63 1.22 56.68
C GLY C 186 -3.24 -0.04 57.24
N ASN C 187 -2.41 -1.01 57.60
CA ASN C 187 -2.93 -2.24 58.19
C ASN C 187 -3.67 -1.96 59.49
N ARG C 188 -3.07 -1.14 60.36
CA ARG C 188 -3.69 -0.84 61.64
C ARG C 188 -5.04 -0.16 61.45
N LEU C 189 -5.11 0.79 60.52
CA LEU C 189 -6.39 1.44 60.24
C LEU C 189 -7.41 0.44 59.68
N TYR C 190 -6.95 -0.45 58.79
CA TYR C 190 -7.87 -1.43 58.20
C TYR C 190 -8.47 -2.33 59.26
N ARG C 191 -7.64 -2.82 60.20
CA ARG C 191 -8.14 -3.76 61.19
C ARG C 191 -9.11 -3.09 62.16
N GLU C 192 -8.92 -1.79 62.43
CA GLU C 192 -9.80 -1.10 63.36
C GLU C 192 -11.24 -1.06 62.85
N GLY C 193 -11.42 -0.93 61.54
CA GLY C 193 -12.74 -0.81 60.96
C GLY C 193 -12.90 0.43 60.10
N HIS C 194 -11.78 0.95 59.60
CA HIS C 194 -11.78 2.08 58.67
C HIS C 194 -11.06 1.66 57.40
N VAL C 195 -11.65 2.00 56.25
CA VAL C 195 -11.22 1.50 54.95
C VAL C 195 -10.71 2.61 54.05
N LYS C 196 -11.51 3.67 53.86
CA LYS C 196 -11.11 4.75 52.97
C LYS C 196 -9.72 5.27 53.30
N GLU C 197 -9.44 5.43 54.60
CA GLU C 197 -8.14 5.93 55.02
C GLU C 197 -7.07 4.87 54.82
N ALA C 198 -7.41 3.61 55.07
CA ALA C 198 -6.49 2.52 54.75
C ALA C 198 -6.19 2.49 53.26
N ALA C 199 -7.22 2.70 52.44
CA ALA C 199 -7.00 2.76 50.99
C ALA C 199 -6.06 3.90 50.63
N ALA C 200 -6.24 5.07 51.25
CA ALA C 200 -5.35 6.18 50.97
C ALA C 200 -3.91 5.86 51.36
N LYS C 201 -3.71 5.26 52.53
CA LYS C 201 -2.36 4.92 52.96
C LYS C 201 -1.72 3.91 52.02
N TYR C 202 -2.48 2.88 51.64
CA TYR C 202 -1.95 1.88 50.73
C TYR C 202 -1.62 2.50 49.37
N TYR C 203 -2.47 3.40 48.89
CA TYR C 203 -2.20 4.10 47.64
C TYR C 203 -0.90 4.88 47.72
N ASP C 204 -0.69 5.60 48.82
CA ASP C 204 0.54 6.36 48.97
C ASP C 204 1.76 5.45 48.98
N ALA C 205 1.68 4.34 49.72
CA ALA C 205 2.80 3.41 49.76
C ALA C 205 3.08 2.83 48.38
N ILE C 206 2.03 2.46 47.64
CA ILE C 206 2.20 1.87 46.31
C ILE C 206 2.86 2.88 45.37
N ALA C 207 2.38 4.11 45.37
CA ALA C 207 2.97 5.12 44.50
C ALA C 207 4.42 5.38 44.89
N CYS C 208 4.70 5.41 46.19
CA CYS C 208 6.07 5.64 46.63
CA CYS C 208 6.06 5.64 46.64
C CYS C 208 7.00 4.54 46.14
N LEU C 209 6.55 3.27 46.25
CA LEU C 209 7.37 2.18 45.77
C LEU C 209 7.54 2.24 44.25
N LYS C 210 6.46 2.54 43.53
CA LYS C 210 6.53 2.52 42.07
C LYS C 210 7.45 3.60 41.54
N ASN C 211 7.41 4.79 42.16
CA ASN C 211 8.30 5.86 41.71
C ASN C 211 9.75 5.44 41.84
N LEU C 212 10.08 4.66 42.87
CA LEU C 212 11.46 4.19 43.05
C LEU C 212 11.87 3.28 41.89
N GLN C 213 10.97 2.41 41.44
CA GLN C 213 11.32 1.46 40.39
C GLN C 213 11.85 2.16 39.15
N MET C 214 11.35 3.36 38.87
CA MET C 214 11.87 4.12 37.74
C MET C 214 13.35 4.44 37.91
N LYS C 215 13.83 4.48 39.16
CA LYS C 215 15.24 4.70 39.42
C LYS C 215 16.12 3.54 39.00
N GLU C 216 15.53 2.37 38.74
CA GLU C 216 16.29 1.15 38.51
C GLU C 216 15.92 0.55 37.16
N GLN C 217 16.89 -0.11 36.55
CA GLN C 217 16.66 -0.78 35.27
C GLN C 217 15.71 -1.96 35.47
N PRO C 218 14.77 -2.19 34.57
CA PRO C 218 13.89 -3.37 34.70
C PRO C 218 14.63 -4.66 34.37
N GLY C 219 14.10 -5.76 34.89
CA GLY C 219 14.72 -7.05 34.74
C GLY C 219 15.91 -7.31 35.65
N SER C 220 16.59 -6.26 36.10
CA SER C 220 17.71 -6.43 36.99
C SER C 220 17.24 -6.87 38.37
N PRO C 221 18.12 -7.45 39.17
CA PRO C 221 17.70 -7.96 40.48
C PRO C 221 17.03 -6.92 41.36
N GLU C 222 17.40 -5.65 41.22
CA GLU C 222 16.84 -4.61 42.09
C GLU C 222 15.40 -4.30 41.69
N TRP C 223 15.11 -4.28 40.39
CA TRP C 223 13.74 -4.04 39.95
C TRP C 223 12.82 -5.15 40.46
N ILE C 224 13.23 -6.40 40.31
CA ILE C 224 12.41 -7.51 40.78
C ILE C 224 12.31 -7.49 42.30
N GLN C 225 13.38 -7.08 42.98
CA GLN C 225 13.33 -6.96 44.43
C GLN C 225 12.28 -5.93 44.85
N LEU C 226 12.26 -4.78 44.18
CA LEU C 226 11.23 -3.78 44.48
C LEU C 226 9.85 -4.32 44.16
N ASP C 227 9.71 -5.00 43.02
CA ASP C 227 8.42 -5.58 42.64
C ASP C 227 7.95 -6.58 43.68
N GLN C 228 8.87 -7.24 44.38
CA GLN C 228 8.49 -8.27 45.33
C GLN C 228 7.69 -7.70 46.50
N GLN C 229 8.01 -6.47 46.92
CA GLN C 229 7.40 -5.89 48.10
C GLN C 229 6.19 -5.01 47.78
N ILE C 230 5.82 -4.88 46.50
CA ILE C 230 4.63 -4.12 46.15
C ILE C 230 3.40 -5.02 46.04
N THR C 231 3.58 -6.25 45.59
CA THR C 231 2.45 -7.16 45.45
C THR C 231 1.65 -7.33 46.74
N PRO C 232 2.26 -7.47 47.91
CA PRO C 232 1.44 -7.53 49.14
C PRO C 232 0.63 -6.26 49.36
N LEU C 233 1.25 -5.09 49.20
CA LEU C 233 0.52 -3.84 49.35
C LEU C 233 -0.60 -3.72 48.33
N LEU C 234 -0.32 -4.10 47.07
CA LEU C 234 -1.35 -4.02 46.05
C LEU C 234 -2.48 -5.00 46.33
N LEU C 235 -2.17 -6.16 46.89
CA LEU C 235 -3.21 -7.10 47.28
C LEU C 235 -4.08 -6.52 48.38
N ASN C 236 -3.47 -5.83 49.35
CA ASN C 236 -4.28 -5.16 50.37
C ASN C 236 -5.15 -4.08 49.76
N TYR C 237 -4.59 -3.33 48.80
CA TYR C 237 -5.38 -2.29 48.13
C TYR C 237 -6.56 -2.89 47.40
N CYS C 238 -6.35 -4.01 46.70
CA CYS C 238 -7.44 -4.70 46.03
C CYS C 238 -8.46 -5.21 47.03
N GLN C 239 -8.01 -5.72 48.18
CA GLN C 239 -8.93 -6.18 49.21
C GLN C 239 -9.82 -5.05 49.68
N CYS C 240 -9.23 -3.89 49.96
CA CYS C 240 -10.02 -2.75 50.42
C CYS C 240 -10.99 -2.28 49.34
N LYS C 241 -10.52 -2.23 48.08
CA LYS C 241 -11.40 -1.83 46.99
C LYS C 241 -12.58 -2.78 46.86
N LEU C 242 -12.32 -4.08 46.98
CA LEU C 242 -13.40 -5.07 46.92
C LEU C 242 -14.37 -4.87 48.08
N VAL C 243 -13.84 -4.55 49.27
CA VAL C 243 -14.71 -4.34 50.42
C VAL C 243 -15.61 -3.14 50.19
N VAL C 244 -15.11 -2.09 49.53
CA VAL C 244 -15.91 -0.88 49.34
C VAL C 244 -16.81 -1.02 48.11
N GLU C 245 -16.89 -2.22 47.56
CA GLU C 245 -17.83 -2.56 46.48
C GLU C 245 -17.43 -1.97 45.14
N GLU C 246 -16.16 -1.61 44.96
CA GLU C 246 -15.66 -1.10 43.69
C GLU C 246 -14.95 -2.27 43.01
N TYR C 247 -15.72 -3.03 42.24
CA TYR C 247 -15.24 -4.30 41.68
C TYR C 247 -14.42 -4.12 40.40
N TYR C 248 -14.87 -3.26 39.49
CA TYR C 248 -14.21 -3.16 38.19
C TYR C 248 -12.77 -2.71 38.34
N GLU C 249 -12.49 -1.82 39.30
CA GLU C 249 -11.12 -1.41 39.55
C GLU C 249 -10.26 -2.59 39.97
N VAL C 250 -10.80 -3.47 40.82
CA VAL C 250 -10.03 -4.60 41.33
C VAL C 250 -9.59 -5.49 40.17
N LEU C 251 -10.43 -5.62 39.14
CA LEU C 251 -10.12 -6.54 38.05
C LEU C 251 -8.84 -6.13 37.34
N ASP C 252 -8.64 -4.83 37.11
CA ASP C 252 -7.47 -4.37 36.37
C ASP C 252 -6.19 -4.66 37.14
N HIS C 253 -6.16 -4.31 38.43
CA HIS C 253 -4.96 -4.56 39.23
C HIS C 253 -4.70 -6.05 39.35
N CYS C 254 -5.74 -6.85 39.57
CA CYS C 254 -5.54 -8.30 39.66
C CYS C 254 -5.01 -8.87 38.35
N SER C 255 -5.54 -8.40 37.21
CA SER C 255 -5.04 -8.87 35.93
C SER C 255 -3.59 -8.48 35.75
N SER C 256 -3.22 -7.28 36.18
N SER C 256 -3.22 -7.28 36.18
CA SER C 256 -1.83 -6.84 36.08
CA SER C 256 -1.83 -6.84 36.08
C SER C 256 -0.92 -7.76 36.90
C SER C 256 -0.92 -7.76 36.90
N ILE C 257 -1.36 -8.14 38.10
CA ILE C 257 -0.56 -9.04 38.93
C ILE C 257 -0.44 -10.41 38.27
N LEU C 258 -1.57 -10.97 37.83
CA LEU C 258 -1.56 -12.35 37.32
C LEU C 258 -0.78 -12.44 36.02
N ASN C 259 -0.81 -11.40 35.19
CA ASN C 259 -0.10 -11.46 33.91
CA ASN C 259 -0.10 -11.46 33.91
C ASN C 259 1.39 -11.65 34.14
N LYS C 260 1.97 -10.94 35.09
CA LYS C 260 3.39 -11.09 35.36
C LYS C 260 3.68 -12.35 36.15
N TYR C 261 2.88 -12.66 37.18
CA TYR C 261 3.21 -13.78 38.07
C TYR C 261 2.54 -15.08 37.63
N ASP C 262 1.20 -15.11 37.62
CA ASP C 262 0.45 -16.32 37.26
C ASP C 262 0.70 -17.44 38.27
N ASP C 263 1.04 -17.09 39.51
CA ASP C 263 1.14 -18.09 40.56
C ASP C 263 0.63 -17.58 41.91
N ASN C 264 -0.16 -16.51 41.92
CA ASN C 264 -0.68 -15.95 43.15
C ASN C 264 -2.06 -16.52 43.46
N VAL C 265 -2.17 -17.24 44.57
CA VAL C 265 -3.47 -17.78 44.96
C VAL C 265 -4.41 -16.64 45.37
N LYS C 266 -3.91 -15.67 46.13
CA LYS C 266 -4.74 -14.56 46.56
C LYS C 266 -5.19 -13.72 45.37
N ALA C 267 -4.30 -13.52 44.39
CA ALA C 267 -4.66 -12.73 43.23
C ALA C 267 -5.80 -13.40 42.45
N TYR C 268 -5.66 -14.70 42.19
CA TYR C 268 -6.73 -15.42 41.50
C TYR C 268 -8.02 -15.39 42.31
N PHE C 269 -7.91 -15.56 43.63
CA PHE C 269 -9.10 -15.57 44.47
C PHE C 269 -9.84 -14.24 44.38
N LYS C 270 -9.10 -13.13 44.49
CA LYS C 270 -9.73 -11.81 44.43
C LYS C 270 -10.33 -11.55 43.05
N ARG C 271 -9.60 -11.94 41.99
CA ARG C 271 -10.11 -11.73 40.65
C ARG C 271 -11.39 -12.51 40.41
N GLY C 272 -11.43 -13.77 40.85
CA GLY C 272 -12.65 -14.55 40.73
C GLY C 272 -13.79 -14.00 41.55
N LYS C 273 -13.49 -13.50 42.75
CA LYS C 273 -14.53 -12.91 43.58
C LYS C 273 -15.13 -11.67 42.92
N ALA C 274 -14.28 -10.83 42.32
CA ALA C 274 -14.79 -9.67 41.59
C ALA C 274 -15.63 -10.10 40.39
N HIS C 275 -15.15 -11.10 39.64
CA HIS C 275 -15.91 -11.58 38.49
C HIS C 275 -17.28 -12.09 38.91
N ALA C 276 -17.35 -12.82 40.03
CA ALA C 276 -18.63 -13.26 40.54
C ALA C 276 -19.49 -12.07 40.95
N ALA C 277 -18.88 -11.07 41.59
CA ALA C 277 -19.64 -9.91 42.05
C ALA C 277 -20.26 -9.14 40.89
N VAL C 278 -19.63 -9.16 39.72
CA VAL C 278 -20.17 -8.43 38.57
C VAL C 278 -20.75 -9.42 37.55
N TRP C 279 -21.20 -10.57 38.02
CA TRP C 279 -21.96 -11.53 37.22
C TRP C 279 -21.13 -12.13 36.08
N ASN C 280 -19.81 -12.08 36.17
CA ASN C 280 -18.96 -12.72 35.17
C ASN C 280 -18.70 -14.17 35.58
N ALA C 281 -19.79 -14.94 35.56
CA ALA C 281 -19.74 -16.31 36.07
C ALA C 281 -18.75 -17.17 35.30
N GLN C 282 -18.75 -17.05 33.97
CA GLN C 282 -17.90 -17.91 33.15
C GLN C 282 -16.44 -17.80 33.56
N GLU C 283 -15.97 -16.58 33.83
CA GLU C 283 -14.57 -16.41 34.23
C GLU C 283 -14.38 -16.61 35.72
N ALA C 284 -15.37 -16.29 36.54
CA ALA C 284 -15.25 -16.51 37.98
C ALA C 284 -15.06 -17.98 38.29
N GLN C 285 -15.84 -18.85 37.65
CA GLN C 285 -15.67 -20.28 37.86
C GLN C 285 -14.30 -20.75 37.42
N ALA C 286 -13.81 -20.26 36.29
CA ALA C 286 -12.50 -20.67 35.81
C ALA C 286 -11.40 -20.24 36.78
N ASP C 287 -11.50 -19.03 37.31
CA ASP C 287 -10.48 -18.56 38.26
C ASP C 287 -10.56 -19.35 39.56
N PHE C 288 -11.76 -19.68 40.01
CA PHE C 288 -11.88 -20.51 41.21
C PHE C 288 -11.28 -21.90 40.98
N ALA C 289 -11.49 -22.46 39.79
CA ALA C 289 -10.90 -23.74 39.46
C ALA C 289 -9.37 -23.65 39.42
N LYS C 290 -8.85 -22.54 38.90
CA LYS C 290 -7.40 -22.34 38.93
C LYS C 290 -6.89 -22.27 40.36
N VAL C 291 -7.62 -21.59 41.25
CA VAL C 291 -7.24 -21.55 42.65
C VAL C 291 -7.22 -22.96 43.23
N LEU C 292 -8.26 -23.74 42.93
CA LEU C 292 -8.35 -25.10 43.46
C LEU C 292 -7.18 -25.95 42.97
N GLU C 293 -6.84 -25.86 41.68
CA GLU C 293 -5.73 -26.63 41.15
C GLU C 293 -4.39 -26.12 41.65
N LEU C 294 -4.33 -24.87 42.12
CA LEU C 294 -3.10 -24.31 42.64
C LEU C 294 -3.03 -24.32 44.16
N ASP C 295 -4.16 -24.29 44.83
CA ASP C 295 -4.23 -24.35 46.30
C ASP C 295 -5.32 -25.32 46.71
N PRO C 296 -5.08 -26.63 46.56
CA PRO C 296 -6.11 -27.61 46.93
C PRO C 296 -6.42 -27.67 48.42
N ALA C 297 -5.74 -26.89 49.25
CA ALA C 297 -5.92 -27.00 50.70
C ALA C 297 -7.35 -26.71 51.11
N LEU C 298 -7.89 -25.56 50.68
CA LEU C 298 -9.19 -25.08 51.15
C LEU C 298 -10.19 -25.21 50.01
N ALA C 299 -10.80 -26.38 49.89
CA ALA C 299 -11.88 -26.63 48.95
C ALA C 299 -13.20 -26.07 49.49
N PRO C 300 -13.46 -26.16 50.80
CA PRO C 300 -14.77 -25.68 51.30
C PRO C 300 -15.06 -24.23 50.96
N VAL C 301 -14.08 -23.34 51.03
CA VAL C 301 -14.35 -21.92 50.78
C VAL C 301 -14.69 -21.68 49.31
N VAL C 302 -13.89 -22.27 48.41
CA VAL C 302 -14.16 -22.09 46.98
C VAL C 302 -15.52 -22.69 46.62
N SER C 303 -15.84 -23.85 47.18
CA SER C 303 -17.13 -24.47 46.92
CA SER C 303 -17.13 -24.47 46.92
C SER C 303 -18.26 -23.60 47.46
N ARG C 304 -18.07 -22.99 48.62
CA ARG C 304 -19.08 -22.11 49.18
C ARG C 304 -19.32 -20.89 48.27
N GLU C 305 -18.23 -20.31 47.76
CA GLU C 305 -18.38 -19.19 46.83
C GLU C 305 -19.10 -19.63 45.56
N LEU C 306 -18.75 -20.81 45.04
CA LEU C 306 -19.44 -21.30 43.85
C LEU C 306 -20.92 -21.50 44.12
N GLN C 307 -21.26 -22.03 45.30
CA GLN C 307 -22.67 -22.25 45.64
C GLN C 307 -23.41 -20.93 45.75
N ALA C 308 -22.80 -19.92 46.37
CA ALA C 308 -23.46 -18.62 46.47
C ALA C 308 -23.68 -18.02 45.09
N LEU C 309 -22.68 -18.13 44.21
CA LEU C 309 -22.84 -17.62 42.85
C LEU C 309 -23.97 -18.34 42.13
N GLU C 310 -24.03 -19.66 42.26
CA GLU C 310 -25.09 -20.43 41.61
C GLU C 310 -26.47 -20.02 42.14
N ALA C 311 -26.58 -19.83 43.46
CA ALA C 311 -27.86 -19.44 44.03
C ALA C 311 -28.31 -18.08 43.50
N ARG C 312 -27.39 -17.12 43.45
CA ARG C 312 -27.75 -15.80 42.94
C ARG C 312 -28.16 -15.88 41.47
N ILE C 313 -27.41 -16.66 40.67
CA ILE C 313 -27.74 -16.78 39.25
C ILE C 313 -29.10 -17.42 39.08
N ARG C 314 -29.41 -18.45 39.87
CA ARG C 314 -30.71 -19.11 39.79
C ARG C 314 -31.82 -18.14 40.15
N GLN C 315 -31.64 -17.35 41.20
CA GLN C 315 -32.65 -16.38 41.58
C GLN C 315 -32.92 -15.41 40.43
N LYS C 316 -31.86 -14.85 39.85
CA LYS C 316 -32.05 -13.89 38.76
C LYS C 316 -32.70 -14.56 37.56
N ASP C 317 -32.35 -15.81 37.29
CA ASP C 317 -32.96 -16.53 36.18
C ASP C 317 -34.47 -16.68 36.40
N GLU C 318 -34.86 -17.01 37.63
CA GLU C 318 -36.29 -17.12 37.93
C GLU C 318 -36.99 -15.78 37.74
N GLU C 319 -36.37 -14.69 38.20
CA GLU C 319 -36.98 -13.38 38.02
C GLU C 319 -37.15 -13.05 36.55
N ASP C 320 -36.12 -13.33 35.73
CA ASP C 320 -36.21 -13.04 34.30
C ASP C 320 -37.29 -13.88 33.63
N LYS C 321 -37.38 -15.15 34.01
CA LYS C 321 -38.43 -16.02 33.48
C LYS C 321 -39.81 -15.44 33.79
N ALA C 322 -39.98 -14.93 35.01
CA ALA C 322 -41.23 -14.24 35.33
C ALA C 322 -41.42 -12.99 34.48
N ARG C 323 -40.32 -12.25 34.25
CA ARG C 323 -40.42 -10.99 33.54
C ARG C 323 -40.93 -11.16 32.12
N PHE C 324 -40.37 -12.10 31.36
CA PHE C 324 -40.81 -12.28 29.98
C PHE C 324 -42.18 -12.93 29.89
N ARG C 325 -42.28 -14.16 30.40
CA ARG C 325 -43.51 -14.97 30.46
C ARG C 325 -44.60 -14.72 29.42
N GLY C 326 -44.25 -14.81 28.14
CA GLY C 326 -45.22 -14.61 27.09
C GLY C 326 -45.32 -13.17 26.61
N ILE C 327 -44.35 -12.75 25.81
CA ILE C 327 -44.35 -11.41 25.25
C ILE C 327 -44.88 -11.43 23.82
N PHE C 328 -44.70 -12.56 23.14
CA PHE C 328 -45.15 -12.73 21.76
C PHE C 328 -46.66 -12.71 21.64
N SER C 329 -47.31 -13.74 22.17
CA SER C 329 -48.76 -13.85 22.11
C SER C 329 -49.40 -13.13 23.30
N PRO D 275 -21.00 -12.52 -21.76
CA PRO D 275 -21.88 -12.90 -20.65
C PRO D 275 -21.32 -12.46 -19.29
N LEU D 276 -21.93 -12.95 -18.21
CA LEU D 276 -21.46 -12.62 -16.88
C LEU D 276 -20.00 -13.03 -16.72
N GLN D 277 -19.29 -12.31 -15.83
CA GLN D 277 -17.88 -12.60 -15.60
C GLN D 277 -17.71 -13.42 -14.34
N PRO D 278 -16.69 -14.28 -14.28
CA PRO D 278 -16.42 -15.02 -13.06
C PRO D 278 -15.64 -14.17 -12.07
N PRO D 279 -15.52 -14.60 -10.83
CA PRO D 279 -14.73 -13.83 -9.87
C PRO D 279 -13.30 -13.62 -10.36
N SER D 280 -12.85 -12.37 -10.30
CA SER D 280 -11.48 -11.99 -10.62
C SER D 280 -10.92 -11.22 -9.44
N ILE D 281 -9.68 -10.74 -9.58
CA ILE D 281 -8.98 -10.11 -8.46
C ILE D 281 -8.66 -8.67 -8.81
N LEU D 282 -9.55 -8.00 -9.53
CA LEU D 282 -9.47 -6.56 -9.70
C LEU D 282 -9.35 -5.88 -8.34
N GLU D 283 -8.35 -5.01 -8.19
CA GLU D 283 -8.13 -4.31 -6.94
C GLU D 283 -7.66 -2.88 -7.23
N ILE D 284 -7.81 -2.02 -6.23
CA ILE D 284 -7.41 -0.63 -6.38
C ILE D 284 -5.94 -0.38 -6.06
N ARG D 285 -5.31 -1.26 -5.28
CA ARG D 285 -3.87 -1.20 -5.01
C ARG D 285 -3.49 0.14 -4.37
N THR D 286 -4.00 0.34 -3.16
CA THR D 286 -3.69 1.52 -2.38
C THR D 286 -2.26 1.45 -1.84
N LYS D 287 -1.49 2.55 -1.96
CA LYS D 287 -0.14 2.59 -1.40
C LYS D 287 -0.17 3.12 0.06
N ASN D 288 0.84 2.74 0.84
CA ASN D 288 1.04 3.13 2.22
C ASN D 288 2.51 3.48 2.43
N PHE D 289 2.78 4.15 3.55
CA PHE D 289 4.12 4.58 3.90
C PHE D 289 4.57 3.99 5.22
N ILE D 290 4.29 2.71 5.42
CA ILE D 290 4.72 1.99 6.61
C ILE D 290 6.08 1.35 6.32
N PHE D 291 7.02 1.52 7.24
CA PHE D 291 8.35 0.94 7.10
C PHE D 291 8.82 0.39 8.42
N ARG D 292 9.85 -0.46 8.36
CA ARG D 292 10.40 -1.13 9.53
C ARG D 292 11.81 -0.63 9.81
N THR D 293 12.20 -0.70 11.08
CA THR D 293 13.56 -0.36 11.49
C THR D 293 14.05 -1.40 12.48
N LYS D 294 15.37 -1.56 12.53
CA LYS D 294 16.02 -2.47 13.47
C LYS D 294 16.75 -1.64 14.52
N HIS D 295 16.52 -1.98 15.79
CA HIS D 295 17.07 -1.22 16.89
C HIS D 295 17.76 -2.15 17.89
N LYS D 296 18.73 -1.61 18.61
CA LYS D 296 19.37 -2.33 19.70
C LYS D 296 18.48 -2.25 20.94
N LEU D 297 18.94 -2.87 22.03
CA LEU D 297 18.14 -2.90 23.25
C LEU D 297 17.85 -1.50 23.78
N ASP D 298 18.78 -0.56 23.59
CA ASP D 298 18.59 0.82 23.99
C ASP D 298 17.97 1.67 22.88
N PHE D 299 17.32 1.05 21.90
CA PHE D 299 16.64 1.76 20.82
C PHE D 299 17.62 2.56 19.98
N THR D 300 18.82 2.03 19.79
CA THR D 300 19.78 2.64 18.88
C THR D 300 19.51 2.17 17.46
N PRO D 301 19.15 3.04 16.53
CA PRO D 301 18.84 2.59 15.17
C PRO D 301 20.06 2.00 14.48
N ILE D 302 19.98 0.71 14.16
CA ILE D 302 21.02 0.01 13.41
C ILE D 302 20.32 -0.69 12.24
N GLY D 303 20.21 -0.01 11.11
CA GLY D 303 19.53 -0.56 9.96
C GLY D 303 18.11 -0.04 9.83
N CYS D 304 17.79 0.54 8.67
CA CYS D 304 16.49 1.16 8.44
C CYS D 304 16.00 0.79 7.05
N ASP D 305 14.68 0.78 6.88
CA ASP D 305 14.09 0.56 5.58
C ASP D 305 14.33 1.77 4.68
N ALA D 306 14.19 1.55 3.38
CA ALA D 306 14.45 2.63 2.42
C ALA D 306 13.52 3.81 2.64
N LYS D 307 12.23 3.53 2.88
CA LYS D 307 11.28 4.62 3.11
C LYS D 307 11.63 5.39 4.37
N GLY D 308 12.21 4.74 5.37
CA GLY D 308 12.58 5.43 6.58
C GLY D 308 13.57 6.55 6.32
N ARG D 309 14.55 6.30 5.45
CA ARG D 309 15.52 7.32 5.10
C ARG D 309 14.82 8.58 4.60
N ILE D 310 13.86 8.40 3.69
CA ILE D 310 13.10 9.54 3.17
C ILE D 310 12.34 10.23 4.31
N VAL D 311 11.69 9.44 5.16
CA VAL D 311 10.87 10.02 6.22
C VAL D 311 11.74 10.79 7.21
N LEU D 312 12.81 10.16 7.69
CA LEU D 312 13.75 10.80 8.61
C LEU D 312 15.07 10.98 7.89
N GLY D 313 15.39 12.22 7.54
CA GLY D 313 16.59 12.50 6.77
C GLY D 313 17.83 11.99 7.46
N TYR D 314 18.40 10.91 6.94
CA TYR D 314 19.59 10.30 7.53
C TYR D 314 20.18 9.35 6.50
N THR D 315 21.40 8.92 6.77
CA THR D 315 22.08 7.89 5.99
C THR D 315 22.39 6.71 6.90
N GLU D 316 23.08 5.71 6.34
CA GLU D 316 23.36 4.49 7.09
C GLU D 316 24.24 4.78 8.29
N ALA D 317 25.28 5.60 8.12
CA ALA D 317 26.24 5.80 9.18
C ALA D 317 25.70 6.68 10.31
N GLU D 318 24.97 7.74 9.95
CA GLU D 318 24.50 8.70 10.95
C GLU D 318 23.59 8.03 11.98
N LEU D 319 22.68 7.18 11.52
CA LEU D 319 21.74 6.55 12.44
C LEU D 319 22.48 5.83 13.56
N CYS D 320 23.52 5.08 13.23
CA CYS D 320 24.31 4.41 14.25
C CYS D 320 25.10 5.42 15.08
N THR D 321 25.81 6.33 14.41
CA THR D 321 26.66 7.30 15.11
C THR D 321 25.94 8.61 15.36
N ARG D 322 24.73 8.55 15.90
CA ARG D 322 23.99 9.73 16.34
C ARG D 322 23.54 9.70 17.78
N GLY D 323 23.52 8.54 18.44
CA GLY D 323 23.08 8.49 19.82
C GLY D 323 22.52 7.14 20.22
N SER D 324 21.43 7.15 20.99
CA SER D 324 20.85 5.92 21.52
C SER D 324 19.33 5.92 21.44
N GLY D 325 18.76 6.57 20.43
CA GLY D 325 17.31 6.58 20.28
C GLY D 325 16.58 7.60 21.10
N TYR D 326 16.83 7.61 22.42
CA TYR D 326 16.20 8.59 23.29
C TYR D 326 16.61 10.02 22.92
N GLN D 327 17.70 10.18 22.18
CA GLN D 327 18.05 11.50 21.66
C GLN D 327 17.01 11.98 20.65
N PHE D 328 16.36 11.05 19.94
CA PHE D 328 15.39 11.42 18.92
C PHE D 328 14.06 11.85 19.51
N ILE D 329 13.68 11.30 20.67
CA ILE D 329 12.37 11.53 21.21
C ILE D 329 12.22 12.99 21.62
N HIS D 330 11.08 13.58 21.28
CA HIS D 330 10.77 14.93 21.70
C HIS D 330 10.61 14.99 23.22
N ALA D 331 11.00 16.12 23.80
CA ALA D 331 11.07 16.24 25.25
C ALA D 331 9.72 15.95 25.90
N ALA D 332 8.64 16.49 25.34
CA ALA D 332 7.32 16.28 25.90
C ALA D 332 6.92 14.81 25.87
N ASP D 333 7.40 14.06 24.87
CA ASP D 333 7.01 12.67 24.68
C ASP D 333 7.88 11.69 25.44
N MET D 334 8.89 12.16 26.17
CA MET D 334 9.88 11.25 26.75
C MET D 334 9.25 10.30 27.75
N LEU D 335 8.38 10.81 28.62
CA LEU D 335 7.74 9.97 29.63
C LEU D 335 6.84 8.92 28.98
N TYR D 336 6.06 9.34 27.98
CA TYR D 336 5.20 8.40 27.25
C TYR D 336 6.02 7.26 26.66
N CYS D 337 7.11 7.60 25.97
CA CYS D 337 7.95 6.59 25.34
C CYS D 337 8.61 5.69 26.39
N ALA D 338 9.02 6.26 27.52
CA ALA D 338 9.64 5.45 28.56
C ALA D 338 8.64 4.45 29.14
N GLU D 339 7.41 4.88 29.38
CA GLU D 339 6.37 3.96 29.84
C GLU D 339 6.14 2.84 28.82
N SER D 340 6.08 3.20 27.54
CA SER D 340 5.89 2.18 26.52
C SER D 340 7.08 1.20 26.48
N HIS D 341 8.29 1.72 26.67
CA HIS D 341 9.46 0.85 26.72
C HIS D 341 9.36 -0.12 27.89
N ILE D 342 8.95 0.36 29.05
CA ILE D 342 8.78 -0.51 30.21
C ILE D 342 7.78 -1.61 29.89
N ARG D 343 6.65 -1.23 29.29
CA ARG D 343 5.64 -2.23 28.94
C ARG D 343 6.17 -3.23 27.93
N MET D 344 6.95 -2.75 26.95
CA MET D 344 7.51 -3.63 25.94
C MET D 344 8.42 -4.67 26.56
N ILE D 345 9.29 -4.24 27.48
CA ILE D 345 10.17 -5.19 28.15
C ILE D 345 9.36 -6.17 28.98
N LYS D 346 8.33 -5.68 29.69
CA LYS D 346 7.54 -6.57 30.53
C LYS D 346 6.82 -7.63 29.70
N THR D 347 6.25 -7.25 28.55
CA THR D 347 5.42 -8.15 27.76
C THR D 347 5.99 -8.47 26.39
N GLY D 348 7.11 -7.87 26.00
CA GLY D 348 7.75 -8.19 24.75
C GLY D 348 7.35 -7.34 23.56
N GLU D 349 6.35 -6.48 23.71
CA GLU D 349 5.95 -5.60 22.61
C GLU D 349 5.00 -4.55 23.14
N SER D 350 5.20 -3.30 22.69
CA SER D 350 4.38 -2.17 23.09
C SER D 350 3.31 -1.90 22.04
N GLY D 351 2.10 -1.65 22.49
CA GLY D 351 1.02 -1.30 21.58
C GLY D 351 1.33 -0.05 20.79
N MET D 352 0.40 0.35 19.92
CA MET D 352 0.62 1.54 19.11
C MET D 352 0.76 2.76 19.99
N ILE D 353 1.72 3.62 19.66
CA ILE D 353 1.98 4.86 20.37
C ILE D 353 2.31 5.94 19.36
N VAL D 354 1.82 7.15 19.60
CA VAL D 354 2.04 8.29 18.71
C VAL D 354 2.87 9.32 19.46
N PHE D 355 4.00 9.70 18.86
CA PHE D 355 4.90 10.68 19.48
C PHE D 355 5.71 11.33 18.37
N ARG D 356 6.65 12.18 18.76
CA ARG D 356 7.44 12.97 17.83
C ARG D 356 8.86 12.42 17.74
N LEU D 357 9.48 12.60 16.57
CA LEU D 357 10.82 12.12 16.29
C LEU D 357 11.67 13.27 15.77
N LEU D 358 12.97 13.19 16.02
CA LEU D 358 13.91 14.24 15.66
C LEU D 358 14.58 13.88 14.35
N THR D 359 14.44 14.76 13.36
CA THR D 359 15.05 14.58 12.05
C THR D 359 16.44 15.22 12.03
N LYS D 360 17.18 14.96 10.95
CA LYS D 360 18.49 15.60 10.78
C LYS D 360 18.35 17.11 10.69
N ASN D 361 17.32 17.59 10.00
CA ASN D 361 17.08 19.03 9.89
C ASN D 361 16.51 19.63 11.16
N ASN D 362 16.48 18.89 12.26
CA ASN D 362 15.97 19.33 13.56
C ASN D 362 14.45 19.41 13.59
N ARG D 363 13.76 19.12 12.49
CA ARG D 363 12.31 19.17 12.48
C ARG D 363 11.74 18.07 13.36
N TRP D 364 10.42 18.04 13.46
CA TRP D 364 9.71 17.01 14.20
C TRP D 364 8.60 16.45 13.33
N THR D 365 8.48 15.13 13.32
CA THR D 365 7.43 14.44 12.60
C THR D 365 6.76 13.44 13.53
N TRP D 366 5.42 13.48 13.58
CA TRP D 366 4.68 12.50 14.35
C TRP D 366 4.76 11.13 13.66
N VAL D 367 4.87 10.09 14.47
CA VAL D 367 4.92 8.72 13.95
C VAL D 367 4.07 7.83 14.85
N GLN D 368 3.43 6.84 14.24
CA GLN D 368 2.68 5.82 14.96
C GLN D 368 3.49 4.53 14.89
N SER D 369 4.08 4.12 16.01
CA SER D 369 5.04 3.05 16.04
C SER D 369 4.58 1.93 16.95
N ASN D 370 5.06 0.72 16.67
CA ASN D 370 4.75 -0.47 17.46
C ASN D 370 6.01 -1.33 17.49
N ALA D 371 6.69 -1.36 18.63
CA ALA D 371 7.97 -2.05 18.76
C ALA D 371 7.77 -3.45 19.31
N ARG D 372 8.63 -4.36 18.87
CA ARG D 372 8.56 -5.77 19.24
C ARG D 372 9.93 -6.26 19.66
N LEU D 373 9.97 -7.07 20.72
CA LEU D 373 11.20 -7.62 21.26
C LEU D 373 11.41 -9.03 20.71
N LEU D 374 12.60 -9.28 20.18
CA LEU D 374 12.98 -10.59 19.66
C LEU D 374 13.89 -11.30 20.63
N TYR D 375 13.70 -12.61 20.79
CA TYR D 375 14.51 -13.42 21.69
C TYR D 375 15.34 -14.40 20.88
N LYS D 376 16.66 -14.38 21.12
CA LYS D 376 17.54 -15.34 20.46
C LYS D 376 17.56 -16.66 21.23
N ASN D 377 17.87 -16.61 22.53
CA ASN D 377 17.85 -17.81 23.38
C ASN D 377 17.44 -17.35 24.78
N GLY D 378 16.14 -17.39 25.05
CA GLY D 378 15.61 -17.03 26.35
C GLY D 378 16.02 -15.64 26.83
N ARG D 379 16.59 -14.83 25.94
CA ARG D 379 17.06 -13.50 26.28
C ARG D 379 16.78 -12.56 25.11
N PRO D 380 16.58 -11.27 25.38
CA PRO D 380 16.36 -10.33 24.28
C PRO D 380 17.59 -10.21 23.40
N ASP D 381 17.35 -10.03 22.10
CA ASP D 381 18.41 -9.87 21.12
C ASP D 381 18.40 -8.47 20.51
N TYR D 382 17.28 -8.05 19.94
CA TYR D 382 17.15 -6.71 19.38
C TYR D 382 15.66 -6.39 19.28
N ILE D 383 15.36 -5.23 18.69
CA ILE D 383 14.01 -4.72 18.60
C ILE D 383 13.70 -4.39 17.14
N ILE D 384 12.54 -4.80 16.66
CA ILE D 384 12.04 -4.44 15.34
C ILE D 384 10.84 -3.52 15.54
N VAL D 385 10.86 -2.37 14.89
CA VAL D 385 9.83 -1.35 15.02
C VAL D 385 9.15 -1.18 13.67
N THR D 386 7.83 -1.25 13.67
CA THR D 386 7.00 -0.94 12.50
C THR D 386 6.24 0.34 12.80
N GLN D 387 6.39 1.34 11.93
CA GLN D 387 5.87 2.67 12.20
C GLN D 387 5.29 3.27 10.93
N ARG D 388 4.46 4.30 11.12
CA ARG D 388 3.81 5.01 10.03
C ARG D 388 3.93 6.51 10.28
N PRO D 389 4.43 7.29 9.32
CA PRO D 389 4.45 8.75 9.51
C PRO D 389 3.05 9.32 9.56
N LEU D 390 2.88 10.36 10.37
CA LEU D 390 1.59 11.04 10.52
C LEU D 390 1.74 12.50 10.12
N THR D 391 0.61 13.17 9.98
CA THR D 391 0.58 14.60 9.75
C THR D 391 0.43 15.34 11.08
N ASP D 392 0.70 16.64 11.05
CA ASP D 392 0.63 17.42 12.28
C ASP D 392 -0.78 17.45 12.84
N GLU D 393 -1.80 17.36 11.99
CA GLU D 393 -3.18 17.40 12.48
C GLU D 393 -3.51 16.13 13.23
N GLU D 394 -3.21 14.97 12.63
CA GLU D 394 -3.47 13.70 13.29
C GLU D 394 -2.62 13.56 14.54
N GLY D 395 -1.37 14.01 14.49
CA GLY D 395 -0.52 13.95 15.66
C GLY D 395 -1.05 14.79 16.80
N THR D 396 -1.48 16.03 16.50
CA THR D 396 -2.06 16.87 17.54
C THR D 396 -3.34 16.25 18.10
N GLU D 397 -4.16 15.68 17.24
CA GLU D 397 -5.38 15.01 17.71
C GLU D 397 -5.04 13.88 18.67
N HIS D 398 -4.07 13.05 18.32
CA HIS D 398 -3.67 11.96 19.20
C HIS D 398 -3.11 12.49 20.50
N LEU D 399 -2.31 13.55 20.45
CA LEU D 399 -1.73 14.12 21.65
C LEU D 399 -2.81 14.64 22.60
N ARG D 400 -3.82 15.32 22.05
CA ARG D 400 -4.84 15.93 22.88
C ARG D 400 -5.53 14.89 23.76
N LYS D 401 -5.84 13.75 23.17
CA LYS D 401 -6.52 12.64 23.82
C LYS D 401 -5.60 11.79 24.69
N ARG D 402 -4.30 12.01 24.61
CA ARG D 402 -3.35 11.21 25.37
C ARG D 402 -3.65 11.33 26.85
N ASN D 403 -3.59 10.20 27.57
CA ASN D 403 -3.87 10.21 28.99
C ASN D 403 -2.91 11.12 29.72
N THR D 404 -3.46 11.98 30.58
CA THR D 404 -2.63 12.99 31.24
C THR D 404 -1.84 12.41 32.41
N LYS D 405 -2.22 11.24 32.89
CA LYS D 405 -1.60 10.69 34.08
C LYS D 405 -1.70 9.17 34.08
N LEU D 406 -0.90 8.53 34.96
CA LEU D 406 -0.92 7.10 35.18
C LEU D 406 -1.46 6.79 36.56
N PRO D 407 -2.05 5.59 36.76
CA PRO D 407 -2.87 5.37 37.96
C PRO D 407 -2.18 5.70 39.27
N PHE D 408 -1.05 5.08 39.55
CA PHE D 408 -0.37 5.23 40.83
C PHE D 408 0.59 6.43 40.79
N MET D 409 0.06 7.57 40.37
CA MET D 409 0.84 8.80 40.39
C MET D 409 1.02 9.26 41.84
N PHE D 410 1.78 10.32 42.03
CA PHE D 410 2.12 10.76 43.37
C PHE D 410 1.06 11.64 44.00
N THR D 411 -0.19 11.55 43.51
CA THR D 411 -1.29 12.36 44.03
C THR D 411 -1.04 13.83 43.75
N THR D 412 -2.05 14.67 43.96
CA THR D 412 -1.90 16.10 43.74
C THR D 412 -1.09 16.71 44.87
N GLY D 413 0.20 16.40 44.91
CA GLY D 413 1.09 16.92 45.93
C GLY D 413 1.84 18.15 45.46
N GLU D 414 1.31 18.81 44.43
CA GLU D 414 1.97 19.98 43.84
C GLU D 414 3.41 19.65 43.47
N ALA D 415 3.64 18.42 42.99
CA ALA D 415 4.98 18.02 42.60
C ALA D 415 5.49 18.85 41.44
N VAL D 416 4.65 19.07 40.42
CA VAL D 416 5.04 19.90 39.29
C VAL D 416 5.13 21.38 39.66
N LEU D 417 4.62 21.76 40.82
CA LEU D 417 4.78 23.12 41.30
C LEU D 417 6.04 23.27 42.12
N TYR D 418 6.15 22.50 43.21
CA TYR D 418 7.25 22.71 44.15
C TYR D 418 8.58 22.22 43.58
N GLU D 419 8.67 20.93 43.27
CA GLU D 419 9.91 20.36 42.77
C GLU D 419 9.96 20.36 41.24
N ALA D 420 8.98 19.72 40.60
CA ALA D 420 8.91 19.67 39.14
C ALA D 420 10.19 19.12 38.52
N THR D 421 11.02 18.46 39.31
CA THR D 421 12.31 17.94 38.84
C THR D 421 12.43 16.48 39.27
N ASN D 422 12.30 15.58 38.31
CA ASN D 422 12.46 14.16 38.54
C ASN D 422 13.65 13.63 37.74
N PRO D 423 14.37 12.63 38.25
CA PRO D 423 15.55 12.13 37.53
C PRO D 423 15.21 11.24 36.35
N PHE D 424 13.92 11.14 36.02
CA PHE D 424 13.46 10.36 34.88
C PHE D 424 13.76 8.87 35.09
N PRO D 425 13.12 7.98 34.34
CA PRO D 425 13.35 6.55 34.54
C PRO D 425 14.79 6.15 34.21
N ALA D 426 15.25 5.08 34.85
CA ALA D 426 16.58 4.56 34.59
C ALA D 426 16.72 3.93 33.21
N ILE D 427 15.61 3.75 32.49
CA ILE D 427 15.70 3.26 31.11
C ILE D 427 16.51 4.24 30.27
N MET D 428 16.23 5.54 30.43
CA MET D 428 16.85 6.55 29.60
C MET D 428 18.33 6.74 29.90
N ASP D 429 18.77 6.42 31.10
CA ASP D 429 20.18 6.59 31.44
C ASP D 429 21.03 5.76 30.47
N PRO D 430 22.03 6.36 29.82
CA PRO D 430 22.75 5.64 28.76
C PRO D 430 23.23 4.28 29.22
N LEU D 431 22.91 3.26 28.43
CA LEU D 431 23.35 1.89 28.70
C LEU D 431 22.82 1.39 30.05
PB ADP E . 32.91 -2.96 -30.22
O1B ADP E . 33.05 -2.71 -28.75
O2B ADP E . 31.71 -3.78 -30.62
O3B ADP E . 34.19 -3.37 -30.88
PA ADP E . 33.51 -0.25 -30.52
O1A ADP E . 34.10 -0.41 -29.15
O2A ADP E . 32.79 1.02 -30.85
O3A ADP E . 32.58 -1.52 -30.83
O5' ADP E . 34.69 -0.47 -31.58
C5' ADP E . 35.83 0.37 -31.52
C4' ADP E . 37.10 -0.46 -31.55
O4' ADP E . 38.17 0.29 -30.97
C3' ADP E . 36.98 -1.74 -30.76
O3' ADP E . 36.91 -2.88 -31.61
C2' ADP E . 38.22 -1.82 -29.89
O2' ADP E . 39.11 -2.85 -30.34
C1' ADP E . 38.90 -0.47 -30.01
N9 ADP E . 38.85 0.21 -28.70
C8 ADP E . 37.86 1.01 -28.27
N7 ADP E . 38.13 1.47 -27.02
C5 ADP E . 39.30 0.95 -26.64
C6 ADP E . 40.16 1.04 -25.44
N6 ADP E . 39.77 1.79 -24.40
N1 ADP E . 41.31 0.35 -25.45
C2 ADP E . 41.69 -0.40 -26.49
N3 ADP E . 40.96 -0.52 -27.61
C4 ADP E . 39.78 0.12 -27.75
H5'1 ADP E . 35.80 0.97 -30.60
H5'2 ADP E . 35.82 1.06 -32.37
H4' ADP E . 37.33 -0.71 -32.60
H3' ADP E . 36.09 -1.70 -30.11
HO3' ADP E . 36.66 -3.66 -31.10
H2' ADP E . 37.93 -1.99 -28.84
HO2' ADP E . 38.71 -3.72 -30.17
H1' ADP E . 39.94 -0.62 -30.34
H8 ADP E . 36.98 1.26 -28.83
HN61 ADP E . 40.36 1.85 -23.57
HN62 ADP E . 38.90 2.30 -24.42
H2 ADP E . 42.64 -0.93 -26.43
MG MG F . 32.19 -1.17 -27.10
MO MOO G . 29.32 -2.31 -29.40
O1 MOO G . 27.73 -1.68 -28.67
O2 MOO G . 29.65 -1.42 -31.00
O3 MOO G . 29.16 -4.12 -29.74
O4 MOO G . 30.70 -1.99 -28.21
PB ADP H . 13.93 5.79 -47.45
O1B ADP H . 14.13 6.66 -46.25
O2B ADP H . 14.50 6.35 -48.72
O3B ADP H . 12.54 5.22 -47.59
PA ADP H . 14.81 3.26 -48.19
O1A ADP H . 15.71 2.17 -47.70
O2A ADP H . 13.39 2.98 -48.56
O3A ADP H . 14.84 4.50 -47.17
O5' ADP H . 15.53 3.94 -49.47
C5' ADP H . 15.53 3.27 -50.72
C4' ADP H . 15.53 4.29 -51.84
O4' ADP H . 15.11 3.67 -53.04
C3' ADP H . 14.57 5.44 -51.57
O3' ADP H . 15.28 6.64 -51.29
C2' ADP H . 13.73 5.59 -52.80
O2' ADP H . 14.01 6.82 -53.46
C1' ADP H . 14.09 4.42 -53.69
N9 ADP H . 12.88 3.58 -53.88
C8 ADP H . 12.58 2.49 -53.14
N7 ADP H . 11.42 1.94 -53.56
C5 ADP H . 10.96 2.68 -54.58
C6 ADP H . 9.79 2.66 -55.47
N6 ADP H . 8.85 1.70 -55.35
N1 ADP H . 9.70 3.62 -56.41
C2 ADP H . 10.62 4.59 -56.55
N3 ADP H . 11.71 4.66 -55.77
C4 ADP H . 11.93 3.76 -54.79
H5'1 ADP H . 14.66 2.63 -50.80
H5'2 ADP H . 16.42 2.64 -50.79
H4' ADP H . 16.55 4.70 -51.95
H3' ADP H . 13.92 5.17 -50.72
HO3' ADP H . 14.67 7.29 -50.94
H2' ADP H . 12.67 5.53 -52.53
HO2' ADP H . 13.67 7.56 -52.93
H1' ADP H . 14.44 4.79 -54.66
H8 ADP H . 13.18 2.10 -52.33
HN61 ADP H . 8.06 1.69 -55.96
HN62 ADP H . 8.94 0.99 -54.64
H2 ADP H . 10.49 5.33 -57.32
MG MG I . 11.60 3.40 -47.15
MO MOO J . 13.42 4.37 -44.05
O1 MOO J . 12.79 3.60 -42.48
O2 MOO J . 12.17 4.08 -45.40
O3 MOO J . 15.04 3.58 -44.50
O4 MOO J . 13.68 6.18 -43.78
N1 JY6 K . 11.30 4.75 15.90
C7 JY6 K . 11.45 4.68 19.54
C8 JY6 K . 12.23 5.07 20.60
C9 JY6 K . 11.62 4.65 21.82
O1 JY6 K . 9.62 3.93 17.21
C1 JY6 K . 14.65 6.33 15.61
C5 JY6 K . 13.98 5.97 17.90
C6 JY6 K . 11.61 4.84 18.13
C4 JY6 K . 12.78 5.41 17.47
C3 JY6 K . 12.54 5.33 16.09
C2 JY6 K . 13.46 5.79 15.15
N JY6 K . 10.36 4.01 20.05
C JY6 K . 14.91 6.41 16.97
O JY6 K . 13.30 5.73 20.55
C10 JY6 K . 11.92 4.73 23.18
C11 JY6 K . 11.07 4.16 24.11
C12 JY6 K . 9.92 3.51 23.71
C13 JY6 K . 9.59 3.42 22.37
C14 JY6 K . 10.44 3.98 21.44
C15 JY6 K . 10.75 4.46 17.13
H9 JY6 K . 10.87 4.56 15.00
H1 JY6 K . 15.38 6.70 14.89
H3 JY6 K . 14.24 6.06 18.95
H2 JY6 K . 13.25 5.72 14.09
H8 JY6 K . 9.60 3.61 19.52
H JY6 K . 15.85 6.85 17.31
H4 JY6 K . 12.83 5.26 23.49
H5 JY6 K . 11.32 4.24 25.17
H6 JY6 K . 9.26 3.07 24.46
H7 JY6 K . 8.68 2.90 22.05
#